data_6HZE
#
_entry.id   6HZE
#
_cell.length_a   69.498
_cell.length_b   107.376
_cell.length_c   139.211
_cell.angle_alpha   90.00
_cell.angle_beta   98.68
_cell.angle_gamma   90.00
#
_symmetry.space_group_name_H-M   'P 1 21 1'
#
loop_
_entity.id
_entity.type
_entity.pdbx_description
1 polymer BPa0997
2 non-polymer 'beta-D-galactopyranuronic acid'
3 non-polymer 'SODIUM ION'
#
_entity_poly.entity_id   1
_entity_poly.type   'polypeptide(L)'
_entity_poly.pdbx_seq_one_letter_code
;MRRYNTGLFLLSMVMLAGCGKPEVNVVMTGDMTTRLAFAGEQLKQALVEKGYEVNQTTDEKEIGGGKRSIYLNLLNDTTK
KNKERFDISTKGKNTYVTGYDGNGIIYGCRELIDQLDQSGTMDFKPVSDAPEMVLRGACIGLQKTTYLPGHAVYEYPYTP
ESFPWFYDKERWIKYLDMMVENRMNSLYLWNGHPFASLVKLKDYPFALEVDEETFKKNEEMFSFLTTEAEKRGIFVIQMF
YNIIVSKPFADHYGIKTQDRNRPITPLISDYTRKSVAAFIEKYPNVGLLVCLGEAIGTYEEDVEWFTKTIIPGIKDGLKV
LGRTDEPPVLVRAHDTDCKMVIDAALPLYKNLYTMHKYNGSSLTTYEPRGPWAKIHKDLSSLGSVHISNVHILANLEPWR
WSSPDFIQKSVKAMHSVHGANALHIYPQANYWDWPYTADKLANGEREEQVYRDWAWYKAWGRYAWKADRNRLEEIKYWDK
QFGDFYGIPAEMADNIRIAYEESGEIAPKLLRRFGITEGNRQTLLLGMFMSQFVNPYKYTIHYGFYESCGPGGEKLIEYV
EKEWKKQPHVGELPLDIINQVIEHGDKAVAAIDKVVSSAKKNSDELRRLQNDMHCYREYAYAFYYKVKAAQHVLNYHWGK
NMDELDKAVPLMEESLKHYTKLVDLTKDTYLFANSMQTAQRRIPIGGDDGNNKTWSEMLVHYKAELYNFKENIEMLKDKK
VRKCVEVTPLKEADVKILNNLTKVKIEKGAKIFSNIDGGIDAIAKEITGLTGFVFNGEKQRDDATTIEFECSSPVTMLVA
YFKDDHRKFAKAPRLESDASANDYGQAEPVLTNALHVKGVALADIYPYKFKAGRHTLILPKGYCGVLGFTEDKIKERDVA
LEGGADAPDWLFY
;
_entity_poly.pdbx_strand_id   A,B
#
# COMPACT_ATOMS: atom_id res chain seq x y z
N GLU A 23 4.06 -25.96 -45.75
CA GLU A 23 2.69 -25.54 -46.20
C GLU A 23 2.21 -24.32 -45.39
N VAL A 24 2.38 -24.28 -44.05
CA VAL A 24 2.10 -23.06 -43.22
C VAL A 24 3.08 -22.98 -42.04
N ASN A 25 4.02 -22.02 -42.07
CA ASN A 25 4.94 -21.67 -40.94
C ASN A 25 4.18 -20.91 -39.84
N VAL A 26 4.53 -21.17 -38.58
CA VAL A 26 4.01 -20.41 -37.42
C VAL A 26 5.19 -20.04 -36.54
N VAL A 27 5.60 -18.76 -36.63
CA VAL A 27 6.81 -18.22 -35.97
C VAL A 27 6.36 -17.51 -34.70
N MET A 28 7.03 -17.76 -33.58
CA MET A 28 6.74 -17.10 -32.28
C MET A 28 7.96 -16.24 -31.91
N THR A 29 7.70 -14.96 -31.63
CA THR A 29 8.70 -13.86 -31.52
C THR A 29 8.69 -13.24 -30.12
N GLY A 30 9.87 -13.22 -29.48
CA GLY A 30 10.13 -12.54 -28.20
C GLY A 30 9.99 -13.48 -27.02
N ASP A 31 10.30 -12.97 -25.82
CA ASP A 31 10.05 -13.57 -24.49
C ASP A 31 8.93 -14.61 -24.59
N MET A 32 9.14 -15.84 -24.09
CA MET A 32 8.16 -16.96 -24.25
C MET A 32 6.87 -16.64 -23.48
N THR A 33 6.76 -16.90 -22.17
CA THR A 33 5.47 -16.84 -21.41
C THR A 33 4.48 -17.92 -21.85
N THR A 34 3.73 -18.44 -20.88
CA THR A 34 2.79 -19.60 -21.02
C THR A 34 1.69 -19.26 -22.05
N ARG A 35 1.24 -18.01 -22.06
CA ARG A 35 0.11 -17.53 -22.91
C ARG A 35 0.54 -17.44 -24.38
N LEU A 36 1.76 -17.00 -24.67
CA LEU A 36 2.29 -17.03 -26.07
C LEU A 36 2.34 -18.49 -26.56
N ALA A 37 2.89 -19.40 -25.75
CA ALA A 37 2.95 -20.84 -26.03
C ALA A 37 1.53 -21.33 -26.34
N PHE A 38 0.55 -21.02 -25.48
CA PHE A 38 -0.83 -21.54 -25.63
C PHE A 38 -1.41 -21.08 -26.95
N ALA A 39 -1.24 -19.79 -27.28
CA ALA A 39 -1.72 -19.14 -28.53
C ALA A 39 -1.19 -19.93 -29.72
N GLY A 40 0.10 -20.23 -29.71
CA GLY A 40 0.78 -21.10 -30.69
C GLY A 40 0.21 -22.51 -30.75
N GLU A 41 0.03 -23.15 -29.58
CA GLU A 41 -0.54 -24.53 -29.41
C GLU A 41 -1.92 -24.56 -30.09
N GLN A 42 -2.74 -23.52 -29.91
CA GLN A 42 -4.14 -23.50 -30.43
C GLN A 42 -4.13 -23.22 -31.93
N LEU A 43 -3.25 -22.33 -32.40
CA LEU A 43 -3.17 -21.96 -33.85
C LEU A 43 -2.74 -23.20 -34.64
N LYS A 44 -1.76 -23.95 -34.12
CA LYS A 44 -1.31 -25.24 -34.70
C LYS A 44 -2.50 -26.20 -34.83
N GLN A 45 -3.21 -26.45 -33.73
CA GLN A 45 -4.28 -27.47 -33.65
C GLN A 45 -5.20 -27.23 -34.86
N ALA A 46 -5.86 -26.07 -34.94
CA ALA A 46 -6.86 -25.73 -35.97
C ALA A 46 -6.28 -25.81 -37.39
N LEU A 47 -5.00 -25.45 -37.58
CA LEU A 47 -4.36 -25.52 -38.91
C LEU A 47 -4.32 -26.99 -39.35
N VAL A 48 -3.63 -27.87 -38.62
CA VAL A 48 -3.59 -29.35 -38.89
C VAL A 48 -5.04 -29.87 -38.95
N GLU A 49 -5.89 -29.55 -37.98
CA GLU A 49 -7.28 -30.10 -37.91
C GLU A 49 -8.02 -29.87 -39.24
N LYS A 50 -7.49 -29.02 -40.12
CA LYS A 50 -8.03 -28.69 -41.48
C LYS A 50 -6.94 -28.87 -42.55
N GLY A 51 -6.55 -30.10 -42.88
CA GLY A 51 -5.37 -30.31 -43.76
C GLY A 51 -4.19 -29.53 -43.20
N TYR A 52 -3.35 -28.91 -44.05
CA TYR A 52 -2.25 -27.96 -43.67
C TYR A 52 -1.22 -28.62 -42.76
N GLU A 53 0.02 -28.69 -43.24
CA GLU A 53 1.22 -29.09 -42.46
C GLU A 53 1.94 -27.83 -41.92
N VAL A 54 2.71 -27.97 -40.83
CA VAL A 54 3.18 -26.82 -39.98
C VAL A 54 4.66 -26.95 -39.60
N ASN A 55 5.36 -25.82 -39.39
CA ASN A 55 6.69 -25.72 -38.71
C ASN A 55 6.61 -24.62 -37.62
N GLN A 56 6.87 -24.98 -36.35
CA GLN A 56 6.97 -24.06 -35.18
C GLN A 56 8.42 -23.56 -35.02
N THR A 57 8.65 -22.28 -34.64
CA THR A 57 10.02 -21.69 -34.51
C THR A 57 10.05 -20.38 -33.67
N THR A 58 11.26 -19.76 -33.58
CA THR A 58 11.57 -18.42 -32.96
C THR A 58 12.61 -17.63 -33.77
N LYS A 67 7.28 -18.99 -48.69
CA LYS A 67 6.02 -19.73 -48.46
C LYS A 67 5.14 -18.97 -47.44
N ARG A 68 4.03 -19.58 -47.00
CA ARG A 68 2.98 -18.90 -46.19
C ARG A 68 3.33 -18.97 -44.70
N SER A 69 3.56 -17.81 -44.07
CA SER A 69 3.95 -17.70 -42.64
C SER A 69 2.93 -16.89 -41.82
N ILE A 70 2.75 -17.25 -40.55
CA ILE A 70 2.01 -16.46 -39.54
C ILE A 70 3.00 -16.13 -38.43
N TYR A 71 3.32 -14.85 -38.23
CA TYR A 71 4.18 -14.36 -37.12
C TYR A 71 3.28 -14.01 -35.92
N LEU A 72 3.43 -14.74 -34.81
CA LEU A 72 2.91 -14.34 -33.48
C LEU A 72 3.95 -13.46 -32.80
N ASN A 73 3.71 -12.15 -32.73
CA ASN A 73 4.54 -11.20 -31.97
C ASN A 73 3.81 -10.82 -30.68
N LEU A 74 4.55 -10.71 -29.58
CA LEU A 74 4.01 -10.30 -28.25
C LEU A 74 4.88 -9.17 -27.68
N LEU A 75 4.28 -8.03 -27.31
CA LEU A 75 5.01 -6.90 -26.67
C LEU A 75 4.90 -6.98 -25.14
N ASN A 76 5.77 -6.19 -24.48
CA ASN A 76 5.56 -5.62 -23.13
C ASN A 76 4.96 -4.22 -23.30
N ASP A 77 3.66 -4.04 -23.02
CA ASP A 77 2.97 -2.71 -23.08
C ASP A 77 2.11 -2.53 -21.82
N THR A 78 2.53 -1.56 -20.99
CA THR A 78 1.98 -1.32 -19.63
C THR A 78 0.62 -0.63 -19.76
N THR A 79 0.45 0.22 -20.78
CA THR A 79 -0.67 1.22 -20.84
C THR A 79 -1.97 0.42 -20.61
N LYS A 80 -2.65 0.69 -19.49
CA LYS A 80 -3.94 0.06 -19.07
C LYS A 80 -4.96 0.16 -20.22
N LYS A 81 -4.60 0.88 -21.30
CA LYS A 81 -5.48 1.21 -22.45
C LYS A 81 -5.47 0.09 -23.51
N ASN A 82 -4.30 -0.52 -23.76
CA ASN A 82 -4.14 -1.57 -24.80
C ASN A 82 -4.20 -2.96 -24.17
N LYS A 83 -4.76 -3.14 -22.96
CA LYS A 83 -4.88 -4.49 -22.36
C LYS A 83 -5.74 -5.37 -23.29
N GLU A 84 -5.28 -6.60 -23.55
CA GLU A 84 -6.06 -7.65 -24.24
C GLU A 84 -6.28 -7.27 -25.70
N ARG A 85 -5.44 -6.39 -26.24
CA ARG A 85 -5.59 -5.85 -27.61
C ARG A 85 -4.64 -6.61 -28.54
N PHE A 86 -5.06 -6.82 -29.79
CA PHE A 86 -4.25 -7.39 -30.89
C PHE A 86 -4.54 -6.64 -32.20
N ASP A 87 -3.51 -6.53 -33.05
CA ASP A 87 -3.61 -6.14 -34.48
C ASP A 87 -3.28 -7.37 -35.34
N ILE A 88 -4.05 -7.58 -36.40
CA ILE A 88 -3.71 -8.54 -37.49
C ILE A 88 -3.63 -7.75 -38.79
N SER A 89 -2.43 -7.68 -39.38
CA SER A 89 -2.22 -7.24 -40.78
C SER A 89 -1.67 -8.42 -41.59
N THR A 90 -1.68 -8.25 -42.92
CA THR A 90 -1.23 -9.28 -43.89
C THR A 90 -0.42 -8.53 -44.94
N LYS A 91 0.62 -9.14 -45.47
CA LYS A 91 1.56 -8.46 -46.40
C LYS A 91 2.24 -9.54 -47.27
N GLY A 92 1.75 -9.68 -48.51
CA GLY A 92 2.05 -10.82 -49.38
C GLY A 92 1.71 -12.13 -48.69
N LYS A 93 2.73 -12.99 -48.50
CA LYS A 93 2.59 -14.37 -47.99
C LYS A 93 2.65 -14.42 -46.44
N ASN A 94 2.68 -13.27 -45.75
CA ASN A 94 3.04 -13.22 -44.31
C ASN A 94 1.93 -12.54 -43.51
N THR A 95 1.29 -13.26 -42.60
CA THR A 95 0.28 -12.70 -41.66
C THR A 95 1.00 -12.41 -40.35
N TYR A 96 0.81 -11.21 -39.80
CA TYR A 96 1.36 -10.78 -38.48
C TYR A 96 0.21 -10.56 -37.49
N VAL A 97 0.33 -11.17 -36.32
CA VAL A 97 -0.55 -10.90 -35.14
C VAL A 97 0.32 -10.22 -34.07
N THR A 98 -0.01 -8.96 -33.74
CA THR A 98 0.62 -8.20 -32.63
C THR A 98 -0.32 -8.36 -31.43
N GLY A 99 0.18 -8.93 -30.34
CA GLY A 99 -0.50 -8.97 -29.03
C GLY A 99 0.13 -7.96 -28.11
N TYR A 100 -0.66 -7.01 -27.61
CA TYR A 100 -0.13 -5.92 -26.75
C TYR A 100 0.23 -6.52 -25.40
N ASP A 101 -0.37 -7.66 -25.05
CA ASP A 101 0.00 -8.49 -23.86
C ASP A 101 -0.46 -9.95 -24.06
N GLY A 102 -0.25 -10.78 -23.04
CA GLY A 102 -0.48 -12.24 -23.10
C GLY A 102 -1.88 -12.63 -23.54
N ASN A 103 -2.91 -12.03 -22.93
CA ASN A 103 -4.32 -12.24 -23.35
C ASN A 103 -4.46 -11.75 -24.79
N GLY A 104 -3.84 -10.63 -25.15
CA GLY A 104 -3.92 -10.09 -26.51
C GLY A 104 -3.48 -11.08 -27.58
N ILE A 105 -2.30 -11.67 -27.42
CA ILE A 105 -1.82 -12.66 -28.43
C ILE A 105 -2.83 -13.81 -28.48
N ILE A 106 -3.33 -14.28 -27.33
CA ILE A 106 -4.29 -15.43 -27.30
C ILE A 106 -5.49 -15.09 -28.17
N TYR A 107 -6.13 -13.94 -27.91
CA TYR A 107 -7.31 -13.41 -28.63
C TYR A 107 -6.97 -13.05 -30.09
N GLY A 108 -5.73 -12.62 -30.36
CA GLY A 108 -5.26 -12.53 -31.75
C GLY A 108 -5.38 -13.89 -32.45
N CYS A 109 -4.85 -14.95 -31.87
CA CYS A 109 -4.88 -16.29 -32.50
C CYS A 109 -6.33 -16.77 -32.57
N ARG A 110 -7.21 -16.32 -31.66
CA ARG A 110 -8.64 -16.74 -31.65
C ARG A 110 -9.34 -16.20 -32.90
N GLU A 111 -8.92 -15.03 -33.39
CA GLU A 111 -9.58 -14.31 -34.52
C GLU A 111 -9.21 -15.05 -35.81
N LEU A 112 -7.92 -15.35 -36.02
CA LEU A 112 -7.44 -16.29 -37.10
C LEU A 112 -8.31 -17.54 -37.10
N ILE A 113 -8.40 -18.23 -35.97
CA ILE A 113 -9.15 -19.52 -35.83
C ILE A 113 -10.60 -19.28 -36.21
N ASP A 114 -11.28 -18.30 -35.63
CA ASP A 114 -12.70 -17.99 -35.97
C ASP A 114 -12.86 -17.71 -37.47
N GLN A 115 -11.98 -16.90 -38.06
CA GLN A 115 -12.01 -16.51 -39.49
C GLN A 115 -11.87 -17.76 -40.37
N LEU A 116 -10.95 -18.63 -39.98
CA LEU A 116 -10.78 -20.00 -40.51
C LEU A 116 -12.10 -20.77 -40.39
N ASP A 117 -12.69 -20.82 -39.19
CA ASP A 117 -13.92 -21.61 -38.91
C ASP A 117 -15.11 -21.08 -39.73
N GLN A 118 -15.11 -19.83 -40.20
CA GLN A 118 -16.33 -19.17 -40.76
C GLN A 118 -16.20 -19.05 -42.29
N SER A 119 -14.97 -18.94 -42.81
CA SER A 119 -14.68 -18.86 -44.27
C SER A 119 -13.96 -20.15 -44.71
N GLY A 120 -13.98 -20.45 -45.99
CA GLY A 120 -13.13 -21.57 -46.44
C GLY A 120 -11.70 -21.43 -45.92
N THR A 121 -11.18 -20.20 -45.95
CA THR A 121 -9.85 -19.83 -46.50
C THR A 121 -8.78 -19.68 -45.43
N MET A 122 -7.57 -19.35 -45.84
CA MET A 122 -6.45 -18.92 -44.95
C MET A 122 -5.89 -17.57 -45.44
N ASP A 123 -6.71 -16.77 -46.12
CA ASP A 123 -6.47 -15.30 -46.20
C ASP A 123 -7.21 -14.73 -45.00
N PHE A 124 -6.62 -13.71 -44.36
CA PHE A 124 -7.15 -13.10 -43.12
C PHE A 124 -7.43 -11.62 -43.34
N LYS A 125 -8.71 -11.28 -43.25
CA LYS A 125 -9.23 -9.90 -43.00
C LYS A 125 -8.44 -9.27 -41.87
N PRO A 126 -7.76 -8.11 -42.11
CA PRO A 126 -7.10 -7.38 -41.05
C PRO A 126 -8.12 -6.98 -39.99
N VAL A 127 -7.71 -7.04 -38.73
CA VAL A 127 -8.56 -6.69 -37.57
C VAL A 127 -7.64 -5.99 -36.58
N SER A 128 -8.06 -4.84 -36.07
CA SER A 128 -7.45 -4.15 -34.91
C SER A 128 -8.51 -4.04 -33.82
N ASP A 129 -8.36 -4.77 -32.72
CA ASP A 129 -9.50 -5.04 -31.81
C ASP A 129 -9.02 -5.27 -30.40
N ALA A 130 -9.85 -4.87 -29.44
CA ALA A 130 -9.74 -5.15 -27.98
C ALA A 130 -11.15 -5.37 -27.44
N PRO A 131 -11.32 -6.05 -26.30
CA PRO A 131 -12.64 -6.23 -25.70
C PRO A 131 -13.13 -4.93 -25.08
N GLU A 132 -14.44 -4.68 -25.11
CA GLU A 132 -15.05 -3.49 -24.47
C GLU A 132 -15.05 -3.73 -22.95
N MET A 133 -15.63 -4.84 -22.49
CA MET A 133 -15.70 -5.17 -21.04
C MET A 133 -14.37 -5.82 -20.61
N VAL A 134 -13.73 -5.33 -19.54
CA VAL A 134 -12.33 -5.71 -19.17
C VAL A 134 -12.32 -7.00 -18.36
N LEU A 135 -13.39 -7.30 -17.63
CA LEU A 135 -13.57 -8.65 -17.02
C LEU A 135 -14.81 -9.27 -17.65
N ARG A 136 -14.67 -10.50 -18.16
CA ARG A 136 -15.77 -11.27 -18.79
C ARG A 136 -15.67 -12.70 -18.23
N GLY A 137 -16.69 -13.19 -17.53
CA GLY A 137 -16.49 -14.40 -16.72
C GLY A 137 -17.78 -15.09 -16.32
N ALA A 138 -17.66 -16.28 -15.74
CA ALA A 138 -18.82 -17.10 -15.38
C ALA A 138 -18.50 -17.82 -14.09
N CYS A 139 -19.49 -18.44 -13.44
CA CYS A 139 -19.31 -18.98 -12.07
C CYS A 139 -19.77 -20.44 -11.98
N ILE A 140 -19.03 -21.20 -11.19
CA ILE A 140 -19.38 -22.59 -10.80
C ILE A 140 -19.56 -22.61 -9.27
N GLY A 141 -20.77 -22.98 -8.83
CA GLY A 141 -21.12 -23.04 -7.40
C GLY A 141 -20.58 -24.33 -6.87
N LEU A 142 -19.72 -24.28 -5.86
CA LEU A 142 -19.45 -25.47 -5.05
C LEU A 142 -20.49 -25.43 -3.95
N GLN A 143 -21.71 -25.75 -4.40
CA GLN A 143 -23.01 -25.55 -3.76
C GLN A 143 -23.92 -26.72 -4.18
N LYS A 144 -24.88 -27.10 -3.35
CA LYS A 144 -25.76 -28.28 -3.62
C LYS A 144 -27.23 -27.87 -3.48
N THR A 145 -28.09 -28.64 -4.15
CA THR A 145 -29.57 -28.45 -4.20
C THR A 145 -30.17 -28.37 -2.80
N THR A 146 -29.48 -28.88 -1.77
CA THR A 146 -29.95 -29.02 -0.37
C THR A 146 -28.77 -28.84 0.60
N TYR A 147 -29.04 -28.29 1.79
CA TYR A 147 -28.08 -28.24 2.93
C TYR A 147 -27.60 -29.66 3.18
N LEU A 148 -26.54 -29.76 3.97
CA LEU A 148 -25.63 -30.92 4.19
C LEU A 148 -25.65 -31.17 5.69
N PRO A 149 -25.82 -32.42 6.20
CA PRO A 149 -26.08 -32.59 7.63
C PRO A 149 -25.03 -31.85 8.47
N GLY A 150 -25.51 -31.06 9.43
CA GLY A 150 -24.72 -30.30 10.43
C GLY A 150 -24.19 -28.98 9.87
N HIS A 151 -24.51 -28.68 8.61
CA HIS A 151 -24.07 -27.43 7.93
C HIS A 151 -25.30 -26.59 7.58
N ALA A 152 -25.17 -25.26 7.65
CA ALA A 152 -26.21 -24.30 7.24
C ALA A 152 -26.02 -23.93 5.77
N VAL A 153 -26.94 -23.14 5.24
CA VAL A 153 -26.99 -22.70 3.83
C VAL A 153 -25.60 -22.20 3.38
N TYR A 154 -25.23 -22.53 2.14
CA TYR A 154 -23.99 -22.15 1.41
C TYR A 154 -22.75 -22.91 1.91
N GLU A 155 -22.83 -23.69 2.99
CA GLU A 155 -21.64 -24.35 3.58
C GLU A 155 -21.42 -25.73 2.96
N TYR A 156 -20.40 -25.91 2.11
CA TYR A 156 -20.04 -27.23 1.51
C TYR A 156 -18.53 -27.39 1.44
N PRO A 157 -17.88 -28.05 2.40
CA PRO A 157 -16.46 -28.31 2.28
C PRO A 157 -16.14 -28.84 0.87
N TYR A 158 -14.96 -28.53 0.36
CA TYR A 158 -14.45 -29.07 -0.92
C TYR A 158 -14.02 -30.52 -0.68
N THR A 159 -14.90 -31.49 -0.99
CA THR A 159 -14.64 -32.97 -0.91
C THR A 159 -15.06 -33.67 -2.21
N PRO A 160 -14.46 -34.85 -2.53
CA PRO A 160 -14.87 -35.66 -3.69
C PRO A 160 -16.21 -36.46 -3.50
N GLU A 161 -16.59 -36.60 -2.19
CA GLU A 161 -17.92 -37.14 -1.78
C GLU A 161 -19.04 -36.21 -2.24
N SER A 162 -18.96 -34.89 -1.99
CA SER A 162 -19.96 -33.88 -2.39
C SER A 162 -19.81 -33.51 -3.88
N PHE A 163 -18.56 -33.44 -4.36
CA PHE A 163 -18.20 -32.75 -5.63
C PHE A 163 -17.20 -33.61 -6.41
N PRO A 164 -17.61 -34.80 -6.89
CA PRO A 164 -16.68 -35.61 -7.66
C PRO A 164 -16.14 -34.70 -8.79
N TRP A 165 -17.04 -33.98 -9.44
CA TRP A 165 -16.70 -33.26 -10.69
C TRP A 165 -15.50 -32.32 -10.50
N PHE A 166 -15.26 -31.83 -9.30
CA PHE A 166 -14.22 -30.81 -9.02
C PHE A 166 -12.82 -31.43 -9.20
N TYR A 167 -12.69 -32.75 -9.04
CA TYR A 167 -11.40 -33.50 -9.09
C TYR A 167 -11.14 -34.01 -10.52
N ASP A 168 -12.05 -33.76 -11.46
CA ASP A 168 -11.95 -34.27 -12.85
C ASP A 168 -11.22 -33.26 -13.74
N LYS A 169 -9.94 -33.52 -14.05
CA LYS A 169 -9.08 -32.63 -14.88
C LYS A 169 -9.59 -32.62 -16.32
N GLU A 170 -9.98 -33.76 -16.86
CA GLU A 170 -10.54 -33.82 -18.22
C GLU A 170 -11.66 -32.79 -18.32
N ARG A 171 -12.47 -32.65 -17.28
CA ARG A 171 -13.71 -31.83 -17.31
C ARG A 171 -13.37 -30.35 -17.15
N TRP A 172 -12.29 -30.04 -16.43
CA TRP A 172 -11.81 -28.63 -16.25
C TRP A 172 -11.30 -28.10 -17.61
N ILE A 173 -10.43 -28.84 -18.30
CA ILE A 173 -9.88 -28.43 -19.62
C ILE A 173 -11.03 -28.18 -20.61
N LYS A 174 -12.10 -28.97 -20.57
CA LYS A 174 -13.29 -28.75 -21.44
C LYS A 174 -13.91 -27.40 -21.11
N TYR A 175 -14.05 -27.07 -19.83
CA TYR A 175 -14.69 -25.81 -19.38
C TYR A 175 -13.79 -24.63 -19.81
N LEU A 176 -12.49 -24.73 -19.49
CA LEU A 176 -11.52 -23.64 -19.71
C LEU A 176 -11.40 -23.34 -21.21
N ASP A 177 -11.34 -24.37 -22.07
CA ASP A 177 -11.29 -24.20 -23.54
C ASP A 177 -12.56 -23.51 -24.01
N MET A 178 -13.73 -23.81 -23.45
CA MET A 178 -15.00 -23.10 -23.80
C MET A 178 -14.86 -21.63 -23.41
N MET A 179 -14.26 -21.37 -22.25
CA MET A 179 -13.99 -20.02 -21.69
C MET A 179 -13.09 -19.24 -22.69
N VAL A 180 -11.90 -19.74 -23.04
CA VAL A 180 -10.97 -19.09 -24.03
C VAL A 180 -11.66 -18.88 -25.38
N GLU A 181 -12.40 -19.88 -25.85
CA GLU A 181 -13.02 -19.81 -27.19
C GLU A 181 -14.03 -18.65 -27.21
N ASN A 182 -14.63 -18.37 -26.06
CA ASN A 182 -15.60 -17.27 -25.91
C ASN A 182 -14.87 -16.02 -25.40
N ARG A 183 -13.54 -16.06 -25.28
CA ARG A 183 -12.67 -14.91 -24.94
C ARG A 183 -13.07 -14.33 -23.56
N MET A 184 -13.50 -15.22 -22.65
CA MET A 184 -13.76 -14.92 -21.23
C MET A 184 -12.45 -15.12 -20.44
N ASN A 185 -12.20 -14.26 -19.44
CA ASN A 185 -10.86 -14.06 -18.79
C ASN A 185 -10.98 -14.20 -17.27
N SER A 186 -12.06 -14.84 -16.81
CA SER A 186 -12.38 -14.91 -15.37
C SER A 186 -13.27 -16.13 -15.08
N LEU A 187 -12.91 -16.87 -14.05
CA LEU A 187 -13.69 -18.01 -13.50
C LEU A 187 -13.80 -17.82 -12.00
N TYR A 188 -15.05 -17.75 -11.51
CA TYR A 188 -15.44 -17.48 -10.12
C TYR A 188 -15.98 -18.75 -9.45
N LEU A 189 -15.33 -19.20 -8.37
CA LEU A 189 -15.81 -20.34 -7.53
C LEU A 189 -16.58 -19.76 -6.34
N TRP A 190 -17.83 -20.20 -6.17
CA TRP A 190 -18.79 -19.70 -5.16
C TRP A 190 -18.93 -20.74 -4.02
N ASN A 191 -18.63 -20.33 -2.79
CA ASN A 191 -18.71 -21.23 -1.61
C ASN A 191 -18.96 -20.38 -0.37
N GLY A 192 -19.65 -20.93 0.63
CA GLY A 192 -19.96 -20.19 1.86
C GLY A 192 -18.67 -19.86 2.58
N HIS A 193 -17.90 -20.91 2.87
CA HIS A 193 -16.66 -20.86 3.69
C HIS A 193 -15.60 -21.75 3.08
N PRO A 194 -14.94 -21.37 1.96
CA PRO A 194 -13.96 -22.27 1.33
C PRO A 194 -12.63 -22.50 2.07
N PHE A 195 -12.26 -21.62 3.03
CA PHE A 195 -10.90 -21.57 3.60
C PHE A 195 -10.62 -22.85 4.39
N ALA A 196 -11.59 -23.35 5.15
CA ALA A 196 -11.44 -24.56 5.98
C ALA A 196 -11.09 -25.75 5.10
N SER A 197 -11.24 -25.65 3.78
CA SER A 197 -10.95 -26.74 2.82
C SER A 197 -9.55 -26.59 2.20
N LEU A 198 -8.87 -25.46 2.38
CA LEU A 198 -7.74 -25.06 1.49
C LEU A 198 -6.52 -24.55 2.25
N VAL A 199 -6.66 -24.13 3.51
CA VAL A 199 -5.56 -23.56 4.33
C VAL A 199 -5.58 -24.17 5.74
N LYS A 200 -4.38 -24.36 6.32
CA LYS A 200 -4.16 -24.83 7.70
C LYS A 200 -3.71 -23.64 8.55
N LEU A 201 -4.18 -23.52 9.79
CA LEU A 201 -3.71 -22.46 10.72
C LEU A 201 -3.15 -23.12 11.97
N LYS A 202 -1.93 -22.76 12.34
CA LYS A 202 -1.24 -23.30 13.52
C LYS A 202 -2.09 -22.99 14.76
N ASP A 203 -2.69 -21.81 14.83
CA ASP A 203 -3.47 -21.31 16.00
C ASP A 203 -4.88 -21.95 16.04
N TYR A 204 -5.32 -22.67 15.00
CA TYR A 204 -6.69 -23.26 14.90
C TYR A 204 -6.66 -24.59 14.13
N PRO A 205 -5.81 -25.56 14.51
CA PRO A 205 -5.54 -26.73 13.66
C PRO A 205 -6.72 -27.71 13.56
N PHE A 206 -7.68 -27.55 14.47
CA PHE A 206 -8.99 -28.25 14.55
C PHE A 206 -10.02 -27.60 13.61
N ALA A 207 -9.71 -26.44 13.04
CA ALA A 207 -10.59 -25.68 12.12
C ALA A 207 -10.86 -26.44 10.83
N LEU A 208 -9.92 -27.30 10.40
CA LEU A 208 -9.87 -28.01 9.08
C LEU A 208 -11.15 -28.84 8.90
N GLU A 209 -11.78 -28.76 7.71
CA GLU A 209 -13.09 -29.39 7.39
C GLU A 209 -12.93 -30.58 6.43
N VAL A 210 -11.72 -31.10 6.24
CA VAL A 210 -11.45 -32.21 5.31
C VAL A 210 -10.32 -33.04 5.89
N ASP A 211 -10.25 -34.33 5.53
CA ASP A 211 -9.16 -35.23 5.98
C ASP A 211 -7.87 -34.80 5.27
N GLU A 212 -6.72 -35.40 5.61
CA GLU A 212 -5.40 -35.02 5.02
C GLU A 212 -5.38 -35.33 3.52
N GLU A 213 -5.82 -36.52 3.11
CA GLU A 213 -5.85 -36.93 1.68
C GLU A 213 -6.70 -35.91 0.87
N THR A 214 -7.77 -35.37 1.44
CA THR A 214 -8.69 -34.49 0.66
C THR A 214 -8.11 -33.06 0.56
N PHE A 215 -7.31 -32.67 1.55
CA PHE A 215 -6.51 -31.41 1.52
C PHE A 215 -5.49 -31.45 0.38
N LYS A 216 -4.77 -32.57 0.25
CA LYS A 216 -3.75 -32.75 -0.82
C LYS A 216 -4.42 -32.59 -2.19
N LYS A 217 -5.64 -33.09 -2.35
CA LYS A 217 -6.30 -33.09 -3.67
C LYS A 217 -6.82 -31.69 -3.94
N ASN A 218 -7.34 -31.02 -2.91
CA ASN A 218 -7.75 -29.60 -3.01
C ASN A 218 -6.51 -28.81 -3.49
N GLU A 219 -5.36 -29.00 -2.84
CA GLU A 219 -4.06 -28.37 -3.20
C GLU A 219 -3.73 -28.67 -4.68
N GLU A 220 -3.75 -29.95 -5.07
CA GLU A 220 -3.46 -30.39 -6.46
C GLU A 220 -4.50 -29.74 -7.40
N MET A 221 -5.77 -29.68 -7.02
CA MET A 221 -6.80 -29.25 -7.98
C MET A 221 -6.77 -27.72 -8.19
N PHE A 222 -6.37 -26.92 -7.19
CA PHE A 222 -6.20 -25.46 -7.34
C PHE A 222 -4.89 -25.14 -8.07
N SER A 223 -3.83 -25.92 -7.82
CA SER A 223 -2.54 -25.77 -8.53
C SER A 223 -2.77 -25.99 -10.02
N PHE A 224 -3.60 -26.98 -10.37
CA PHE A 224 -3.89 -27.38 -11.77
C PHE A 224 -4.85 -26.39 -12.42
N LEU A 225 -5.85 -25.94 -11.67
CA LEU A 225 -6.89 -25.00 -12.15
C LEU A 225 -6.22 -23.69 -12.56
N THR A 226 -5.37 -23.13 -11.68
CA THR A 226 -4.72 -21.80 -11.86
C THR A 226 -3.64 -21.88 -12.93
N THR A 227 -2.86 -22.96 -12.99
CA THR A 227 -1.85 -23.21 -14.06
C THR A 227 -2.54 -23.17 -15.43
N GLU A 228 -3.62 -23.93 -15.57
CA GLU A 228 -4.37 -24.19 -16.83
C GLU A 228 -5.18 -22.96 -17.20
N ALA A 229 -5.74 -22.25 -16.22
CA ALA A 229 -6.44 -20.96 -16.44
C ALA A 229 -5.44 -19.86 -16.86
N GLU A 230 -4.23 -19.88 -16.31
CA GLU A 230 -3.19 -18.84 -16.53
C GLU A 230 -2.77 -18.88 -18.00
N LYS A 231 -2.50 -20.08 -18.55
CA LYS A 231 -1.99 -20.22 -19.94
C LYS A 231 -3.05 -19.71 -20.93
N ARG A 232 -4.34 -19.68 -20.49
CA ARG A 232 -5.53 -19.31 -21.31
C ARG A 232 -5.96 -17.86 -21.05
N GLY A 233 -5.17 -17.13 -20.26
CA GLY A 233 -5.44 -15.74 -19.83
C GLY A 233 -6.62 -15.59 -18.87
N ILE A 234 -6.96 -16.63 -18.11
CA ILE A 234 -8.16 -16.66 -17.21
C ILE A 234 -7.71 -16.44 -15.76
N PHE A 235 -8.28 -15.41 -15.15
CA PHE A 235 -8.18 -15.04 -13.71
C PHE A 235 -9.09 -16.01 -12.93
N VAL A 236 -8.56 -16.70 -11.92
CA VAL A 236 -9.37 -17.57 -11.01
C VAL A 236 -9.73 -16.77 -9.74
N ILE A 237 -11.02 -16.73 -9.42
CA ILE A 237 -11.59 -15.85 -8.35
C ILE A 237 -12.32 -16.73 -7.35
N GLN A 238 -11.88 -16.75 -6.09
CA GLN A 238 -12.62 -17.49 -5.04
C GLN A 238 -13.56 -16.49 -4.37
N MET A 239 -14.87 -16.77 -4.37
CA MET A 239 -15.86 -15.95 -3.65
C MET A 239 -16.25 -16.65 -2.34
N PHE A 240 -16.53 -15.85 -1.30
CA PHE A 240 -17.00 -16.31 0.01
C PHE A 240 -18.08 -15.34 0.54
N TYR A 241 -18.99 -15.89 1.34
CA TYR A 241 -19.99 -15.13 2.11
C TYR A 241 -19.39 -14.88 3.50
N ASN A 242 -20.06 -14.05 4.31
CA ASN A 242 -19.65 -13.65 5.69
C ASN A 242 -20.93 -13.42 6.51
N ILE A 243 -20.88 -13.56 7.86
CA ILE A 243 -19.78 -14.16 8.59
C ILE A 243 -20.02 -15.67 8.75
N ILE A 244 -19.13 -16.52 8.23
CA ILE A 244 -19.24 -18.00 8.37
C ILE A 244 -17.91 -18.60 8.87
N VAL A 245 -17.95 -19.51 9.83
CA VAL A 245 -16.76 -20.23 10.35
C VAL A 245 -16.91 -21.74 10.08
N SER A 246 -15.83 -22.53 10.19
CA SER A 246 -15.88 -24.00 9.97
C SER A 246 -16.71 -24.64 11.08
N LYS A 247 -17.39 -25.75 10.79
CA LYS A 247 -18.19 -26.51 11.80
C LYS A 247 -17.29 -27.02 12.93
N PRO A 248 -16.14 -27.68 12.67
CA PRO A 248 -15.22 -28.04 13.75
C PRO A 248 -14.81 -26.83 14.63
N PHE A 249 -14.47 -25.71 13.98
CA PHE A 249 -14.17 -24.42 14.66
C PHE A 249 -15.34 -24.11 15.59
N ALA A 250 -16.56 -24.12 15.03
CA ALA A 250 -17.84 -23.87 15.73
C ALA A 250 -18.07 -24.88 16.88
N ASP A 251 -17.93 -26.20 16.63
CA ASP A 251 -18.25 -27.28 17.60
C ASP A 251 -17.40 -27.14 18.86
N HIS A 252 -16.12 -26.81 18.67
CA HIS A 252 -15.10 -26.66 19.73
C HIS A 252 -15.38 -25.45 20.63
N TYR A 253 -15.65 -24.27 20.04
CA TYR A 253 -15.80 -22.97 20.76
C TYR A 253 -17.23 -22.79 21.29
N GLY A 254 -18.17 -23.67 20.91
CA GLY A 254 -19.57 -23.64 21.39
C GLY A 254 -20.46 -22.67 20.62
N ILE A 255 -20.02 -22.19 19.46
CA ILE A 255 -20.78 -21.21 18.64
C ILE A 255 -21.35 -21.92 17.42
N LYS A 256 -22.33 -21.30 16.76
CA LYS A 256 -22.88 -21.69 15.43
C LYS A 256 -21.85 -21.43 14.33
N THR A 257 -22.01 -22.07 13.17
CA THR A 257 -21.17 -21.81 11.97
C THR A 257 -21.49 -20.39 11.48
N GLN A 258 -22.76 -20.02 11.48
CA GLN A 258 -23.24 -18.71 10.99
C GLN A 258 -24.51 -18.32 11.75
N ASP A 259 -24.63 -17.06 12.17
CA ASP A 259 -25.89 -16.45 12.71
C ASP A 259 -25.93 -14.97 12.31
N ARG A 260 -26.86 -14.63 11.42
CA ARG A 260 -26.91 -13.30 10.76
C ARG A 260 -26.77 -12.16 11.79
N ASN A 261 -27.43 -12.22 12.95
CA ASN A 261 -27.62 -11.05 13.86
C ASN A 261 -26.68 -11.14 15.08
N ARG A 262 -25.66 -11.97 15.02
CA ARG A 262 -24.72 -12.18 16.15
C ARG A 262 -23.59 -11.17 16.01
N PRO A 263 -23.15 -10.48 17.07
CA PRO A 263 -22.04 -9.52 16.90
C PRO A 263 -20.73 -10.19 16.42
N ILE A 264 -19.94 -9.44 15.64
CA ILE A 264 -18.47 -9.63 15.44
C ILE A 264 -17.85 -9.82 16.83
N THR A 265 -16.91 -10.78 16.99
CA THR A 265 -16.12 -11.03 18.25
C THR A 265 -14.64 -11.09 17.88
N PRO A 266 -13.70 -10.69 18.77
CA PRO A 266 -12.28 -10.85 18.48
C PRO A 266 -11.87 -12.21 17.89
N LEU A 267 -12.44 -13.31 18.40
CA LEU A 267 -12.08 -14.72 18.04
C LEU A 267 -12.47 -15.06 16.61
N ILE A 268 -13.73 -14.85 16.24
CA ILE A 268 -14.25 -15.07 14.85
C ILE A 268 -13.48 -14.17 13.88
N SER A 269 -13.25 -12.92 14.28
CA SER A 269 -12.40 -11.94 13.55
C SER A 269 -11.01 -12.53 13.38
N ASP A 270 -10.37 -13.01 14.46
CA ASP A 270 -8.96 -13.47 14.41
C ASP A 270 -8.85 -14.66 13.44
N TYR A 271 -9.81 -15.57 13.45
CA TYR A 271 -9.81 -16.79 12.61
C TYR A 271 -9.98 -16.39 11.15
N THR A 272 -10.99 -15.57 10.83
CA THR A 272 -11.25 -15.10 9.44
C THR A 272 -10.04 -14.34 8.91
N ARG A 273 -9.42 -13.51 9.73
CA ARG A 273 -8.28 -12.68 9.29
C ARG A 273 -7.10 -13.59 8.92
N LYS A 274 -6.70 -14.47 9.84
CA LYS A 274 -5.55 -15.37 9.62
C LYS A 274 -5.83 -16.27 8.41
N SER A 275 -7.08 -16.69 8.20
CA SER A 275 -7.52 -17.62 7.11
C SER A 275 -7.29 -16.97 5.75
N VAL A 276 -7.67 -15.70 5.61
CA VAL A 276 -7.50 -14.89 4.38
C VAL A 276 -5.99 -14.65 4.21
N ALA A 277 -5.27 -14.41 5.30
CA ALA A 277 -3.83 -14.13 5.20
C ALA A 277 -3.19 -15.36 4.53
N ALA A 278 -3.52 -16.55 5.07
CA ALA A 278 -3.12 -17.90 4.60
C ALA A 278 -3.51 -18.10 3.13
N PHE A 279 -4.78 -17.91 2.78
CA PHE A 279 -5.24 -18.11 1.38
C PHE A 279 -4.39 -17.29 0.40
N ILE A 280 -4.14 -16.02 0.73
CA ILE A 280 -3.35 -15.05 -0.12
C ILE A 280 -1.91 -15.59 -0.30
N GLU A 281 -1.22 -15.94 0.80
CA GLU A 281 0.19 -16.42 0.79
C GLU A 281 0.32 -17.62 -0.16
N LYS A 282 -0.71 -18.47 -0.16
CA LYS A 282 -0.64 -19.85 -0.68
C LYS A 282 -1.08 -19.87 -2.15
N TYR A 283 -2.10 -19.07 -2.47
CA TYR A 283 -2.68 -18.96 -3.82
C TYR A 283 -2.56 -17.50 -4.27
N PRO A 284 -1.33 -17.01 -4.49
CA PRO A 284 -1.11 -15.58 -4.72
C PRO A 284 -1.82 -15.01 -5.95
N ASN A 285 -2.14 -15.87 -6.93
CA ASN A 285 -2.70 -15.48 -8.27
C ASN A 285 -4.23 -15.61 -8.26
N VAL A 286 -4.83 -16.16 -7.21
CA VAL A 286 -6.31 -16.31 -7.09
C VAL A 286 -6.90 -15.06 -6.41
N GLY A 287 -7.82 -14.39 -7.11
CA GLY A 287 -8.56 -13.20 -6.66
C GLY A 287 -9.64 -13.59 -5.67
N LEU A 288 -10.18 -12.60 -4.95
CA LEU A 288 -11.25 -12.79 -3.94
C LEU A 288 -12.48 -11.99 -4.38
N LEU A 289 -13.66 -12.60 -4.24
CA LEU A 289 -14.97 -11.92 -4.42
C LEU A 289 -15.70 -11.98 -3.09
N VAL A 290 -15.72 -10.84 -2.39
CA VAL A 290 -16.24 -10.71 -1.01
C VAL A 290 -17.73 -10.47 -1.13
N CYS A 291 -18.56 -11.31 -0.51
CA CYS A 291 -19.93 -10.91 -0.10
C CYS A 291 -19.89 -10.56 1.39
N LEU A 292 -20.23 -9.31 1.74
CA LEU A 292 -20.40 -8.83 3.14
C LEU A 292 -21.85 -9.13 3.55
N GLY A 293 -22.20 -10.40 3.50
CA GLY A 293 -23.53 -11.00 3.68
C GLY A 293 -23.40 -12.48 3.36
N GLU A 294 -24.41 -13.30 3.68
CA GLU A 294 -25.69 -12.89 4.23
C GLU A 294 -25.77 -13.14 5.74
N ALA A 295 -24.62 -13.27 6.43
CA ALA A 295 -24.57 -13.54 7.89
C ALA A 295 -23.87 -12.39 8.64
N ILE A 296 -24.28 -11.15 8.39
CA ILE A 296 -23.86 -9.90 9.09
C ILE A 296 -25.13 -9.06 9.22
N GLY A 297 -25.43 -8.53 10.40
CA GLY A 297 -26.76 -7.99 10.73
C GLY A 297 -26.97 -6.52 10.32
N THR A 298 -25.96 -5.66 10.43
CA THR A 298 -26.10 -4.23 10.03
C THR A 298 -24.98 -3.79 9.08
N TYR A 299 -25.25 -2.72 8.34
CA TYR A 299 -24.30 -2.12 7.37
C TYR A 299 -23.02 -1.75 8.13
N GLU A 300 -23.18 -1.20 9.36
CA GLU A 300 -22.06 -0.76 10.23
C GLU A 300 -21.18 -1.97 10.49
N GLU A 301 -21.78 -3.10 10.86
CA GLU A 301 -21.04 -4.38 11.07
C GLU A 301 -20.49 -4.84 9.71
N ASP A 302 -21.22 -4.62 8.62
CA ASP A 302 -20.72 -4.89 7.24
C ASP A 302 -19.39 -4.13 7.06
N VAL A 303 -19.34 -2.82 7.33
CA VAL A 303 -18.11 -1.97 7.22
C VAL A 303 -17.04 -2.47 8.19
N GLU A 304 -17.39 -2.77 9.45
CA GLU A 304 -16.36 -3.14 10.46
C GLU A 304 -15.64 -4.39 9.97
N TRP A 305 -16.42 -5.37 9.56
CA TRP A 305 -15.92 -6.65 8.99
C TRP A 305 -14.90 -6.43 7.85
N PHE A 306 -15.28 -5.75 6.76
CA PHE A 306 -14.41 -5.55 5.58
C PHE A 306 -13.15 -4.75 5.94
N THR A 307 -13.30 -3.66 6.71
CA THR A 307 -12.18 -2.72 7.00
C THR A 307 -11.29 -3.29 8.12
N LYS A 308 -11.84 -4.06 9.05
CA LYS A 308 -11.07 -4.42 10.28
C LYS A 308 -10.62 -5.88 10.24
N THR A 309 -11.28 -6.75 9.47
CA THR A 309 -10.97 -8.19 9.36
C THR A 309 -10.45 -8.51 7.94
N ILE A 310 -11.26 -8.32 6.88
CA ILE A 310 -10.89 -8.84 5.51
C ILE A 310 -9.64 -8.10 5.02
N ILE A 311 -9.69 -6.79 4.88
CA ILE A 311 -8.58 -5.98 4.30
C ILE A 311 -7.30 -6.15 5.12
N PRO A 312 -7.29 -6.00 6.47
CA PRO A 312 -6.08 -6.28 7.24
C PRO A 312 -5.49 -7.65 6.89
N GLY A 313 -6.37 -8.64 6.69
CA GLY A 313 -6.02 -10.03 6.33
C GLY A 313 -5.36 -10.12 4.96
N ILE A 314 -5.90 -9.40 3.98
CA ILE A 314 -5.37 -9.40 2.60
C ILE A 314 -3.96 -8.81 2.64
N LYS A 315 -3.72 -7.81 3.49
CA LYS A 315 -2.43 -7.10 3.59
C LYS A 315 -1.39 -7.96 4.31
N ASP A 316 -1.81 -8.73 5.32
CA ASP A 316 -0.95 -9.72 6.01
C ASP A 316 -0.32 -10.64 4.97
N GLY A 317 -1.14 -11.18 4.07
CA GLY A 317 -0.70 -12.06 2.96
C GLY A 317 0.25 -11.33 2.03
N LEU A 318 -0.18 -10.20 1.48
CA LEU A 318 0.67 -9.43 0.55
C LEU A 318 2.02 -9.17 1.22
N LYS A 319 2.01 -8.84 2.52
CA LYS A 319 3.22 -8.38 3.22
C LYS A 319 4.18 -9.54 3.33
N VAL A 320 3.66 -10.75 3.60
CA VAL A 320 4.44 -12.02 3.66
C VAL A 320 5.05 -12.31 2.29
N LEU A 321 4.28 -12.14 1.21
CA LEU A 321 4.77 -12.36 -0.18
C LEU A 321 5.77 -11.26 -0.61
N GLY A 322 5.91 -10.18 0.18
CA GLY A 322 6.79 -9.03 -0.11
C GLY A 322 6.24 -8.17 -1.24
N ARG A 323 4.93 -8.19 -1.47
CA ARG A 323 4.24 -7.48 -2.59
C ARG A 323 3.90 -6.05 -2.14
N THR A 324 4.56 -5.08 -2.79
CA THR A 324 4.34 -3.61 -2.71
C THR A 324 2.98 -3.24 -3.33
N ASP A 325 2.58 -3.88 -4.44
CA ASP A 325 1.34 -3.58 -5.21
C ASP A 325 0.10 -3.93 -4.38
N GLU A 326 -1.11 -3.70 -4.96
CA GLU A 326 -2.42 -4.05 -4.36
C GLU A 326 -3.29 -4.72 -5.43
N PRO A 327 -3.27 -6.06 -5.59
CA PRO A 327 -4.06 -6.69 -6.64
C PRO A 327 -5.53 -6.41 -6.37
N PRO A 328 -6.36 -6.34 -7.42
CA PRO A 328 -7.78 -6.00 -7.23
C PRO A 328 -8.56 -6.98 -6.35
N VAL A 329 -9.40 -6.46 -5.46
CA VAL A 329 -10.33 -7.20 -4.56
C VAL A 329 -11.77 -6.87 -5.00
N LEU A 330 -12.60 -7.88 -5.29
CA LEU A 330 -13.98 -7.69 -5.81
C LEU A 330 -14.97 -7.71 -4.63
N VAL A 331 -15.94 -6.78 -4.62
CA VAL A 331 -16.92 -6.62 -3.51
C VAL A 331 -18.33 -6.48 -4.09
N ARG A 332 -19.25 -7.35 -3.67
CA ARG A 332 -20.65 -7.36 -4.14
C ARG A 332 -21.47 -6.24 -3.45
N ALA A 333 -22.43 -5.68 -4.17
CA ALA A 333 -23.55 -4.88 -3.61
C ALA A 333 -24.49 -5.72 -2.73
N HIS A 334 -24.52 -7.04 -2.86
CA HIS A 334 -25.57 -7.85 -2.21
C HIS A 334 -25.55 -7.70 -0.68
N ASP A 335 -26.72 -7.50 -0.07
CA ASP A 335 -27.02 -7.47 1.39
C ASP A 335 -26.03 -6.59 2.14
N THR A 336 -25.69 -5.46 1.55
CA THR A 336 -24.89 -4.38 2.19
C THR A 336 -25.23 -3.06 1.52
N ASP A 337 -24.68 -1.98 2.07
CA ASP A 337 -24.66 -0.61 1.50
C ASP A 337 -23.36 -0.48 0.74
N CYS A 338 -23.41 -0.67 -0.57
CA CYS A 338 -22.23 -0.71 -1.47
C CYS A 338 -21.41 0.59 -1.33
N LYS A 339 -22.04 1.76 -1.48
CA LYS A 339 -21.31 3.07 -1.46
C LYS A 339 -20.68 3.29 -0.05
N MET A 340 -21.45 3.13 1.04
CA MET A 340 -20.97 3.24 2.45
C MET A 340 -19.63 2.49 2.62
N VAL A 341 -19.56 1.22 2.16
CA VAL A 341 -18.44 0.23 2.37
C VAL A 341 -17.20 0.59 1.53
N ILE A 342 -17.36 0.97 0.26
CA ILE A 342 -16.23 1.45 -0.60
C ILE A 342 -15.77 2.83 -0.10
N ASP A 343 -16.72 3.71 0.17
CA ASP A 343 -16.43 5.03 0.81
C ASP A 343 -15.48 4.80 1.98
N ALA A 344 -15.72 3.76 2.79
CA ALA A 344 -15.00 3.54 4.07
C ALA A 344 -13.64 2.89 3.80
N ALA A 345 -13.53 2.04 2.78
CA ALA A 345 -12.44 1.06 2.54
C ALA A 345 -11.28 1.64 1.71
N LEU A 346 -11.54 2.62 0.84
CA LEU A 346 -10.59 3.10 -0.22
C LEU A 346 -9.36 3.78 0.37
N PRO A 347 -9.41 4.42 1.56
CA PRO A 347 -8.18 4.88 2.20
C PRO A 347 -7.27 3.69 2.56
N LEU A 348 -7.88 2.54 2.88
CA LEU A 348 -7.15 1.33 3.33
C LEU A 348 -6.64 0.53 2.13
N TYR A 349 -7.36 0.52 1.00
CA TYR A 349 -7.09 -0.35 -0.17
C TYR A 349 -7.64 0.33 -1.43
N LYS A 350 -6.77 0.80 -2.34
CA LYS A 350 -7.14 1.62 -3.54
C LYS A 350 -7.97 0.80 -4.52
N ASN A 351 -7.57 -0.46 -4.74
CA ASN A 351 -7.96 -1.25 -5.93
C ASN A 351 -9.15 -2.13 -5.54
N LEU A 352 -10.33 -1.50 -5.38
CA LEU A 352 -11.63 -2.18 -5.24
C LEU A 352 -12.37 -2.13 -6.57
N TYR A 353 -12.90 -3.28 -6.98
CA TYR A 353 -13.93 -3.43 -8.03
C TYR A 353 -15.23 -3.84 -7.34
N THR A 354 -16.37 -3.56 -7.99
CA THR A 354 -17.73 -3.75 -7.41
C THR A 354 -18.51 -4.68 -8.34
N MET A 355 -19.46 -5.41 -7.78
CA MET A 355 -20.39 -6.31 -8.51
C MET A 355 -21.80 -5.92 -8.10
N HIS A 356 -22.78 -6.03 -8.99
CA HIS A 356 -24.22 -5.92 -8.65
C HIS A 356 -25.05 -6.72 -9.66
N LYS A 357 -26.15 -7.33 -9.23
CA LYS A 357 -27.08 -8.11 -10.08
C LYS A 357 -27.61 -7.22 -11.21
N TYR A 358 -27.77 -7.78 -12.40
CA TYR A 358 -28.30 -7.08 -13.58
C TYR A 358 -29.80 -6.78 -13.38
N ASN A 359 -30.63 -7.80 -13.17
CA ASN A 359 -32.10 -7.76 -12.96
C ASN A 359 -32.41 -8.56 -11.69
N GLY A 360 -31.79 -8.22 -10.55
CA GLY A 360 -31.87 -9.05 -9.34
C GLY A 360 -31.47 -10.46 -9.67
N SER A 361 -32.22 -11.45 -9.21
CA SER A 361 -31.87 -12.89 -9.36
C SER A 361 -32.52 -13.48 -10.60
N SER A 362 -32.91 -12.64 -11.57
CA SER A 362 -33.61 -13.08 -12.79
C SER A 362 -33.08 -12.31 -14.00
N LEU A 363 -33.60 -12.68 -15.18
CA LEU A 363 -33.37 -11.96 -16.45
C LEU A 363 -34.73 -11.55 -16.97
N THR A 364 -35.02 -10.23 -16.94
CA THR A 364 -36.36 -9.67 -17.22
C THR A 364 -36.33 -8.68 -18.39
N THR A 365 -35.25 -7.91 -18.60
CA THR A 365 -35.30 -6.80 -19.57
C THR A 365 -33.91 -6.52 -20.17
N TYR A 366 -33.94 -5.77 -21.28
CA TYR A 366 -32.81 -5.00 -21.84
C TYR A 366 -33.13 -3.49 -21.75
N GLU A 367 -34.11 -3.11 -20.92
CA GLU A 367 -34.51 -1.69 -20.64
C GLU A 367 -34.64 -1.46 -19.14
N PRO A 368 -33.62 -1.81 -18.31
CA PRO A 368 -33.74 -1.73 -16.86
C PRO A 368 -33.69 -0.26 -16.52
N ARG A 369 -34.13 0.13 -15.32
CA ARG A 369 -34.26 1.56 -14.98
C ARG A 369 -34.43 1.67 -13.47
N GLY A 370 -34.84 2.87 -13.01
CA GLY A 370 -35.32 3.14 -11.65
C GLY A 370 -34.21 2.98 -10.62
N PRO A 371 -34.59 2.72 -9.34
CA PRO A 371 -33.66 2.87 -8.23
C PRO A 371 -32.45 1.94 -8.31
N TRP A 372 -32.59 0.71 -8.84
CA TRP A 372 -31.49 -0.29 -9.02
C TRP A 372 -30.52 0.19 -10.12
N ALA A 373 -31.01 0.82 -11.19
CA ALA A 373 -30.12 1.46 -12.21
C ALA A 373 -29.13 2.41 -11.50
N LYS A 374 -29.63 3.31 -10.64
CA LYS A 374 -28.88 4.38 -9.92
C LYS A 374 -27.78 3.78 -9.05
N ILE A 375 -28.05 2.65 -8.38
CA ILE A 375 -27.07 1.90 -7.53
C ILE A 375 -25.89 1.47 -8.40
N HIS A 376 -26.17 0.70 -9.46
CA HIS A 376 -25.23 0.40 -10.57
C HIS A 376 -24.46 1.68 -10.94
N LYS A 377 -25.20 2.73 -11.29
CA LYS A 377 -24.62 3.98 -11.86
C LYS A 377 -23.74 4.73 -10.86
N ASP A 378 -24.03 4.66 -9.55
CA ASP A 378 -23.15 5.31 -8.53
C ASP A 378 -21.87 4.48 -8.36
N LEU A 379 -22.01 3.15 -8.24
CA LEU A 379 -20.89 2.16 -8.22
C LEU A 379 -20.03 2.33 -9.48
N SER A 380 -20.67 2.43 -10.65
CA SER A 380 -19.97 2.64 -11.93
C SER A 380 -19.23 3.99 -11.95
N SER A 381 -19.78 5.04 -11.35
CA SER A 381 -19.26 6.44 -11.50
C SER A 381 -18.04 6.68 -10.59
N LEU A 382 -17.44 5.61 -10.05
CA LEU A 382 -16.14 5.63 -9.31
C LEU A 382 -14.95 5.75 -10.29
N GLY A 383 -15.07 5.17 -11.49
CA GLY A 383 -13.96 5.09 -12.47
C GLY A 383 -13.01 3.94 -12.17
N SER A 384 -13.58 2.76 -11.86
CA SER A 384 -12.88 1.48 -11.55
C SER A 384 -13.58 0.40 -12.39
N VAL A 385 -13.63 -0.85 -11.94
CA VAL A 385 -14.41 -1.90 -12.67
C VAL A 385 -15.69 -2.18 -11.86
N HIS A 386 -16.83 -2.22 -12.56
CA HIS A 386 -18.19 -2.51 -12.03
C HIS A 386 -18.81 -3.64 -12.87
N ILE A 387 -18.95 -4.83 -12.27
CA ILE A 387 -19.26 -6.13 -12.96
C ILE A 387 -20.77 -6.40 -12.89
N SER A 388 -21.43 -6.59 -14.03
CA SER A 388 -22.87 -6.94 -14.09
C SER A 388 -22.91 -8.41 -13.78
N ASN A 389 -23.66 -8.78 -12.74
CA ASN A 389 -23.89 -10.19 -12.37
C ASN A 389 -25.26 -10.59 -12.93
N VAL A 390 -25.29 -11.40 -13.99
CA VAL A 390 -26.55 -12.06 -14.41
C VAL A 390 -26.67 -13.27 -13.48
N HIS A 391 -27.62 -13.22 -12.53
CA HIS A 391 -27.58 -13.93 -11.22
C HIS A 391 -28.74 -14.92 -11.15
N ILE A 392 -28.46 -16.23 -11.15
CA ILE A 392 -29.39 -17.31 -10.68
C ILE A 392 -30.42 -17.65 -11.77
N LEU A 393 -31.07 -16.66 -12.37
CA LEU A 393 -31.97 -16.90 -13.52
C LEU A 393 -33.07 -17.86 -13.06
N ALA A 394 -33.75 -17.47 -11.97
CA ALA A 394 -34.85 -18.20 -11.31
C ALA A 394 -35.96 -18.35 -12.32
N ASN A 395 -36.19 -17.28 -13.09
CA ASN A 395 -37.33 -17.16 -14.02
C ASN A 395 -37.03 -17.90 -15.32
N LEU A 396 -35.80 -18.40 -15.51
CA LEU A 396 -35.43 -19.21 -16.72
C LEU A 396 -35.47 -20.71 -16.45
N GLU A 397 -35.31 -21.13 -15.19
CA GLU A 397 -35.17 -22.54 -14.74
C GLU A 397 -36.41 -23.36 -15.09
N PRO A 398 -36.27 -24.58 -15.65
CA PRO A 398 -35.00 -25.16 -16.11
C PRO A 398 -34.78 -25.32 -17.63
N TRP A 399 -35.55 -24.63 -18.46
CA TRP A 399 -35.57 -24.89 -19.93
C TRP A 399 -34.45 -24.14 -20.64
N ARG A 400 -34.14 -24.55 -21.86
CA ARG A 400 -33.02 -24.00 -22.67
C ARG A 400 -33.37 -22.55 -22.94
N TRP A 401 -32.39 -21.65 -22.80
CA TRP A 401 -32.57 -20.19 -23.05
C TRP A 401 -31.24 -19.61 -23.51
N SER A 402 -31.21 -19.00 -24.67
CA SER A 402 -29.98 -18.37 -25.22
C SER A 402 -30.37 -17.54 -26.44
N SER A 403 -30.97 -16.38 -26.22
CA SER A 403 -31.50 -15.49 -27.27
C SER A 403 -30.44 -14.46 -27.61
N PRO A 404 -29.71 -14.61 -28.74
CA PRO A 404 -28.72 -13.62 -29.17
C PRO A 404 -29.20 -12.17 -28.98
N ASP A 405 -30.38 -11.83 -29.51
CA ASP A 405 -30.99 -10.47 -29.51
C ASP A 405 -31.20 -10.02 -28.07
N PHE A 406 -31.82 -10.84 -27.23
CA PHE A 406 -32.08 -10.46 -25.82
C PHE A 406 -30.74 -10.16 -25.14
N ILE A 407 -29.75 -11.04 -25.29
CA ILE A 407 -28.39 -10.89 -24.69
C ILE A 407 -27.71 -9.63 -25.24
N GLN A 408 -27.77 -9.38 -26.54
CA GLN A 408 -27.06 -8.23 -27.15
C GLN A 408 -27.64 -6.95 -26.55
N LYS A 409 -28.96 -6.87 -26.54
CA LYS A 409 -29.72 -5.67 -26.09
C LYS A 409 -29.43 -5.46 -24.60
N SER A 410 -29.25 -6.56 -23.86
CA SER A 410 -28.97 -6.54 -22.40
C SER A 410 -27.60 -5.90 -22.15
N VAL A 411 -26.53 -6.41 -22.77
CA VAL A 411 -25.13 -5.91 -22.58
C VAL A 411 -25.11 -4.42 -22.93
N LYS A 412 -25.82 -4.00 -23.98
CA LYS A 412 -25.96 -2.57 -24.37
C LYS A 412 -26.57 -1.77 -23.21
N ALA A 413 -27.60 -2.29 -22.55
CA ALA A 413 -28.22 -1.66 -21.37
C ALA A 413 -27.21 -1.57 -20.19
N MET A 414 -26.38 -2.60 -20.01
CA MET A 414 -25.32 -2.64 -18.96
C MET A 414 -24.40 -1.42 -19.13
N HIS A 415 -24.09 -1.07 -20.38
CA HIS A 415 -23.21 0.09 -20.73
C HIS A 415 -23.98 1.41 -20.58
N SER A 416 -25.18 1.52 -21.15
CA SER A 416 -25.88 2.81 -21.31
C SER A 416 -26.67 3.11 -20.03
N VAL A 417 -27.31 2.14 -19.39
CA VAL A 417 -28.13 2.41 -18.18
C VAL A 417 -27.26 2.26 -16.95
N HIS A 418 -26.57 1.12 -16.82
CA HIS A 418 -25.90 0.71 -15.57
C HIS A 418 -24.45 1.21 -15.51
N GLY A 419 -23.83 1.57 -16.64
CA GLY A 419 -22.42 2.02 -16.70
C GLY A 419 -21.42 0.97 -16.24
N ALA A 420 -21.83 -0.31 -16.23
CA ALA A 420 -20.98 -1.51 -16.08
C ALA A 420 -19.95 -1.59 -17.21
N ASN A 421 -18.77 -2.11 -16.91
CA ASN A 421 -17.66 -2.27 -17.88
C ASN A 421 -17.04 -3.65 -17.68
N ALA A 422 -17.81 -4.61 -17.18
CA ALA A 422 -17.39 -6.00 -16.91
C ALA A 422 -18.64 -6.85 -16.67
N LEU A 423 -18.50 -8.19 -16.77
CA LEU A 423 -19.62 -9.15 -16.77
C LEU A 423 -19.25 -10.40 -15.96
N HIS A 424 -20.14 -10.82 -15.07
CA HIS A 424 -20.13 -12.14 -14.37
C HIS A 424 -21.47 -12.82 -14.63
N ILE A 425 -21.45 -14.06 -15.14
CA ILE A 425 -22.70 -14.78 -15.53
C ILE A 425 -22.78 -16.13 -14.80
N TYR A 426 -23.95 -16.44 -14.26
CA TYR A 426 -24.29 -17.75 -13.67
C TYR A 426 -24.55 -18.73 -14.80
N PRO A 427 -24.64 -20.04 -14.48
CA PRO A 427 -25.23 -20.99 -15.42
C PRO A 427 -26.62 -20.50 -15.83
N GLN A 428 -27.05 -20.87 -17.03
CA GLN A 428 -28.37 -20.49 -17.56
C GLN A 428 -29.47 -21.02 -16.63
N ALA A 429 -29.23 -22.18 -16.05
CA ALA A 429 -30.20 -22.87 -15.16
C ALA A 429 -29.41 -23.87 -14.33
N ASN A 430 -30.00 -24.39 -13.26
CA ASN A 430 -29.51 -25.54 -12.46
C ASN A 430 -28.17 -25.22 -11.82
N TYR A 431 -27.94 -23.96 -11.51
CA TYR A 431 -26.73 -23.54 -10.76
C TYR A 431 -26.38 -24.60 -9.68
N TRP A 432 -27.36 -24.94 -8.85
CA TRP A 432 -27.18 -25.61 -7.52
C TRP A 432 -26.84 -27.07 -7.74
N ASP A 433 -26.92 -27.53 -9.00
CA ASP A 433 -26.73 -28.96 -9.39
C ASP A 433 -25.67 -29.10 -10.51
N TRP A 434 -24.59 -28.31 -10.47
CA TRP A 434 -23.44 -28.45 -11.39
C TRP A 434 -22.95 -29.88 -11.29
N PRO A 435 -22.41 -30.49 -12.36
CA PRO A 435 -22.29 -29.86 -13.67
C PRO A 435 -23.47 -30.07 -14.66
N TYR A 436 -24.62 -30.54 -14.11
CA TYR A 436 -25.75 -31.17 -14.85
C TYR A 436 -26.93 -30.19 -15.01
N THR A 437 -27.57 -30.26 -16.17
CA THR A 437 -28.91 -29.69 -16.43
C THR A 437 -29.97 -30.58 -15.77
N ALA A 438 -31.20 -30.05 -15.65
CA ALA A 438 -32.34 -30.69 -14.97
C ALA A 438 -33.03 -31.67 -15.92
N ASP A 439 -32.66 -31.65 -17.22
CA ASP A 439 -33.12 -32.60 -18.29
C ASP A 439 -33.08 -34.06 -17.83
N LYS A 440 -34.10 -34.83 -18.23
CA LYS A 440 -34.22 -36.27 -17.92
C LYS A 440 -34.00 -37.10 -19.18
N LEU A 441 -32.90 -37.85 -19.21
CA LEU A 441 -32.54 -38.72 -20.35
C LEU A 441 -32.80 -40.20 -19.99
N ALA A 442 -32.90 -41.05 -21.00
CA ALA A 442 -33.09 -42.52 -20.89
C ALA A 442 -32.12 -43.24 -19.87
N ASN A 443 -32.74 -43.81 -18.82
CA ASN A 443 -32.05 -44.65 -17.80
C ASN A 443 -31.07 -43.89 -16.91
N GLY A 444 -31.33 -42.62 -16.56
CA GLY A 444 -30.62 -41.89 -15.48
C GLY A 444 -29.32 -41.24 -15.93
N GLU A 445 -29.00 -41.30 -17.24
CA GLU A 445 -28.04 -40.42 -17.97
C GLU A 445 -28.33 -38.96 -17.59
N ARG A 446 -27.30 -38.20 -17.22
CA ARG A 446 -27.42 -36.77 -16.88
C ARG A 446 -26.88 -35.93 -18.03
N GLU A 447 -27.71 -35.07 -18.62
CA GLU A 447 -27.30 -34.08 -19.64
C GLU A 447 -26.47 -33.01 -18.93
N GLU A 448 -25.28 -32.78 -19.46
CA GLU A 448 -24.23 -31.90 -18.90
C GLU A 448 -24.42 -30.45 -19.35
N GLN A 449 -24.07 -29.47 -18.49
CA GLN A 449 -24.39 -28.02 -18.67
C GLN A 449 -23.51 -27.35 -19.74
N VAL A 450 -22.25 -27.79 -19.92
CA VAL A 450 -21.34 -27.15 -20.93
C VAL A 450 -21.72 -27.61 -22.35
N TYR A 451 -22.45 -28.71 -22.50
CA TYR A 451 -22.95 -29.27 -23.79
C TYR A 451 -24.21 -28.48 -24.16
N ARG A 452 -25.14 -28.39 -23.21
CA ARG A 452 -26.51 -27.86 -23.43
C ARG A 452 -26.46 -26.35 -23.66
N ASP A 453 -25.74 -25.62 -22.83
CA ASP A 453 -25.84 -24.14 -22.73
C ASP A 453 -24.63 -23.47 -23.42
N TRP A 454 -24.20 -23.96 -24.58
CA TRP A 454 -22.99 -23.44 -25.28
C TRP A 454 -23.28 -22.01 -25.75
N ALA A 455 -24.46 -21.80 -26.33
CA ALA A 455 -24.90 -20.54 -26.98
C ALA A 455 -25.02 -19.44 -25.94
N TRP A 456 -25.65 -19.77 -24.80
CA TRP A 456 -25.64 -18.95 -23.58
C TRP A 456 -24.22 -18.39 -23.34
N TYR A 457 -23.23 -19.24 -23.06
CA TYR A 457 -21.83 -18.81 -22.81
C TYR A 457 -21.29 -18.03 -24.03
N LYS A 458 -21.60 -18.47 -25.25
CA LYS A 458 -21.00 -17.94 -26.51
C LYS A 458 -21.57 -16.54 -26.79
N ALA A 459 -22.84 -16.31 -26.52
CA ALA A 459 -23.50 -15.00 -26.73
C ALA A 459 -22.99 -13.97 -25.72
N TRP A 460 -23.08 -14.24 -24.41
CA TRP A 460 -22.62 -13.31 -23.32
C TRP A 460 -21.17 -12.91 -23.61
N GLY A 461 -20.36 -13.91 -23.96
CA GLY A 461 -18.94 -13.75 -24.35
C GLY A 461 -18.78 -12.85 -25.55
N ARG A 462 -19.62 -13.02 -26.55
CA ARG A 462 -19.50 -12.29 -27.84
C ARG A 462 -19.77 -10.81 -27.59
N TYR A 463 -20.90 -10.50 -26.94
CA TYR A 463 -21.45 -9.12 -26.81
C TYR A 463 -20.70 -8.37 -25.70
N ALA A 464 -20.05 -9.09 -24.78
CA ALA A 464 -19.15 -8.56 -23.73
C ALA A 464 -17.86 -8.09 -24.38
N TRP A 465 -17.36 -8.86 -25.34
CA TRP A 465 -16.23 -8.44 -26.21
C TRP A 465 -16.62 -7.14 -26.94
N LYS A 466 -17.61 -7.18 -27.84
CA LYS A 466 -18.12 -5.99 -28.59
C LYS A 466 -19.66 -6.07 -28.66
N ALA A 467 -20.36 -5.02 -28.22
CA ALA A 467 -21.84 -5.02 -28.08
C ALA A 467 -22.52 -4.55 -29.37
N ASP A 468 -22.07 -3.44 -29.94
CA ASP A 468 -22.71 -2.89 -31.16
C ASP A 468 -22.14 -3.74 -32.32
N ARG A 469 -22.93 -4.65 -32.85
CA ARG A 469 -22.57 -5.45 -34.06
C ARG A 469 -23.80 -5.47 -34.96
N ASN A 470 -23.64 -5.25 -36.26
CA ASN A 470 -24.77 -5.27 -37.20
C ASN A 470 -25.64 -6.49 -36.87
N ARG A 471 -26.87 -6.21 -36.54
CA ARG A 471 -27.87 -7.21 -36.11
C ARG A 471 -28.15 -8.20 -37.24
N LEU A 472 -28.09 -7.80 -38.52
CA LEU A 472 -28.39 -8.74 -39.64
C LEU A 472 -27.17 -9.64 -39.85
N GLU A 473 -25.98 -9.05 -39.84
CA GLU A 473 -24.67 -9.77 -39.80
C GLU A 473 -24.66 -10.78 -38.65
N GLU A 474 -25.22 -10.41 -37.50
CA GLU A 474 -25.32 -11.29 -36.30
C GLU A 474 -26.24 -12.49 -36.54
N ILE A 475 -27.37 -12.32 -37.21
CA ILE A 475 -28.29 -13.45 -37.52
C ILE A 475 -27.58 -14.44 -38.48
N LYS A 476 -26.67 -13.98 -39.35
CA LYS A 476 -25.89 -14.91 -40.23
C LYS A 476 -24.94 -15.74 -39.37
N TYR A 477 -24.17 -15.09 -38.51
CA TYR A 477 -23.19 -15.74 -37.61
C TYR A 477 -23.93 -16.82 -36.80
N TRP A 478 -25.05 -16.46 -36.17
CA TRP A 478 -25.86 -17.39 -35.35
C TRP A 478 -26.56 -18.42 -36.24
N ASP A 479 -26.93 -18.09 -37.47
CA ASP A 479 -27.46 -19.13 -38.40
C ASP A 479 -26.42 -20.25 -38.56
N LYS A 480 -25.14 -19.89 -38.73
CA LYS A 480 -24.03 -20.83 -38.98
C LYS A 480 -23.65 -21.58 -37.69
N GLN A 481 -23.70 -20.93 -36.52
CA GLN A 481 -23.40 -21.55 -35.21
C GLN A 481 -24.41 -22.66 -34.95
N PHE A 482 -25.69 -22.38 -35.09
CA PHE A 482 -26.76 -23.38 -34.88
C PHE A 482 -26.71 -24.44 -35.98
N GLY A 483 -26.35 -24.05 -37.20
CA GLY A 483 -26.25 -24.98 -38.34
C GLY A 483 -25.10 -25.96 -38.20
N ASP A 484 -23.89 -25.48 -37.89
CA ASP A 484 -22.69 -26.33 -37.69
C ASP A 484 -23.00 -27.42 -36.65
N PHE A 485 -23.56 -27.02 -35.50
CA PHE A 485 -23.84 -27.89 -34.32
C PHE A 485 -24.88 -28.96 -34.65
N TYR A 486 -25.90 -28.68 -35.46
CA TYR A 486 -26.98 -29.67 -35.75
C TYR A 486 -26.77 -30.31 -37.12
N GLY A 487 -25.73 -29.87 -37.84
CA GLY A 487 -25.42 -30.36 -39.20
C GLY A 487 -26.54 -30.02 -40.17
N ILE A 488 -27.00 -28.76 -40.11
CA ILE A 488 -28.04 -28.16 -40.98
C ILE A 488 -27.39 -27.01 -41.76
N PRO A 489 -27.85 -26.73 -43.00
CA PRO A 489 -27.48 -25.48 -43.67
C PRO A 489 -27.93 -24.29 -42.80
N ALA A 490 -27.16 -23.20 -42.85
CA ALA A 490 -27.41 -21.92 -42.13
C ALA A 490 -28.84 -21.45 -42.38
N GLU A 491 -29.32 -21.53 -43.62
CA GLU A 491 -30.61 -20.91 -44.05
C GLU A 491 -31.75 -21.59 -43.29
N MET A 492 -31.75 -22.93 -43.27
CA MET A 492 -32.75 -23.77 -42.57
C MET A 492 -32.57 -23.59 -41.04
N ALA A 493 -31.34 -23.41 -40.56
CA ALA A 493 -30.99 -23.28 -39.14
C ALA A 493 -31.47 -21.93 -38.58
N ASP A 494 -31.75 -20.94 -39.44
CA ASP A 494 -32.28 -19.63 -38.99
C ASP A 494 -33.54 -19.88 -38.15
N ASN A 495 -34.30 -20.93 -38.48
CA ASN A 495 -35.50 -21.32 -37.68
C ASN A 495 -35.13 -21.65 -36.23
N ILE A 496 -33.95 -22.23 -35.98
CA ILE A 496 -33.50 -22.51 -34.59
C ILE A 496 -33.32 -21.17 -33.87
N ARG A 497 -32.73 -20.19 -34.54
CA ARG A 497 -32.47 -18.86 -33.92
C ARG A 497 -33.81 -18.22 -33.51
N ILE A 498 -34.82 -18.28 -34.39
CA ILE A 498 -36.16 -17.69 -34.14
C ILE A 498 -36.73 -18.36 -32.87
N ALA A 499 -36.72 -19.68 -32.79
CA ALA A 499 -37.23 -20.43 -31.61
C ALA A 499 -36.65 -19.81 -30.32
N TYR A 500 -35.36 -19.48 -30.37
CA TYR A 500 -34.59 -18.98 -29.19
C TYR A 500 -35.01 -17.54 -28.94
N GLU A 501 -35.13 -16.74 -29.98
CA GLU A 501 -35.41 -15.29 -29.82
C GLU A 501 -36.90 -15.06 -29.54
N GLU A 502 -37.80 -15.87 -30.10
CA GLU A 502 -39.25 -15.81 -29.84
C GLU A 502 -39.53 -16.36 -28.42
N SER A 503 -39.11 -17.58 -28.11
CA SER A 503 -39.34 -18.19 -26.77
C SER A 503 -38.66 -17.33 -25.69
N GLY A 504 -37.56 -16.64 -26.05
CA GLY A 504 -36.66 -15.94 -25.11
C GLY A 504 -37.31 -14.74 -24.43
N GLU A 505 -38.37 -14.21 -25.02
CA GLU A 505 -39.08 -13.01 -24.51
C GLU A 505 -40.10 -13.44 -23.46
N ILE A 506 -40.42 -14.73 -23.36
CA ILE A 506 -41.61 -15.21 -22.59
C ILE A 506 -41.35 -15.14 -21.09
N ALA A 507 -40.29 -15.77 -20.58
CA ALA A 507 -40.04 -15.77 -19.11
C ALA A 507 -39.78 -14.33 -18.63
N PRO A 508 -38.90 -13.55 -19.27
CA PRO A 508 -38.70 -12.15 -18.86
C PRO A 508 -39.98 -11.27 -18.76
N LYS A 509 -40.81 -11.31 -19.81
CA LYS A 509 -42.03 -10.49 -19.88
C LYS A 509 -42.97 -10.91 -18.77
N LEU A 510 -43.26 -12.21 -18.67
CA LEU A 510 -44.27 -12.66 -17.67
C LEU A 510 -43.75 -12.29 -16.29
N LEU A 511 -42.47 -12.48 -16.01
CA LEU A 511 -41.95 -12.24 -14.63
C LEU A 511 -42.04 -10.75 -14.29
N ARG A 512 -41.55 -9.85 -15.14
CA ARG A 512 -41.52 -8.41 -14.79
C ARG A 512 -42.97 -7.93 -14.63
N ARG A 513 -43.91 -8.49 -15.40
CA ARG A 513 -45.31 -7.98 -15.49
C ARG A 513 -46.25 -8.62 -14.46
N PHE A 514 -46.04 -9.87 -14.03
CA PHE A 514 -46.98 -10.59 -13.13
C PHE A 514 -46.25 -11.20 -11.92
N GLY A 515 -44.93 -11.35 -12.00
CA GLY A 515 -44.08 -12.01 -11.00
C GLY A 515 -44.22 -11.35 -9.66
N ILE A 516 -44.00 -12.11 -8.58
CA ILE A 516 -43.98 -11.59 -7.20
C ILE A 516 -42.60 -11.01 -6.96
N THR A 517 -41.56 -11.64 -7.47
CA THR A 517 -40.17 -11.25 -7.13
C THR A 517 -39.24 -11.67 -8.24
N GLU A 518 -38.13 -10.97 -8.41
CA GLU A 518 -37.00 -11.40 -9.27
C GLU A 518 -36.17 -12.44 -8.52
N GLY A 519 -36.55 -12.77 -7.27
CA GLY A 519 -35.82 -13.74 -6.41
C GLY A 519 -36.01 -15.20 -6.78
N ASN A 520 -35.08 -16.07 -6.39
CA ASN A 520 -35.27 -17.53 -6.58
C ASN A 520 -36.17 -18.02 -5.45
N ARG A 521 -36.74 -17.08 -4.67
CA ARG A 521 -37.91 -17.32 -3.78
C ARG A 521 -39.15 -17.69 -4.61
N GLN A 522 -39.10 -17.35 -5.90
CA GLN A 522 -40.10 -17.73 -6.94
C GLN A 522 -39.40 -18.57 -8.00
N THR A 523 -40.06 -19.67 -8.42
CA THR A 523 -39.80 -20.51 -9.64
C THR A 523 -40.87 -20.22 -10.71
N LEU A 524 -40.74 -19.13 -11.48
CA LEU A 524 -41.79 -18.75 -12.47
C LEU A 524 -42.35 -19.96 -13.22
N LEU A 525 -41.51 -20.86 -13.72
CA LEU A 525 -42.02 -21.75 -14.82
C LEU A 525 -42.81 -22.94 -14.26
N LEU A 526 -43.09 -22.96 -12.96
CA LEU A 526 -44.05 -23.92 -12.38
C LEU A 526 -45.47 -23.32 -12.45
N GLY A 527 -45.61 -22.00 -12.57
CA GLY A 527 -46.93 -21.34 -12.65
C GLY A 527 -47.21 -20.46 -11.44
N MET A 528 -48.37 -19.81 -11.42
CA MET A 528 -48.86 -18.99 -10.27
C MET A 528 -50.33 -19.33 -10.00
N PHE A 529 -50.74 -19.34 -8.73
CA PHE A 529 -52.14 -19.48 -8.28
C PHE A 529 -52.94 -18.21 -8.64
N MET A 530 -54.26 -18.29 -8.61
CA MET A 530 -55.12 -17.11 -8.86
C MET A 530 -54.85 -16.06 -7.77
N SER A 531 -54.75 -16.53 -6.51
CA SER A 531 -54.36 -15.72 -5.33
C SER A 531 -53.21 -14.79 -5.70
N GLN A 532 -52.19 -15.30 -6.38
CA GLN A 532 -50.94 -14.52 -6.66
C GLN A 532 -51.17 -13.53 -7.81
N PHE A 533 -52.23 -13.71 -8.63
CA PHE A 533 -52.63 -12.75 -9.69
C PHE A 533 -53.60 -11.67 -9.14
N VAL A 534 -54.51 -12.00 -8.23
CA VAL A 534 -55.58 -11.08 -7.74
C VAL A 534 -55.19 -10.40 -6.41
N ASN A 535 -54.20 -10.94 -5.69
CA ASN A 535 -53.75 -10.43 -4.38
C ASN A 535 -52.24 -10.50 -4.27
N PRO A 536 -51.47 -9.96 -5.25
CA PRO A 536 -50.02 -10.10 -5.25
C PRO A 536 -49.35 -9.57 -3.98
N TYR A 537 -49.83 -8.47 -3.42
CA TYR A 537 -49.17 -7.79 -2.28
C TYR A 537 -49.11 -8.71 -1.06
N LYS A 538 -50.03 -9.67 -0.95
CA LYS A 538 -50.10 -10.68 0.14
C LYS A 538 -48.89 -11.63 0.10
N TYR A 539 -48.25 -11.77 -1.06
CA TYR A 539 -47.11 -12.71 -1.28
C TYR A 539 -45.78 -11.95 -1.17
N THR A 540 -45.88 -10.69 -0.73
CA THR A 540 -44.83 -9.73 -0.34
C THR A 540 -44.10 -9.27 -1.61
N ILE A 541 -44.24 -8.00 -1.96
CA ILE A 541 -43.57 -7.39 -3.14
C ILE A 541 -42.74 -6.20 -2.64
N HIS A 542 -41.43 -6.42 -2.52
CA HIS A 542 -40.41 -5.40 -2.12
C HIS A 542 -40.42 -4.26 -3.13
N TYR A 543 -40.35 -3.02 -2.69
CA TYR A 543 -40.09 -1.87 -3.57
C TYR A 543 -38.75 -2.08 -4.25
N GLY A 544 -38.73 -1.88 -5.58
CA GLY A 544 -37.51 -1.76 -6.39
C GLY A 544 -37.52 -2.73 -7.54
N PHE A 545 -38.37 -3.75 -7.46
CA PHE A 545 -38.48 -4.86 -8.44
C PHE A 545 -39.17 -4.32 -9.71
N TYR A 546 -40.46 -3.97 -9.62
CA TYR A 546 -41.27 -3.44 -10.75
C TYR A 546 -40.75 -2.09 -11.22
N GLU A 547 -40.03 -1.35 -10.36
CA GLU A 547 -39.54 0.03 -10.62
C GLU A 547 -38.20 0.02 -11.38
N SER A 548 -37.55 -1.15 -11.52
CA SER A 548 -36.17 -1.30 -12.05
C SER A 548 -36.05 -2.34 -13.18
N CYS A 549 -36.82 -3.44 -13.14
CA CYS A 549 -36.57 -4.67 -13.94
C CYS A 549 -37.46 -4.76 -15.18
N GLY A 550 -37.86 -3.61 -15.72
CA GLY A 550 -38.67 -3.52 -16.94
C GLY A 550 -39.04 -2.07 -17.28
N PRO A 551 -39.60 -1.81 -18.48
CA PRO A 551 -40.25 -0.54 -18.75
C PRO A 551 -41.38 -0.42 -17.72
N GLY A 552 -41.62 0.78 -17.18
CA GLY A 552 -42.77 1.02 -16.28
C GLY A 552 -44.03 0.46 -16.97
N GLY A 553 -45.04 0.18 -16.13
CA GLY A 553 -46.39 -0.17 -16.60
C GLY A 553 -47.18 -0.82 -15.48
N GLU A 554 -48.42 -1.22 -15.74
CA GLU A 554 -49.40 -1.53 -14.66
C GLU A 554 -49.34 -3.02 -14.37
N LYS A 555 -49.50 -3.39 -13.10
CA LYS A 555 -49.90 -4.75 -12.67
C LYS A 555 -51.38 -4.96 -13.05
N LEU A 556 -51.80 -6.23 -13.19
CA LEU A 556 -53.21 -6.61 -13.50
C LEU A 556 -54.18 -5.89 -12.55
N ILE A 557 -53.92 -5.84 -11.23
CA ILE A 557 -54.84 -5.21 -10.23
C ILE A 557 -54.93 -3.71 -10.51
N GLU A 558 -53.84 -3.11 -11.00
CA GLU A 558 -53.77 -1.65 -11.27
C GLU A 558 -54.56 -1.37 -12.55
N TYR A 559 -54.34 -2.19 -13.58
CA TYR A 559 -55.08 -2.12 -14.86
C TYR A 559 -56.57 -2.15 -14.53
N VAL A 560 -56.99 -3.12 -13.71
CA VAL A 560 -58.45 -3.38 -13.49
C VAL A 560 -59.04 -2.27 -12.62
N GLU A 561 -58.33 -1.84 -11.56
CA GLU A 561 -58.71 -0.69 -10.70
C GLU A 561 -58.85 0.54 -11.60
N LYS A 562 -57.94 0.72 -12.54
CA LYS A 562 -58.03 1.83 -13.50
C LYS A 562 -59.27 1.66 -14.37
N GLU A 563 -59.61 0.45 -14.81
CA GLU A 563 -60.80 0.28 -15.70
C GLU A 563 -62.04 0.75 -14.94
N TRP A 564 -62.23 0.30 -13.70
CA TRP A 564 -63.47 0.54 -12.90
C TRP A 564 -63.57 1.99 -12.38
N LYS A 565 -62.43 2.69 -12.24
CA LYS A 565 -62.39 4.11 -11.78
C LYS A 565 -62.23 5.06 -12.97
N LYS A 566 -62.19 4.54 -14.19
CA LYS A 566 -62.02 5.33 -15.44
C LYS A 566 -60.81 6.26 -15.34
N GLN A 567 -59.67 5.79 -14.85
CA GLN A 567 -58.39 6.52 -15.01
C GLN A 567 -57.72 5.99 -16.28
N PRO A 568 -56.90 6.79 -16.98
CA PRO A 568 -56.16 6.29 -18.15
C PRO A 568 -55.00 5.32 -17.81
N HIS A 569 -54.63 4.47 -18.77
CA HIS A 569 -53.50 3.50 -18.62
C HIS A 569 -52.21 4.12 -19.16
N VAL A 570 -51.12 3.93 -18.42
CA VAL A 570 -49.75 4.47 -18.68
C VAL A 570 -48.81 3.26 -18.78
N GLY A 571 -48.05 3.13 -19.87
CA GLY A 571 -46.92 2.20 -19.96
C GLY A 571 -47.33 0.82 -20.43
N GLU A 572 -46.60 -0.22 -19.98
CA GLU A 572 -46.72 -1.64 -20.43
C GLU A 572 -47.83 -2.34 -19.63
N LEU A 573 -48.81 -2.89 -20.34
CA LEU A 573 -50.11 -3.35 -19.79
C LEU A 573 -50.20 -4.87 -19.85
N PRO A 574 -50.82 -5.50 -18.83
CA PRO A 574 -50.82 -6.96 -18.70
C PRO A 574 -51.46 -7.69 -19.88
N LEU A 575 -52.61 -7.23 -20.37
CA LEU A 575 -53.33 -7.88 -21.50
C LEU A 575 -52.51 -7.83 -22.79
N ASP A 576 -51.71 -6.78 -23.00
CA ASP A 576 -50.77 -6.69 -24.15
C ASP A 576 -49.73 -7.82 -24.08
N ILE A 577 -49.18 -8.06 -22.89
CA ILE A 577 -48.05 -8.99 -22.66
C ILE A 577 -48.55 -10.41 -22.96
N ILE A 578 -49.60 -10.85 -22.29
CA ILE A 578 -50.13 -12.22 -22.51
C ILE A 578 -50.41 -12.38 -24.02
N ASN A 579 -50.87 -11.34 -24.71
CA ASN A 579 -51.06 -11.37 -26.19
C ASN A 579 -49.70 -11.62 -26.86
N GLN A 580 -48.71 -10.79 -26.54
CA GLN A 580 -47.34 -10.92 -27.08
C GLN A 580 -46.82 -12.34 -26.79
N VAL A 581 -46.96 -12.77 -25.53
CA VAL A 581 -46.32 -13.99 -24.97
C VAL A 581 -46.88 -15.24 -25.65
N ILE A 582 -48.17 -15.29 -26.01
CA ILE A 582 -48.68 -16.51 -26.72
C ILE A 582 -48.27 -16.45 -28.19
N GLU A 583 -48.12 -15.26 -28.78
CA GLU A 583 -47.57 -15.16 -30.15
C GLU A 583 -46.09 -15.55 -30.13
N HIS A 584 -45.34 -15.21 -29.08
CA HIS A 584 -43.96 -15.72 -28.90
C HIS A 584 -43.98 -17.27 -28.95
N GLY A 585 -44.83 -17.89 -28.12
CA GLY A 585 -44.98 -19.35 -28.04
C GLY A 585 -45.29 -20.00 -29.40
N ASP A 586 -46.43 -19.69 -29.99
CA ASP A 586 -46.85 -20.13 -31.36
C ASP A 586 -45.70 -20.07 -32.37
N LYS A 587 -44.97 -18.94 -32.46
CA LYS A 587 -43.92 -18.73 -33.49
C LYS A 587 -42.69 -19.58 -33.19
N ALA A 588 -42.29 -19.74 -31.93
CA ALA A 588 -41.09 -20.53 -31.54
C ALA A 588 -41.33 -22.00 -31.91
N VAL A 589 -42.55 -22.47 -31.68
CA VAL A 589 -43.03 -23.83 -32.03
C VAL A 589 -43.08 -23.99 -33.54
N ALA A 590 -43.69 -23.06 -34.27
CA ALA A 590 -43.78 -23.11 -35.76
C ALA A 590 -42.34 -23.10 -36.33
N ALA A 591 -41.43 -22.38 -35.69
CA ALA A 591 -40.03 -22.28 -36.12
C ALA A 591 -39.29 -23.61 -35.93
N ILE A 592 -39.28 -24.21 -34.74
CA ILE A 592 -38.44 -25.40 -34.45
C ILE A 592 -39.03 -26.65 -35.13
N ASP A 593 -40.35 -26.68 -35.33
CA ASP A 593 -41.06 -27.86 -35.89
C ASP A 593 -40.68 -28.05 -37.36
N LYS A 594 -40.27 -26.97 -38.03
CA LYS A 594 -39.83 -26.99 -39.46
C LYS A 594 -38.48 -27.68 -39.57
N VAL A 595 -37.62 -27.51 -38.57
CA VAL A 595 -36.14 -27.72 -38.67
C VAL A 595 -35.70 -29.04 -38.02
N VAL A 596 -36.54 -29.68 -37.20
CA VAL A 596 -36.16 -30.69 -36.16
C VAL A 596 -35.72 -32.02 -36.78
N SER A 597 -36.27 -32.41 -37.94
CA SER A 597 -35.95 -33.72 -38.56
C SER A 597 -34.82 -33.57 -39.60
N SER A 598 -34.23 -32.38 -39.76
CA SER A 598 -33.12 -32.08 -40.71
C SER A 598 -31.76 -32.45 -40.08
N ALA A 599 -31.71 -32.68 -38.77
CA ALA A 599 -30.46 -32.74 -37.99
C ALA A 599 -29.63 -33.92 -38.49
N LYS A 600 -28.35 -33.69 -38.80
CA LYS A 600 -27.39 -34.77 -39.12
C LYS A 600 -26.54 -35.07 -37.88
N LYS A 601 -26.79 -34.39 -36.76
CA LYS A 601 -25.87 -34.30 -35.59
C LYS A 601 -26.59 -33.68 -34.39
N ASN A 602 -26.33 -34.18 -33.18
CA ASN A 602 -27.02 -33.76 -31.93
C ASN A 602 -28.54 -33.78 -32.15
N SER A 603 -29.05 -34.65 -33.01
CA SER A 603 -30.49 -34.79 -33.33
C SER A 603 -31.32 -34.99 -32.06
N ASP A 604 -30.83 -35.73 -31.06
CA ASP A 604 -31.55 -35.98 -29.79
C ASP A 604 -31.70 -34.65 -29.03
N GLU A 605 -30.64 -33.87 -29.02
CA GLU A 605 -30.63 -32.52 -28.39
C GLU A 605 -31.64 -31.63 -29.12
N LEU A 606 -31.65 -31.64 -30.46
CA LEU A 606 -32.59 -30.78 -31.22
C LEU A 606 -34.04 -31.13 -30.83
N ARG A 607 -34.34 -32.43 -30.67
CA ARG A 607 -35.66 -32.94 -30.18
C ARG A 607 -35.96 -32.42 -28.77
N ARG A 608 -34.97 -32.23 -27.89
CA ARG A 608 -35.21 -31.69 -26.52
C ARG A 608 -35.45 -30.17 -26.60
N LEU A 609 -34.88 -29.50 -27.58
CA LEU A 609 -35.13 -28.06 -27.85
C LEU A 609 -36.57 -27.88 -28.31
N GLN A 610 -37.05 -28.77 -29.18
CA GLN A 610 -38.44 -28.76 -29.71
C GLN A 610 -39.43 -29.01 -28.55
N ASN A 611 -39.14 -29.91 -27.62
CA ASN A 611 -40.06 -30.26 -26.51
C ASN A 611 -40.12 -29.04 -25.58
N ASP A 612 -38.95 -28.46 -25.32
CA ASP A 612 -38.77 -27.19 -24.59
C ASP A 612 -39.68 -26.09 -25.17
N MET A 613 -39.72 -25.89 -26.50
CA MET A 613 -40.51 -24.77 -27.09
C MET A 613 -42.01 -25.08 -26.92
N HIS A 614 -42.41 -26.35 -27.06
CA HIS A 614 -43.81 -26.82 -26.84
C HIS A 614 -44.19 -26.64 -25.36
N CYS A 615 -43.24 -26.82 -24.43
CA CYS A 615 -43.37 -26.51 -22.99
C CYS A 615 -43.67 -25.01 -22.80
N TYR A 616 -42.84 -24.13 -23.38
CA TYR A 616 -42.97 -22.66 -23.30
C TYR A 616 -44.31 -22.24 -23.93
N ARG A 617 -44.73 -22.90 -25.01
CA ARG A 617 -46.03 -22.60 -25.66
C ARG A 617 -47.21 -22.98 -24.74
N GLU A 618 -47.19 -24.17 -24.13
CA GLU A 618 -48.33 -24.65 -23.30
C GLU A 618 -48.34 -23.84 -22.01
N TYR A 619 -47.17 -23.44 -21.52
CA TYR A 619 -47.03 -22.59 -20.32
C TYR A 619 -47.62 -21.21 -20.62
N ALA A 620 -47.21 -20.59 -21.74
CA ALA A 620 -47.73 -19.30 -22.24
C ALA A 620 -49.27 -19.30 -22.30
N TYR A 621 -49.87 -20.34 -22.87
CA TYR A 621 -51.34 -20.44 -23.04
C TYR A 621 -52.04 -20.67 -21.70
N ALA A 622 -51.50 -21.60 -20.89
CA ALA A 622 -51.90 -21.83 -19.49
C ALA A 622 -51.94 -20.47 -18.80
N PHE A 623 -50.87 -19.69 -18.93
CA PHE A 623 -50.66 -18.39 -18.23
C PHE A 623 -51.65 -17.36 -18.77
N TYR A 624 -51.77 -17.28 -20.10
CA TYR A 624 -52.67 -16.35 -20.80
C TYR A 624 -54.07 -16.51 -20.21
N TYR A 625 -54.61 -17.72 -20.27
CA TYR A 625 -56.01 -18.03 -19.86
C TYR A 625 -56.20 -17.76 -18.35
N LYS A 626 -55.13 -17.91 -17.58
CA LYS A 626 -55.23 -17.82 -16.10
C LYS A 626 -55.41 -16.36 -15.75
N VAL A 627 -54.56 -15.49 -16.32
CA VAL A 627 -54.59 -14.01 -16.16
C VAL A 627 -55.95 -13.52 -16.60
N LYS A 628 -56.48 -14.06 -17.71
CA LYS A 628 -57.77 -13.61 -18.30
C LYS A 628 -58.85 -13.85 -17.23
N ALA A 629 -58.88 -15.06 -16.68
CA ALA A 629 -59.75 -15.47 -15.55
C ALA A 629 -59.55 -14.55 -14.32
N ALA A 630 -58.32 -14.15 -14.03
CA ALA A 630 -58.01 -13.33 -12.85
C ALA A 630 -58.69 -11.96 -12.97
N GLN A 631 -58.60 -11.32 -14.15
CA GLN A 631 -59.25 -10.04 -14.51
C GLN A 631 -60.74 -10.17 -14.14
N HIS A 632 -61.32 -11.31 -14.49
CA HIS A 632 -62.77 -11.59 -14.34
C HIS A 632 -63.10 -11.68 -12.86
N VAL A 633 -62.23 -12.27 -12.03
CA VAL A 633 -62.47 -12.35 -10.56
C VAL A 633 -62.25 -10.97 -9.92
N LEU A 634 -61.30 -10.18 -10.41
CA LEU A 634 -61.06 -8.78 -9.98
C LEU A 634 -62.26 -7.91 -10.31
N ASN A 635 -62.89 -8.12 -11.47
CA ASN A 635 -64.09 -7.35 -11.88
C ASN A 635 -65.22 -7.66 -10.88
N TYR A 636 -65.34 -8.92 -10.46
CA TYR A 636 -66.31 -9.33 -9.42
C TYR A 636 -66.00 -8.57 -8.13
N HIS A 637 -64.71 -8.42 -7.82
CA HIS A 637 -64.25 -7.69 -6.61
C HIS A 637 -64.83 -6.26 -6.60
N TRP A 638 -64.83 -5.57 -7.75
CA TRP A 638 -65.20 -4.13 -7.89
C TRP A 638 -66.71 -3.94 -8.15
N GLY A 639 -67.37 -4.80 -8.94
CA GLY A 639 -68.80 -4.65 -9.33
C GLY A 639 -69.76 -5.67 -8.72
N LYS A 640 -69.24 -6.80 -8.22
CA LYS A 640 -70.00 -7.93 -7.60
C LYS A 640 -71.06 -8.45 -8.57
N ASN A 641 -70.73 -8.54 -9.85
CA ASN A 641 -71.57 -9.19 -10.88
C ASN A 641 -71.21 -10.69 -10.89
N MET A 642 -72.18 -11.58 -10.68
CA MET A 642 -71.90 -13.05 -10.59
C MET A 642 -71.40 -13.56 -11.95
N ASP A 643 -71.97 -13.06 -13.06
CA ASP A 643 -71.59 -13.38 -14.45
C ASP A 643 -70.06 -13.38 -14.56
N GLU A 644 -69.44 -12.41 -13.90
CA GLU A 644 -67.98 -12.19 -13.91
C GLU A 644 -67.29 -13.46 -13.41
N LEU A 645 -67.74 -14.02 -12.27
CA LEU A 645 -67.18 -15.27 -11.70
C LEU A 645 -67.48 -16.44 -12.63
N ASP A 646 -68.71 -16.58 -13.13
CA ASP A 646 -69.06 -17.69 -14.06
C ASP A 646 -68.05 -17.70 -15.21
N LYS A 647 -67.77 -16.54 -15.81
CA LYS A 647 -66.83 -16.40 -16.96
C LYS A 647 -65.45 -16.96 -16.58
N ALA A 648 -65.02 -16.75 -15.35
CA ALA A 648 -63.69 -17.20 -14.89
C ALA A 648 -63.53 -18.72 -15.01
N VAL A 649 -64.61 -19.50 -14.84
CA VAL A 649 -64.53 -20.99 -14.76
C VAL A 649 -64.03 -21.55 -16.09
N PRO A 650 -64.69 -21.31 -17.25
CA PRO A 650 -64.18 -21.75 -18.55
C PRO A 650 -62.70 -21.43 -18.80
N LEU A 651 -62.25 -20.25 -18.39
CA LEU A 651 -60.87 -19.76 -18.58
C LEU A 651 -59.92 -20.54 -17.66
N MET A 652 -60.34 -20.86 -16.43
CA MET A 652 -59.55 -21.67 -15.46
C MET A 652 -59.43 -23.11 -15.97
N GLU A 653 -60.51 -23.66 -16.55
CA GLU A 653 -60.56 -25.00 -17.23
C GLU A 653 -59.53 -25.04 -18.37
N GLU A 654 -59.59 -24.03 -19.24
CA GLU A 654 -58.72 -23.94 -20.43
C GLU A 654 -57.28 -23.77 -19.94
N SER A 655 -57.01 -22.93 -18.93
CA SER A 655 -55.64 -22.81 -18.36
C SER A 655 -55.14 -24.21 -18.00
N LEU A 656 -55.96 -24.96 -17.26
CA LEU A 656 -55.69 -26.32 -16.71
C LEU A 656 -55.44 -27.34 -17.83
N LYS A 657 -56.16 -27.19 -18.94
CA LYS A 657 -56.01 -28.04 -20.15
C LYS A 657 -54.55 -27.93 -20.60
N HIS A 658 -54.10 -26.69 -20.80
CA HIS A 658 -52.74 -26.36 -21.29
C HIS A 658 -51.70 -26.78 -20.25
N TYR A 659 -51.98 -26.70 -18.96
CA TYR A 659 -51.02 -27.16 -17.92
C TYR A 659 -50.95 -28.69 -17.95
N THR A 660 -52.07 -29.37 -18.18
CA THR A 660 -52.13 -30.85 -18.29
C THR A 660 -51.24 -31.28 -19.46
N LYS A 661 -51.26 -30.50 -20.56
CA LYS A 661 -50.44 -30.73 -21.78
C LYS A 661 -48.96 -30.51 -21.41
N LEU A 662 -48.63 -29.47 -20.66
CA LEU A 662 -47.25 -29.20 -20.16
C LEU A 662 -46.70 -30.43 -19.42
N VAL A 663 -47.46 -30.98 -18.46
CA VAL A 663 -47.05 -32.14 -17.64
C VAL A 663 -46.64 -33.32 -18.54
N ASP A 664 -47.43 -33.70 -19.55
CA ASP A 664 -47.05 -34.80 -20.49
C ASP A 664 -45.65 -34.53 -21.05
N LEU A 665 -45.38 -33.29 -21.44
CA LEU A 665 -44.10 -32.94 -22.07
C LEU A 665 -42.98 -33.00 -21.01
N THR A 666 -43.24 -32.54 -19.77
CA THR A 666 -42.20 -32.40 -18.71
C THR A 666 -41.98 -33.71 -17.94
N LYS A 667 -43.03 -34.52 -17.75
CA LYS A 667 -43.01 -35.68 -16.82
C LYS A 667 -41.98 -36.74 -17.26
N ASP A 668 -41.59 -36.80 -18.54
CA ASP A 668 -40.54 -37.73 -19.07
C ASP A 668 -39.32 -36.98 -19.62
N THR A 669 -39.13 -35.69 -19.32
CA THR A 669 -38.00 -34.92 -19.91
C THR A 669 -37.30 -34.06 -18.86
N TYR A 670 -37.86 -33.93 -17.66
CA TYR A 670 -37.32 -33.03 -16.60
C TYR A 670 -37.47 -33.73 -15.27
N LEU A 671 -36.42 -33.67 -14.46
CA LEU A 671 -36.38 -34.21 -13.08
C LEU A 671 -37.08 -33.22 -12.15
N PHE A 672 -36.98 -31.94 -12.48
CA PHE A 672 -37.52 -30.82 -11.66
C PHE A 672 -37.43 -29.55 -12.48
N ALA A 673 -37.88 -28.45 -11.90
CA ALA A 673 -37.80 -27.08 -12.46
C ALA A 673 -36.79 -26.27 -11.63
N ASN A 674 -37.11 -26.00 -10.37
CA ASN A 674 -36.20 -25.31 -9.41
C ASN A 674 -35.03 -26.21 -9.01
N SER A 675 -33.82 -25.64 -8.95
CA SER A 675 -32.59 -26.29 -8.46
C SER A 675 -32.32 -25.95 -6.99
N MET A 676 -32.72 -24.78 -6.49
CA MET A 676 -32.79 -24.53 -5.03
C MET A 676 -34.08 -25.21 -4.54
N GLN A 677 -33.95 -26.39 -3.92
CA GLN A 677 -35.09 -27.26 -3.57
C GLN A 677 -35.23 -27.29 -2.04
N THR A 678 -35.41 -26.09 -1.48
CA THR A 678 -35.54 -25.82 -0.03
C THR A 678 -36.75 -24.93 0.24
N ALA A 679 -37.00 -24.65 1.52
CA ALA A 679 -38.16 -23.90 2.03
C ALA A 679 -37.92 -22.41 1.86
N GLN A 680 -36.79 -22.05 1.26
CA GLN A 680 -36.55 -20.69 0.75
C GLN A 680 -37.34 -20.47 -0.55
N ARG A 681 -37.86 -21.52 -1.17
CA ARG A 681 -38.74 -21.37 -2.37
C ARG A 681 -40.18 -21.23 -1.88
N ARG A 682 -40.77 -20.03 -2.03
CA ARG A 682 -42.10 -19.74 -1.46
C ARG A 682 -43.18 -19.67 -2.54
N ILE A 683 -42.85 -19.35 -3.81
CA ILE A 683 -43.83 -19.14 -4.92
C ILE A 683 -43.59 -20.11 -6.08
N PRO A 684 -44.61 -20.86 -6.57
CA PRO A 684 -46.01 -20.69 -6.19
C PRO A 684 -46.46 -21.23 -4.82
N ILE A 685 -45.58 -21.97 -4.17
CA ILE A 685 -45.81 -22.62 -2.84
C ILE A 685 -44.44 -23.02 -2.27
N GLY A 686 -44.39 -23.45 -1.01
CA GLY A 686 -43.20 -24.01 -0.34
C GLY A 686 -42.52 -25.09 -1.18
N GLY A 687 -41.19 -25.02 -1.28
CA GLY A 687 -40.32 -26.08 -1.78
C GLY A 687 -39.64 -26.79 -0.64
N ASP A 688 -40.23 -26.70 0.56
CA ASP A 688 -39.84 -27.49 1.77
C ASP A 688 -39.43 -28.92 1.36
N ASP A 689 -38.26 -29.38 1.83
CA ASP A 689 -37.73 -30.78 1.75
C ASP A 689 -37.63 -31.27 0.31
N GLY A 690 -37.64 -30.39 -0.69
CA GLY A 690 -37.58 -30.76 -2.11
C GLY A 690 -38.93 -31.01 -2.77
N ASN A 691 -40.04 -30.86 -2.05
CA ASN A 691 -41.40 -31.02 -2.65
C ASN A 691 -41.71 -29.84 -3.56
N ASN A 692 -42.67 -30.07 -4.45
CA ASN A 692 -43.35 -28.99 -5.21
C ASN A 692 -42.31 -28.43 -6.17
N LYS A 693 -41.49 -29.32 -6.74
CA LYS A 693 -40.38 -28.99 -7.68
C LYS A 693 -40.62 -29.64 -9.07
N THR A 694 -41.86 -30.11 -9.31
CA THR A 694 -42.32 -30.67 -10.61
C THR A 694 -43.70 -30.18 -11.01
N TRP A 695 -43.90 -30.00 -12.32
CA TRP A 695 -45.20 -29.66 -12.93
C TRP A 695 -46.28 -30.64 -12.47
N SER A 696 -45.98 -31.95 -12.36
CA SER A 696 -46.95 -33.00 -11.92
C SER A 696 -47.51 -32.63 -10.54
N GLU A 697 -46.64 -32.43 -9.55
CA GLU A 697 -47.02 -31.99 -8.19
C GLU A 697 -47.92 -30.76 -8.23
N MET A 698 -47.64 -29.81 -9.12
CA MET A 698 -48.35 -28.50 -9.13
C MET A 698 -49.77 -28.69 -9.69
N LEU A 699 -49.91 -29.54 -10.72
CA LEU A 699 -51.22 -29.86 -11.33
C LEU A 699 -52.20 -30.29 -10.23
N VAL A 700 -51.69 -31.01 -9.22
CA VAL A 700 -52.51 -31.55 -8.09
C VAL A 700 -53.14 -30.36 -7.37
N HIS A 701 -52.32 -29.35 -7.02
CA HIS A 701 -52.74 -28.10 -6.34
C HIS A 701 -53.56 -27.20 -7.27
N TYR A 702 -53.28 -27.12 -8.57
CA TYR A 702 -54.03 -26.22 -9.48
C TYR A 702 -55.45 -26.79 -9.67
N LYS A 703 -55.57 -28.12 -9.73
CA LYS A 703 -56.88 -28.84 -9.79
C LYS A 703 -57.73 -28.53 -8.54
N ALA A 704 -57.16 -28.75 -7.35
CA ALA A 704 -57.79 -28.43 -6.05
C ALA A 704 -58.27 -26.97 -6.08
N GLU A 705 -57.40 -26.04 -6.53
CA GLU A 705 -57.72 -24.60 -6.72
C GLU A 705 -59.11 -24.43 -7.37
N LEU A 706 -59.34 -25.02 -8.55
CA LEU A 706 -60.63 -24.94 -9.29
C LEU A 706 -61.77 -25.62 -8.52
N TYR A 707 -61.53 -26.81 -7.91
CA TYR A 707 -62.58 -27.51 -7.12
C TYR A 707 -63.11 -26.52 -6.09
N ASN A 708 -62.20 -25.92 -5.30
CA ASN A 708 -62.54 -24.93 -4.23
C ASN A 708 -63.34 -23.79 -4.86
N PHE A 709 -62.86 -23.28 -5.99
CA PHE A 709 -63.44 -22.10 -6.70
C PHE A 709 -64.90 -22.41 -7.04
N LYS A 710 -65.16 -23.53 -7.70
CA LYS A 710 -66.52 -23.93 -8.20
C LYS A 710 -67.44 -24.27 -7.03
N GLU A 711 -66.87 -24.78 -5.93
CA GLU A 711 -67.59 -25.00 -4.66
C GLU A 711 -68.01 -23.64 -4.06
N ASN A 712 -67.07 -22.69 -4.01
CA ASN A 712 -67.28 -21.34 -3.42
C ASN A 712 -68.34 -20.61 -4.23
N ILE A 713 -68.27 -20.64 -5.57
CA ILE A 713 -69.30 -20.03 -6.47
C ILE A 713 -70.67 -20.59 -6.12
N GLU A 714 -70.80 -21.92 -6.04
CA GLU A 714 -72.07 -22.66 -5.82
C GLU A 714 -72.73 -22.25 -4.49
N MET A 715 -71.93 -22.03 -3.46
CA MET A 715 -72.38 -21.57 -2.12
C MET A 715 -72.87 -20.11 -2.20
N LEU A 716 -72.16 -19.25 -2.93
CA LEU A 716 -72.58 -17.85 -3.23
C LEU A 716 -73.95 -17.86 -3.91
N LYS A 717 -74.21 -18.78 -4.84
CA LYS A 717 -75.43 -18.85 -5.70
C LYS A 717 -76.60 -19.45 -4.93
N ASP A 718 -76.37 -20.34 -3.95
CA ASP A 718 -77.46 -20.84 -3.04
C ASP A 718 -77.59 -19.94 -1.80
N LYS A 719 -76.56 -19.84 -0.95
CA LYS A 719 -76.66 -19.23 0.41
C LYS A 719 -76.35 -17.72 0.42
N LYS A 720 -75.77 -17.17 -0.65
CA LYS A 720 -75.24 -15.77 -0.69
C LYS A 720 -74.37 -15.46 0.55
N VAL A 721 -73.53 -16.40 0.97
CA VAL A 721 -72.53 -16.22 2.07
C VAL A 721 -71.16 -16.60 1.52
N ARG A 722 -70.12 -15.86 1.93
CA ARG A 722 -68.70 -16.22 1.70
C ARG A 722 -68.14 -16.71 3.03
N LYS A 723 -66.94 -17.30 2.97
CA LYS A 723 -66.08 -17.62 4.14
C LYS A 723 -65.17 -16.41 4.37
N CYS A 724 -65.13 -15.92 5.61
CA CYS A 724 -64.19 -14.85 6.04
C CYS A 724 -63.59 -15.29 7.37
N VAL A 725 -62.50 -14.64 7.79
CA VAL A 725 -61.78 -14.96 9.04
C VAL A 725 -62.76 -14.80 10.23
N GLU A 726 -62.90 -15.84 11.07
CA GLU A 726 -63.41 -15.70 12.45
C GLU A 726 -62.22 -15.28 13.31
N VAL A 727 -62.38 -14.19 14.06
CA VAL A 727 -61.28 -13.55 14.83
C VAL A 727 -61.47 -13.97 16.29
N THR A 728 -60.56 -14.79 16.81
CA THR A 728 -60.56 -15.29 18.21
C THR A 728 -59.19 -15.09 18.82
N PRO A 729 -59.12 -14.71 20.12
CA PRO A 729 -57.84 -14.60 20.80
C PRO A 729 -57.07 -15.93 20.65
N LEU A 730 -55.78 -15.83 20.32
CA LEU A 730 -54.75 -16.89 20.44
C LEU A 730 -54.51 -17.15 21.92
N LYS A 731 -54.66 -18.41 22.35
CA LYS A 731 -54.45 -18.81 23.76
C LYS A 731 -52.94 -18.95 23.98
N GLU A 732 -52.50 -18.49 25.14
CA GLU A 732 -51.09 -18.33 25.54
C GLU A 732 -50.45 -19.72 25.75
N ALA A 733 -49.30 -19.96 25.13
CA ALA A 733 -48.52 -21.22 25.24
C ALA A 733 -47.97 -21.31 26.66
N ASP A 734 -47.72 -22.53 27.15
CA ASP A 734 -47.07 -22.81 28.46
C ASP A 734 -45.56 -22.80 28.24
N VAL A 735 -44.96 -21.62 28.19
CA VAL A 735 -43.53 -21.39 27.85
C VAL A 735 -42.81 -20.89 29.10
N LYS A 736 -41.55 -21.29 29.32
CA LYS A 736 -40.66 -20.71 30.36
C LYS A 736 -39.50 -19.99 29.68
N ILE A 737 -39.13 -18.81 30.20
CA ILE A 737 -38.14 -17.87 29.63
C ILE A 737 -36.85 -17.98 30.45
N LEU A 738 -35.72 -18.20 29.80
CA LEU A 738 -34.47 -18.65 30.46
C LEU A 738 -33.48 -17.48 30.70
N ASN A 739 -33.63 -16.33 30.03
CA ASN A 739 -32.66 -15.19 30.11
C ASN A 739 -33.30 -13.95 30.75
N ASN A 740 -34.12 -14.16 31.78
CA ASN A 740 -34.59 -13.06 32.66
C ASN A 740 -34.95 -11.85 31.80
N LEU A 741 -35.93 -12.00 30.90
CA LEU A 741 -36.65 -10.87 30.22
C LEU A 741 -37.71 -10.31 31.18
N THR A 742 -38.13 -9.08 30.97
CA THR A 742 -39.28 -8.47 31.67
C THR A 742 -40.54 -8.88 30.88
N LYS A 743 -41.53 -9.41 31.60
CA LYS A 743 -42.86 -9.69 31.03
C LYS A 743 -43.74 -8.44 31.09
N VAL A 744 -44.65 -8.31 30.14
CA VAL A 744 -45.80 -7.35 30.16
C VAL A 744 -47.00 -8.04 29.52
N LYS A 745 -48.21 -7.78 30.02
CA LYS A 745 -49.46 -8.23 29.35
C LYS A 745 -49.64 -7.37 28.09
N ILE A 746 -50.11 -7.95 26.98
CA ILE A 746 -50.35 -7.21 25.71
C ILE A 746 -51.84 -6.85 25.60
N GLU A 747 -52.14 -5.54 25.64
CA GLU A 747 -53.48 -4.91 25.71
C GLU A 747 -53.33 -3.40 25.40
N LYS A 748 -54.40 -2.68 25.08
CA LYS A 748 -54.27 -1.22 24.87
C LYS A 748 -53.62 -0.62 26.11
N GLY A 749 -52.45 -0.01 25.94
CA GLY A 749 -51.80 0.84 26.96
C GLY A 749 -50.46 0.31 27.41
N ALA A 750 -50.21 -0.98 27.24
CA ALA A 750 -48.98 -1.65 27.70
C ALA A 750 -47.79 -0.95 27.03
N LYS A 751 -46.75 -0.67 27.82
CA LYS A 751 -45.49 -0.10 27.29
C LYS A 751 -44.52 -1.23 26.92
N ILE A 752 -44.42 -1.56 25.63
CA ILE A 752 -43.51 -2.63 25.11
C ILE A 752 -42.11 -2.07 24.87
N PHE A 753 -41.99 -0.74 24.89
CA PHE A 753 -40.71 0.01 24.91
C PHE A 753 -40.63 0.78 26.22
N SER A 754 -39.58 0.53 27.01
CA SER A 754 -39.35 1.15 28.35
C SER A 754 -38.93 2.61 28.23
N ASN A 755 -38.49 3.06 27.04
CA ASN A 755 -37.73 4.32 26.83
C ASN A 755 -38.61 5.39 26.15
N ILE A 756 -39.83 5.04 25.69
CA ILE A 756 -40.81 6.03 25.16
C ILE A 756 -41.99 6.01 26.14
N ASP A 757 -42.70 7.13 26.35
CA ASP A 757 -43.90 7.18 27.23
C ASP A 757 -45.12 6.57 26.55
N GLY A 758 -45.08 6.38 25.22
CA GLY A 758 -46.21 5.86 24.44
C GLY A 758 -46.43 4.38 24.68
N GLY A 759 -47.66 4.02 25.05
CA GLY A 759 -48.15 2.63 25.09
C GLY A 759 -48.84 2.23 23.80
N ILE A 760 -49.47 1.05 23.78
CA ILE A 760 -50.20 0.50 22.61
C ILE A 760 -51.54 1.23 22.51
N ASP A 761 -51.88 1.73 21.31
CA ASP A 761 -53.15 2.47 21.04
C ASP A 761 -54.02 1.69 20.04
N ALA A 762 -53.52 0.61 19.44
CA ALA A 762 -54.28 -0.32 18.55
C ALA A 762 -53.68 -1.73 18.64
N ILE A 763 -54.50 -2.78 18.71
CA ILE A 763 -53.99 -4.15 18.95
C ILE A 763 -55.00 -5.17 18.42
N ALA A 764 -54.57 -6.04 17.52
CA ALA A 764 -55.41 -7.12 16.97
C ALA A 764 -55.96 -7.98 18.12
N LYS A 765 -57.25 -8.30 18.07
CA LYS A 765 -57.98 -9.10 19.09
C LYS A 765 -57.26 -10.43 19.35
N GLU A 766 -56.72 -11.06 18.28
CA GLU A 766 -55.87 -12.28 18.30
C GLU A 766 -54.80 -12.18 19.38
N ILE A 767 -54.19 -11.00 19.54
CA ILE A 767 -52.94 -10.80 20.34
C ILE A 767 -53.29 -10.42 21.79
N THR A 768 -54.45 -9.83 22.04
CA THR A 768 -54.74 -9.24 23.38
C THR A 768 -54.88 -10.40 24.36
N GLY A 769 -54.45 -10.19 25.61
CA GLY A 769 -54.33 -11.26 26.61
C GLY A 769 -52.93 -11.84 26.73
N LEU A 770 -52.21 -12.05 25.61
CA LEU A 770 -50.91 -12.78 25.54
C LEU A 770 -49.85 -12.12 26.43
N THR A 771 -48.85 -12.87 26.90
CA THR A 771 -47.72 -12.31 27.69
C THR A 771 -46.53 -12.11 26.75
N GLY A 772 -46.17 -10.85 26.55
CA GLY A 772 -45.04 -10.41 25.70
C GLY A 772 -43.93 -9.88 26.57
N PHE A 773 -43.05 -9.06 25.99
CA PHE A 773 -41.82 -8.54 26.65
C PHE A 773 -41.67 -7.01 26.50
N VAL A 774 -40.97 -6.41 27.47
CA VAL A 774 -40.57 -4.96 27.52
C VAL A 774 -39.07 -4.85 27.28
N PHE A 775 -38.64 -4.25 26.17
CA PHE A 775 -37.20 -3.97 25.87
C PHE A 775 -36.98 -2.46 25.75
N ASN A 776 -35.76 -2.00 26.00
CA ASN A 776 -35.28 -0.62 25.74
C ASN A 776 -34.93 -0.50 24.24
N GLY A 777 -35.69 0.28 23.48
CA GLY A 777 -35.46 0.48 22.04
C GLY A 777 -34.04 0.96 21.75
N GLU A 778 -33.49 1.83 22.61
CA GLU A 778 -32.09 2.33 22.51
C GLU A 778 -31.14 1.13 22.63
N LYS A 779 -31.39 0.27 23.60
CA LYS A 779 -30.56 -0.94 23.84
C LYS A 779 -30.66 -1.89 22.63
N GLN A 780 -31.82 -2.02 21.99
CA GLN A 780 -32.05 -2.83 20.76
C GLN A 780 -31.25 -2.29 19.56
N ARG A 781 -30.99 -0.99 19.47
CA ARG A 781 -30.18 -0.45 18.34
C ARG A 781 -28.74 -0.98 18.44
N ASP A 782 -28.16 -0.94 19.65
CA ASP A 782 -26.75 -1.29 19.94
C ASP A 782 -26.52 -2.81 19.98
N ASP A 783 -27.50 -3.61 20.36
CA ASP A 783 -27.24 -4.96 20.93
C ASP A 783 -28.22 -6.01 20.41
N ALA A 784 -29.33 -5.61 19.81
CA ALA A 784 -30.31 -6.62 19.35
C ALA A 784 -31.14 -7.09 20.55
N THR A 785 -31.54 -8.35 20.49
CA THR A 785 -32.69 -8.93 21.22
C THR A 785 -32.51 -10.45 21.12
N THR A 786 -32.00 -11.05 22.20
CA THR A 786 -31.84 -12.51 22.39
C THR A 786 -33.04 -12.99 23.21
N ILE A 787 -33.83 -13.91 22.67
CA ILE A 787 -34.93 -14.62 23.39
C ILE A 787 -34.44 -16.05 23.64
N GLU A 788 -34.50 -16.52 24.89
CA GLU A 788 -34.04 -17.87 25.29
C GLU A 788 -35.14 -18.51 26.12
N PHE A 789 -35.80 -19.51 25.57
CA PHE A 789 -37.04 -20.09 26.13
C PHE A 789 -37.02 -21.61 25.91
N GLU A 790 -37.77 -22.34 26.74
CA GLU A 790 -38.11 -23.77 26.56
C GLU A 790 -39.62 -23.86 26.43
N CYS A 791 -40.09 -24.86 25.66
CA CYS A 791 -41.52 -25.17 25.40
C CYS A 791 -41.66 -26.68 25.39
N SER A 792 -42.76 -27.20 25.96
CA SER A 792 -43.03 -28.66 26.11
C SER A 792 -43.91 -29.19 24.96
N SER A 793 -44.33 -28.35 24.03
CA SER A 793 -44.96 -28.71 22.73
C SER A 793 -44.76 -27.54 21.77
N PRO A 794 -45.05 -27.67 20.45
CA PRO A 794 -44.64 -26.66 19.48
C PRO A 794 -45.41 -25.35 19.68
N VAL A 795 -44.70 -24.22 19.51
CA VAL A 795 -45.21 -22.85 19.78
C VAL A 795 -44.84 -21.98 18.59
N THR A 796 -45.63 -20.95 18.34
CA THR A 796 -45.28 -19.79 17.50
C THR A 796 -44.99 -18.59 18.40
N MET A 797 -43.81 -17.95 18.25
CA MET A 797 -43.46 -16.63 18.86
C MET A 797 -43.94 -15.54 17.87
N LEU A 798 -44.75 -14.59 18.37
CA LEU A 798 -45.32 -13.46 17.60
C LEU A 798 -44.43 -12.24 17.76
N VAL A 799 -43.89 -11.73 16.64
CA VAL A 799 -42.83 -10.70 16.59
C VAL A 799 -43.33 -9.57 15.70
N ALA A 800 -43.33 -8.35 16.24
CA ALA A 800 -43.83 -7.11 15.59
C ALA A 800 -42.66 -6.34 14.96
N TYR A 801 -42.61 -6.25 13.62
CA TYR A 801 -41.69 -5.38 12.86
C TYR A 801 -42.46 -4.11 12.46
N PHE A 802 -41.94 -2.95 12.82
CA PHE A 802 -42.63 -1.66 12.55
C PHE A 802 -42.45 -1.30 11.06
N LYS A 803 -43.53 -0.83 10.45
CA LYS A 803 -43.55 -0.38 9.04
C LYS A 803 -43.02 1.06 8.99
N ASP A 804 -41.71 1.26 8.87
CA ASP A 804 -41.10 2.61 8.92
C ASP A 804 -39.64 2.51 8.45
N ASP A 805 -39.31 3.22 7.38
CA ASP A 805 -37.98 3.23 6.73
C ASP A 805 -36.91 3.78 7.69
N HIS A 806 -37.29 4.38 8.82
CA HIS A 806 -36.29 4.83 9.82
C HIS A 806 -35.45 3.62 10.23
N ARG A 807 -34.14 3.78 10.38
CA ARG A 807 -33.20 2.63 10.46
C ARG A 807 -33.08 2.19 11.93
N LYS A 808 -33.73 2.93 12.85
CA LYS A 808 -33.82 2.58 14.29
C LYS A 808 -34.63 1.29 14.45
N PHE A 809 -35.56 1.04 13.54
CA PHE A 809 -36.44 -0.15 13.49
C PHE A 809 -35.68 -1.34 12.90
N ALA A 810 -35.79 -2.52 13.51
CA ALA A 810 -35.33 -3.81 12.95
C ALA A 810 -36.11 -4.05 11.65
N LYS A 811 -35.41 -4.34 10.55
CA LYS A 811 -36.08 -4.69 9.26
C LYS A 811 -36.67 -6.10 9.38
N ALA A 812 -37.78 -6.35 8.69
CA ALA A 812 -38.51 -7.63 8.66
C ALA A 812 -37.63 -8.64 7.94
N PRO A 813 -37.80 -9.96 8.17
CA PRO A 813 -37.00 -10.96 7.46
C PRO A 813 -37.28 -10.81 5.95
N ARG A 814 -36.28 -11.11 5.12
CA ARG A 814 -36.32 -10.90 3.65
C ARG A 814 -35.44 -11.93 2.93
N LEU A 815 -36.05 -12.92 2.27
CA LEU A 815 -35.30 -14.05 1.67
C LEU A 815 -34.32 -13.56 0.58
N GLU A 816 -34.69 -12.53 -0.15
CA GLU A 816 -33.87 -12.00 -1.27
C GLU A 816 -32.46 -11.67 -0.75
N SER A 817 -32.30 -11.18 0.47
CA SER A 817 -30.99 -10.70 0.98
C SER A 817 -30.39 -11.72 2.00
N ASP A 818 -31.24 -12.64 2.48
CA ASP A 818 -30.96 -13.47 3.68
C ASP A 818 -31.58 -14.87 3.53
N ALA A 819 -30.79 -15.89 3.26
CA ALA A 819 -31.26 -17.28 3.06
C ALA A 819 -31.94 -17.85 4.31
N SER A 820 -31.64 -17.33 5.51
CA SER A 820 -32.13 -17.92 6.78
C SER A 820 -33.46 -17.29 7.22
N ALA A 821 -34.02 -16.40 6.38
CA ALA A 821 -35.20 -15.56 6.71
C ALA A 821 -36.48 -16.39 6.67
N ASN A 822 -36.44 -17.70 6.39
CA ASN A 822 -37.61 -18.59 6.60
C ASN A 822 -37.26 -19.79 7.51
N ASP A 823 -36.16 -19.75 8.27
CA ASP A 823 -35.69 -20.90 9.09
C ASP A 823 -36.70 -21.24 10.18
N TYR A 824 -37.44 -20.26 10.68
CA TYR A 824 -38.48 -20.43 11.72
C TYR A 824 -39.88 -20.25 11.10
N GLY A 825 -39.98 -20.17 9.77
CA GLY A 825 -41.23 -19.96 9.02
C GLY A 825 -41.69 -18.51 9.10
N GLN A 826 -40.73 -17.58 9.20
CA GLN A 826 -41.01 -16.16 9.50
C GLN A 826 -40.94 -15.30 8.23
N ALA A 827 -40.79 -15.86 7.03
CA ALA A 827 -40.52 -15.07 5.80
C ALA A 827 -41.67 -14.10 5.56
N GLU A 828 -42.91 -14.59 5.54
CA GLU A 828 -44.12 -13.77 5.25
C GLU A 828 -44.88 -13.50 6.56
N PRO A 829 -45.53 -12.33 6.74
CA PRO A 829 -46.27 -12.05 7.96
C PRO A 829 -47.67 -12.70 8.05
N VAL A 830 -48.18 -12.91 9.27
CA VAL A 830 -49.50 -13.55 9.52
C VAL A 830 -50.53 -12.48 9.87
N LEU A 831 -50.16 -11.46 10.63
CA LEU A 831 -51.11 -10.38 10.98
C LEU A 831 -50.48 -9.04 10.59
N THR A 832 -50.99 -8.42 9.52
CA THR A 832 -50.51 -7.13 8.96
C THR A 832 -51.35 -6.01 9.56
N ASN A 833 -50.72 -4.88 9.88
CA ASN A 833 -51.35 -3.62 10.41
C ASN A 833 -52.00 -3.92 11.76
N ALA A 834 -51.37 -4.74 12.58
CA ALA A 834 -51.99 -5.45 13.72
C ALA A 834 -51.64 -4.77 15.04
N LEU A 835 -50.55 -4.01 15.06
CA LEU A 835 -50.14 -3.30 16.31
C LEU A 835 -49.70 -1.88 15.96
N HIS A 836 -50.14 -0.92 16.77
CA HIS A 836 -49.65 0.49 16.77
C HIS A 836 -49.28 0.91 18.19
N VAL A 837 -48.07 1.44 18.38
CA VAL A 837 -47.63 2.12 19.65
C VAL A 837 -47.64 3.66 19.44
N LYS A 838 -48.14 4.43 20.40
CA LYS A 838 -48.31 5.90 20.22
C LYS A 838 -46.96 6.61 20.09
N GLY A 839 -46.78 7.33 18.99
CA GLY A 839 -45.52 8.05 18.69
C GLY A 839 -44.40 7.11 18.31
N VAL A 840 -44.73 5.92 17.80
CA VAL A 840 -43.75 4.99 17.18
C VAL A 840 -44.19 4.74 15.73
N ALA A 841 -45.09 3.78 15.48
CA ALA A 841 -45.48 3.35 14.11
C ALA A 841 -46.54 2.23 14.17
N LEU A 842 -46.94 1.77 12.99
CA LEU A 842 -47.75 0.55 12.74
C LEU A 842 -46.80 -0.65 12.64
N ALA A 843 -47.25 -1.85 12.98
CA ALA A 843 -46.42 -3.08 12.91
C ALA A 843 -47.18 -4.22 12.22
N ASP A 844 -46.46 -5.02 11.45
CA ASP A 844 -46.92 -6.37 11.03
C ASP A 844 -46.36 -7.39 12.03
N ILE A 845 -47.13 -8.43 12.33
CA ILE A 845 -46.74 -9.58 13.21
C ILE A 845 -46.22 -10.67 12.28
N TYR A 846 -45.07 -11.26 12.61
CA TYR A 846 -44.42 -12.37 11.86
C TYR A 846 -44.39 -13.60 12.78
N PRO A 847 -44.56 -14.83 12.26
CA PRO A 847 -44.44 -16.03 13.08
C PRO A 847 -43.05 -16.70 13.04
N TYR A 848 -42.53 -17.00 14.23
CA TYR A 848 -41.31 -17.81 14.50
C TYR A 848 -41.74 -19.14 15.14
N LYS A 849 -41.89 -20.18 14.32
CA LYS A 849 -42.40 -21.53 14.72
C LYS A 849 -41.20 -22.35 15.21
N PHE A 850 -41.37 -23.06 16.34
CA PHE A 850 -40.35 -23.86 17.07
C PHE A 850 -40.94 -25.20 17.49
N LYS A 851 -40.23 -26.31 17.32
CA LYS A 851 -40.57 -27.59 18.01
C LYS A 851 -40.53 -27.40 19.53
N ALA A 852 -41.18 -28.30 20.27
CA ALA A 852 -40.88 -28.58 21.70
C ALA A 852 -39.37 -28.80 21.85
N GLY A 853 -38.75 -28.12 22.79
CA GLY A 853 -37.28 -28.05 22.90
C GLY A 853 -36.83 -26.82 23.66
N ARG A 854 -35.54 -26.51 23.58
CA ARG A 854 -35.01 -25.31 24.27
C ARG A 854 -34.17 -24.56 23.25
N HIS A 855 -34.42 -23.25 23.15
CA HIS A 855 -34.17 -22.39 21.98
C HIS A 855 -33.51 -21.08 22.40
N THR A 856 -32.55 -20.60 21.62
CA THR A 856 -32.00 -19.23 21.68
C THR A 856 -32.06 -18.70 20.26
N LEU A 857 -32.36 -17.42 20.10
CA LEU A 857 -32.55 -16.75 18.79
C LEU A 857 -32.29 -15.24 18.99
N ILE A 858 -31.43 -14.68 18.16
CA ILE A 858 -31.12 -13.23 18.14
C ILE A 858 -31.88 -12.59 16.96
N LEU A 859 -32.80 -11.66 17.28
CA LEU A 859 -33.60 -10.91 16.29
C LEU A 859 -32.77 -9.72 15.84
N PRO A 860 -33.01 -9.21 14.62
CA PRO A 860 -32.20 -8.10 14.08
C PRO A 860 -32.12 -6.90 15.03
N LYS A 861 -30.95 -6.26 15.13
CA LYS A 861 -30.83 -4.94 15.80
C LYS A 861 -31.98 -4.05 15.33
N GLY A 862 -32.35 -3.08 16.15
CA GLY A 862 -33.44 -2.13 15.88
C GLY A 862 -34.63 -2.32 16.81
N TYR A 863 -35.45 -1.29 16.94
CA TYR A 863 -36.77 -1.39 17.62
C TYR A 863 -37.51 -2.60 17.03
N CYS A 864 -38.15 -3.37 17.88
CA CYS A 864 -39.13 -4.38 17.49
C CYS A 864 -39.82 -4.94 18.74
N GLY A 865 -40.96 -5.61 18.54
CA GLY A 865 -41.80 -6.19 19.60
C GLY A 865 -41.75 -7.72 19.62
N VAL A 866 -41.89 -8.29 20.82
CA VAL A 866 -42.17 -9.74 21.05
C VAL A 866 -43.42 -9.86 21.91
N LEU A 867 -44.55 -10.26 21.30
CA LEU A 867 -45.92 -10.13 21.85
C LEU A 867 -46.38 -11.44 22.52
N GLY A 868 -45.59 -12.51 22.43
CA GLY A 868 -45.81 -13.72 23.24
C GLY A 868 -45.78 -14.98 22.39
N PHE A 869 -46.35 -16.05 22.93
CA PHE A 869 -46.26 -17.42 22.38
C PHE A 869 -47.63 -18.08 22.44
N THR A 870 -48.01 -18.76 21.36
CA THR A 870 -49.27 -19.53 21.28
C THR A 870 -48.99 -20.92 20.70
N GLU A 871 -49.69 -21.94 21.21
CA GLU A 871 -49.72 -23.31 20.63
C GLU A 871 -50.75 -23.37 19.50
N ASP A 872 -51.70 -22.41 19.46
CA ASP A 872 -52.85 -22.33 18.51
C ASP A 872 -52.39 -22.08 17.08
N LYS A 873 -53.24 -22.56 16.17
CA LYS A 873 -53.28 -22.33 14.71
C LYS A 873 -53.42 -20.81 14.46
N ILE A 874 -52.63 -20.22 13.57
CA ILE A 874 -52.75 -18.75 13.29
C ILE A 874 -53.36 -18.52 11.91
N LYS A 875 -54.37 -17.66 11.84
CA LYS A 875 -55.16 -17.35 10.63
C LYS A 875 -54.71 -16.00 10.07
N GLU A 876 -54.24 -15.97 8.82
CA GLU A 876 -53.72 -14.73 8.20
C GLU A 876 -54.88 -13.73 8.15
N ARG A 877 -54.64 -12.49 8.58
CA ARG A 877 -55.66 -11.40 8.57
C ARG A 877 -54.96 -10.07 8.35
N ASP A 878 -55.48 -9.24 7.45
CA ASP A 878 -55.12 -7.81 7.39
C ASP A 878 -56.07 -7.10 8.35
N VAL A 879 -55.58 -6.79 9.56
CA VAL A 879 -56.37 -6.22 10.68
C VAL A 879 -57.03 -4.89 10.28
N ALA A 880 -56.56 -4.22 9.22
CA ALA A 880 -57.08 -2.91 8.73
C ALA A 880 -58.54 -3.06 8.28
N LEU A 881 -58.78 -3.91 7.28
CA LEU A 881 -60.10 -4.43 6.83
C LEU A 881 -60.96 -4.79 8.06
N ASP A 886 -61.82 -10.56 3.10
CA ASP A 886 -62.46 -9.37 2.44
C ASP A 886 -61.63 -8.94 1.21
N ALA A 887 -60.38 -9.42 1.12
CA ALA A 887 -59.57 -9.46 -0.14
C ALA A 887 -60.23 -10.40 -1.14
N PRO A 888 -59.98 -10.21 -2.46
CA PRO A 888 -60.74 -10.93 -3.48
C PRO A 888 -60.45 -12.43 -3.63
N ASP A 889 -59.49 -12.97 -2.84
CA ASP A 889 -58.84 -14.29 -3.10
C ASP A 889 -59.26 -15.38 -2.10
N TRP A 890 -60.34 -15.20 -1.34
CA TRP A 890 -60.96 -16.25 -0.47
C TRP A 890 -61.71 -17.27 -1.35
N LEU A 891 -62.17 -16.84 -2.54
CA LEU A 891 -62.83 -17.71 -3.56
C LEU A 891 -61.99 -18.95 -3.91
N PHE A 892 -60.69 -18.96 -3.62
CA PHE A 892 -59.76 -20.06 -3.97
C PHE A 892 -59.46 -20.96 -2.75
N TYR A 893 -59.85 -20.53 -1.54
CA TYR A 893 -59.54 -21.20 -0.25
C TYR A 893 -60.83 -21.85 0.25
N GLU B 23 -5.15 -3.72 39.64
CA GLU B 23 -4.04 -3.22 40.49
C GLU B 23 -3.93 -1.70 40.36
N VAL B 24 -3.97 -1.17 39.11
CA VAL B 24 -3.70 0.26 38.76
C VAL B 24 -4.73 0.78 37.75
N ASN B 25 -5.26 1.98 37.97
CA ASN B 25 -6.13 2.72 37.02
C ASN B 25 -5.33 3.87 36.40
N VAL B 26 -5.48 4.10 35.09
CA VAL B 26 -4.90 5.26 34.35
C VAL B 26 -6.07 6.09 33.77
N VAL B 27 -6.26 7.31 34.27
CA VAL B 27 -7.43 8.19 33.90
C VAL B 27 -6.89 9.37 33.10
N MET B 28 -7.51 9.67 31.96
CA MET B 28 -7.14 10.78 31.06
C MET B 28 -8.23 11.86 31.12
N THR B 29 -7.89 13.06 31.61
CA THR B 29 -8.82 14.21 31.77
C THR B 29 -8.28 15.37 30.94
N GLY B 30 -9.18 16.29 30.57
CA GLY B 30 -8.94 17.40 29.62
C GLY B 30 -9.62 17.12 28.29
N ASP B 31 -9.25 17.90 27.28
CA ASP B 31 -9.63 17.78 25.83
C ASP B 31 -9.64 16.29 25.39
N MET B 32 -8.73 15.89 24.48
CA MET B 32 -8.33 14.47 24.24
C MET B 32 -7.06 14.37 23.37
N THR B 33 -6.91 15.23 22.35
CA THR B 33 -5.66 15.37 21.53
C THR B 33 -4.95 14.03 21.31
N THR B 34 -4.44 13.78 20.10
CA THR B 34 -3.72 12.55 19.69
C THR B 34 -2.52 12.24 20.61
N ARG B 35 -1.94 13.26 21.25
CA ARG B 35 -0.67 13.14 22.02
C ARG B 35 -0.95 12.57 23.41
N LEU B 36 -2.01 13.06 24.07
CA LEU B 36 -2.44 12.60 25.43
C LEU B 36 -2.85 11.11 25.37
N ALA B 37 -3.54 10.70 24.30
CA ALA B 37 -3.97 9.31 24.02
C ALA B 37 -2.75 8.39 23.87
N PHE B 38 -1.79 8.79 23.03
CA PHE B 38 -0.50 8.07 22.82
C PHE B 38 0.24 7.91 24.17
N ALA B 39 0.31 8.99 24.97
CA ALA B 39 0.98 9.04 26.29
C ALA B 39 0.38 7.97 27.21
N GLY B 40 -0.95 7.80 27.16
CA GLY B 40 -1.71 6.81 27.92
C GLY B 40 -1.45 5.39 27.44
N GLU B 41 -1.27 5.19 26.14
CA GLU B 41 -1.14 3.82 25.57
C GLU B 41 0.28 3.31 25.81
N GLN B 42 1.25 4.19 26.12
CA GLN B 42 2.65 3.83 26.48
C GLN B 42 2.70 3.51 27.97
N LEU B 43 2.18 4.41 28.81
CA LEU B 43 2.06 4.20 30.27
C LEU B 43 1.32 2.87 30.51
N LYS B 44 0.16 2.67 29.88
CA LYS B 44 -0.66 1.43 30.00
C LYS B 44 0.18 0.21 29.56
N GLN B 45 0.87 0.29 28.42
CA GLN B 45 1.61 -0.86 27.84
C GLN B 45 2.78 -1.24 28.76
N ALA B 46 3.46 -0.25 29.35
CA ALA B 46 4.70 -0.41 30.16
C ALA B 46 4.38 -0.92 31.58
N LEU B 47 3.12 -0.77 32.03
CA LEU B 47 2.59 -1.33 33.29
C LEU B 47 2.16 -2.80 33.10
N VAL B 48 1.59 -3.16 31.94
CA VAL B 48 1.10 -4.54 31.62
C VAL B 48 2.30 -5.43 31.28
N GLU B 49 3.36 -4.85 30.70
CA GLU B 49 4.72 -5.47 30.64
C GLU B 49 5.23 -5.74 32.07
N LYS B 50 4.40 -5.59 33.10
CA LYS B 50 4.74 -5.89 34.53
C LYS B 50 3.53 -6.47 35.27
N GLY B 51 2.61 -7.15 34.56
CA GLY B 51 1.53 -7.96 35.15
C GLY B 51 0.51 -7.16 35.96
N TYR B 52 0.42 -5.83 35.78
CA TYR B 52 -0.56 -4.94 36.46
C TYR B 52 -1.88 -4.89 35.66
N GLU B 53 -3.02 -5.08 36.32
CA GLU B 53 -4.38 -4.94 35.70
C GLU B 53 -4.68 -3.44 35.55
N VAL B 54 -5.33 -3.03 34.44
CA VAL B 54 -5.34 -1.63 33.94
C VAL B 54 -6.76 -1.19 33.51
N ASN B 55 -7.10 0.08 33.75
CA ASN B 55 -8.37 0.73 33.29
C ASN B 55 -8.04 1.99 32.49
N GLN B 56 -9.09 2.67 32.00
CA GLN B 56 -9.05 3.87 31.10
C GLN B 56 -10.40 4.59 31.18
N THR B 57 -10.65 5.56 30.29
CA THR B 57 -12.01 6.03 29.86
C THR B 57 -11.86 7.13 28.79
N ARG B 68 -5.59 2.07 43.42
CA ARG B 68 -4.59 3.14 43.13
C ARG B 68 -4.85 3.69 41.72
N SER B 69 -4.49 4.95 41.47
CA SER B 69 -4.80 5.72 40.22
C SER B 69 -3.58 6.51 39.72
N ILE B 70 -3.50 6.73 38.40
CA ILE B 70 -2.58 7.69 37.72
C ILE B 70 -3.42 8.58 36.79
N TYR B 71 -3.59 9.86 37.15
CA TYR B 71 -4.45 10.86 36.45
C TYR B 71 -3.57 11.69 35.50
N LEU B 72 -3.74 11.49 34.18
CA LEU B 72 -3.05 12.28 33.12
C LEU B 72 -3.92 13.49 32.72
N ASN B 73 -3.64 14.65 33.33
CA ASN B 73 -4.25 15.96 33.00
C ASN B 73 -3.48 16.61 31.83
N LEU B 74 -3.91 17.79 31.39
CA LEU B 74 -3.32 18.55 30.25
C LEU B 74 -3.92 19.97 30.24
N LEU B 75 -3.07 21.00 30.40
CA LEU B 75 -3.41 22.45 30.29
C LEU B 75 -3.03 22.95 28.89
N ASN B 76 -3.55 24.10 28.46
CA ASN B 76 -3.29 24.68 27.10
C ASN B 76 -2.94 26.17 27.24
N ASP B 77 -1.64 26.49 27.34
CA ASP B 77 -1.09 27.80 27.80
C ASP B 77 0.34 27.90 27.24
N THR B 78 0.44 28.28 25.95
CA THR B 78 1.67 28.22 25.09
C THR B 78 2.92 28.83 25.77
N THR B 79 2.74 29.48 26.94
CA THR B 79 3.76 30.25 27.73
C THR B 79 5.19 29.74 27.47
N LYS B 80 5.92 30.39 26.54
CA LYS B 80 7.26 29.97 26.03
C LYS B 80 8.29 29.97 27.19
N LYS B 81 8.34 28.87 27.96
CA LYS B 81 8.89 28.77 29.34
C LYS B 81 8.33 27.50 29.99
N ASN B 82 7.01 27.28 29.84
CA ASN B 82 6.25 26.05 30.19
C ASN B 82 6.04 25.18 28.95
N LYS B 83 6.93 25.24 27.95
CA LYS B 83 6.87 24.32 26.78
C LYS B 83 7.51 22.98 27.17
N GLU B 84 6.85 21.87 26.80
CA GLU B 84 7.33 20.48 27.00
C GLU B 84 7.59 20.20 28.49
N ARG B 85 6.97 20.97 29.39
CA ARG B 85 7.15 20.83 30.85
C ARG B 85 6.08 19.88 31.41
N PHE B 86 6.43 19.07 32.42
CA PHE B 86 5.46 18.27 33.22
C PHE B 86 5.68 18.49 34.73
N ASP B 87 4.78 17.91 35.51
CA ASP B 87 4.75 17.94 37.00
C ASP B 87 4.23 16.59 37.50
N ILE B 88 4.85 16.03 38.54
CA ILE B 88 4.35 14.79 39.18
C ILE B 88 4.19 15.05 40.68
N SER B 89 2.93 15.10 41.12
CA SER B 89 2.52 15.19 42.54
C SER B 89 2.01 13.81 43.00
N THR B 90 1.74 13.65 44.29
CA THR B 90 1.32 12.38 44.95
C THR B 90 0.66 12.70 46.31
N LYS B 91 -0.67 12.65 46.38
CA LYS B 91 -1.45 12.67 47.65
C LYS B 91 -2.01 11.26 47.91
N GLY B 92 -1.27 10.44 48.66
CA GLY B 92 -1.70 9.13 49.16
C GLY B 92 -1.52 8.04 48.10
N LYS B 93 -2.61 7.62 47.46
CA LYS B 93 -2.64 6.52 46.47
C LYS B 93 -2.86 7.11 45.08
N ASN B 94 -2.78 8.44 44.94
CA ASN B 94 -3.12 9.21 43.71
C ASN B 94 -1.88 9.96 43.19
N THR B 95 -1.27 9.48 42.10
CA THR B 95 -0.19 10.17 41.33
C THR B 95 -0.83 11.02 40.22
N TYR B 96 -0.69 12.34 40.28
CA TYR B 96 -1.18 13.30 39.25
C TYR B 96 -0.03 13.60 38.28
N VAL B 97 -0.32 13.85 37.01
CA VAL B 97 0.71 14.19 35.98
C VAL B 97 0.17 15.31 35.08
N THR B 98 0.77 16.50 35.18
CA THR B 98 0.34 17.75 34.54
C THR B 98 1.32 18.12 33.42
N GLY B 99 0.94 17.87 32.17
CA GLY B 99 1.65 18.35 30.97
C GLY B 99 1.23 19.78 30.65
N TYR B 100 2.19 20.68 30.43
CA TYR B 100 1.96 22.14 30.20
C TYR B 100 1.62 22.38 28.72
N ASP B 101 1.83 21.36 27.89
CA ASP B 101 1.28 21.25 26.51
C ASP B 101 1.16 19.74 26.22
N GLY B 102 1.12 19.37 24.93
CA GLY B 102 1.08 17.96 24.50
C GLY B 102 2.35 17.23 24.87
N ASN B 103 3.51 17.70 24.40
CA ASN B 103 4.82 17.02 24.52
C ASN B 103 5.07 16.62 25.97
N GLY B 104 4.85 17.54 26.91
CA GLY B 104 5.08 17.33 28.35
C GLY B 104 4.41 16.06 28.87
N ILE B 105 3.16 15.80 28.52
CA ILE B 105 2.39 14.66 29.07
C ILE B 105 2.95 13.34 28.52
N ILE B 106 3.83 13.39 27.51
CA ILE B 106 4.45 12.17 26.89
C ILE B 106 5.75 11.86 27.65
N TYR B 107 6.42 12.92 28.13
CA TYR B 107 7.70 12.88 28.88
C TYR B 107 7.45 12.74 30.39
N GLY B 108 6.32 13.25 30.91
CA GLY B 108 5.81 12.92 32.26
C GLY B 108 5.56 11.43 32.39
N CYS B 109 5.05 10.79 31.33
CA CYS B 109 4.80 9.33 31.22
C CYS B 109 6.14 8.58 31.10
N ARG B 110 7.06 9.04 30.26
CA ARG B 110 8.42 8.46 30.17
C ARG B 110 9.03 8.51 31.57
N GLU B 111 8.79 9.62 32.29
CA GLU B 111 9.38 9.89 33.63
C GLU B 111 8.86 8.85 34.63
N LEU B 112 7.59 8.45 34.55
CA LEU B 112 7.02 7.32 35.33
C LEU B 112 7.75 6.03 34.94
N ILE B 113 7.74 5.68 33.65
CA ILE B 113 8.36 4.42 33.12
C ILE B 113 9.83 4.38 33.56
N ASP B 114 10.56 5.48 33.33
CA ASP B 114 11.99 5.68 33.75
C ASP B 114 12.13 5.31 35.23
N GLN B 115 11.24 5.82 36.09
CA GLN B 115 11.21 5.50 37.55
C GLN B 115 10.81 4.03 37.76
N LEU B 116 9.93 3.50 36.90
CA LEU B 116 9.50 2.07 36.91
C LEU B 116 10.65 1.16 36.45
N ASP B 117 11.65 1.71 35.72
CA ASP B 117 12.86 0.97 35.29
C ASP B 117 13.75 0.73 36.52
N GLN B 118 14.29 1.80 37.12
CA GLN B 118 15.14 1.78 38.35
C GLN B 118 14.61 0.78 39.38
N SER B 119 13.48 1.08 40.03
CA SER B 119 12.94 0.34 41.22
C SER B 119 11.46 0.00 41.01
N GLY B 120 11.13 -1.30 40.96
CA GLY B 120 9.76 -1.84 40.89
C GLY B 120 8.77 -0.88 41.53
N THR B 121 9.11 -0.41 42.75
CA THR B 121 8.31 0.54 43.58
C THR B 121 7.50 1.48 42.68
N MET B 122 6.18 1.29 42.68
CA MET B 122 5.15 2.08 41.95
C MET B 122 5.01 3.49 42.56
N ASP B 123 5.92 3.86 43.48
CA ASP B 123 6.01 5.23 44.07
C ASP B 123 6.86 6.09 43.15
N PHE B 124 6.35 7.28 42.83
CA PHE B 124 7.01 8.27 41.94
C PHE B 124 7.37 9.50 42.79
N LYS B 125 8.65 9.86 42.84
CA LYS B 125 9.16 11.08 43.52
C LYS B 125 8.52 12.30 42.83
N PRO B 126 8.08 13.34 43.57
CA PRO B 126 7.68 14.60 42.96
C PRO B 126 8.77 15.15 42.02
N VAL B 127 8.42 15.53 40.79
CA VAL B 127 9.37 16.03 39.75
C VAL B 127 8.70 17.13 38.91
N SER B 128 9.22 18.35 39.00
CA SER B 128 8.94 19.49 38.09
C SER B 128 10.10 19.63 37.12
N ASP B 129 9.90 19.37 35.82
CA ASP B 129 11.01 19.20 34.86
C ASP B 129 10.60 19.72 33.46
N ALA B 130 11.54 20.36 32.78
CA ALA B 130 11.44 20.84 31.38
C ALA B 130 12.84 20.85 30.79
N PRO B 131 13.01 20.45 29.52
CA PRO B 131 14.34 20.27 28.94
C PRO B 131 15.07 21.61 28.69
N GLU B 132 16.40 21.61 28.79
CA GLU B 132 17.23 22.82 28.56
C GLU B 132 17.25 23.15 27.06
N MET B 133 17.61 22.19 26.20
CA MET B 133 17.60 22.31 24.72
C MET B 133 16.15 22.14 24.21
N VAL B 134 15.68 23.07 23.38
CA VAL B 134 14.24 23.22 23.01
C VAL B 134 13.92 22.36 21.78
N LEU B 135 14.92 22.02 20.95
CA LEU B 135 14.79 21.04 19.84
C LEU B 135 15.88 19.96 19.97
N ARG B 136 15.45 18.69 20.02
CA ARG B 136 16.30 17.50 20.31
C ARG B 136 16.09 16.48 19.21
N GLY B 137 16.99 16.42 18.21
CA GLY B 137 16.72 15.70 16.96
C GLY B 137 17.86 14.85 16.43
N ALA B 138 17.53 13.96 15.49
CA ALA B 138 18.46 13.13 14.70
C ALA B 138 18.07 13.20 13.23
N CYS B 139 19.01 12.82 12.36
CA CYS B 139 18.84 12.90 10.88
C CYS B 139 19.08 11.54 10.25
N ILE B 140 18.29 11.25 9.23
CA ILE B 140 18.40 10.06 8.34
C ILE B 140 18.67 10.63 6.95
N GLY B 141 19.81 10.29 6.34
CA GLY B 141 20.11 10.63 4.94
C GLY B 141 19.34 9.75 3.97
N LEU B 142 18.47 10.36 3.15
CA LEU B 142 17.93 9.72 1.93
C LEU B 142 18.96 9.95 0.83
N GLN B 143 20.15 9.40 1.10
CA GLN B 143 21.36 9.40 0.24
C GLN B 143 21.82 7.94 0.13
N LYS B 144 22.82 7.69 -0.72
CA LYS B 144 23.45 6.35 -0.89
C LYS B 144 24.98 6.52 -0.82
N THR B 145 25.71 5.40 -0.77
CA THR B 145 27.17 5.34 -0.53
C THR B 145 27.88 6.01 -1.73
N THR B 146 27.41 5.75 -2.95
CA THR B 146 27.98 6.23 -4.24
C THR B 146 26.94 7.02 -5.05
N TYR B 147 27.40 7.89 -5.96
CA TYR B 147 26.52 8.71 -6.82
C TYR B 147 25.62 7.77 -7.63
N LEU B 148 24.41 8.24 -7.96
CA LEU B 148 23.45 7.51 -8.81
C LEU B 148 23.77 7.78 -10.28
N PRO B 149 23.69 6.77 -11.18
CA PRO B 149 23.71 7.02 -12.62
C PRO B 149 22.71 8.14 -12.94
N GLY B 150 23.04 9.02 -13.90
CA GLY B 150 22.22 10.16 -14.31
C GLY B 150 22.44 11.40 -13.45
N HIS B 151 22.57 11.23 -12.12
CA HIS B 151 22.48 12.31 -11.12
C HIS B 151 23.88 12.62 -10.57
N ALA B 152 24.04 13.77 -9.91
CA ALA B 152 25.28 14.23 -9.26
C ALA B 152 25.16 14.07 -7.74
N VAL B 153 26.16 14.57 -7.00
CA VAL B 153 26.29 14.46 -5.51
C VAL B 153 25.02 14.97 -4.81
N TYR B 154 24.59 14.27 -3.74
CA TYR B 154 23.40 14.58 -2.90
C TYR B 154 22.05 14.33 -3.60
N GLU B 155 22.01 14.11 -4.93
CA GLU B 155 20.74 13.95 -5.68
C GLU B 155 20.32 12.48 -5.72
N TYR B 156 19.18 12.14 -5.10
CA TYR B 156 18.59 10.78 -5.11
C TYR B 156 17.07 10.92 -4.93
N PRO B 157 16.27 10.74 -6.01
CA PRO B 157 14.81 10.73 -5.89
C PRO B 157 14.31 9.68 -4.90
N TYR B 158 13.22 10.01 -4.19
CA TYR B 158 12.53 9.13 -3.21
C TYR B 158 11.84 8.01 -3.98
N THR B 159 12.51 6.85 -4.17
CA THR B 159 11.96 5.64 -4.83
C THR B 159 12.13 4.43 -3.90
N PRO B 160 11.36 3.33 -4.10
CA PRO B 160 11.62 2.05 -3.45
C PRO B 160 12.86 1.29 -3.96
N GLU B 161 13.33 1.61 -5.17
CA GLU B 161 14.56 1.02 -5.76
C GLU B 161 15.74 1.42 -4.87
N SER B 162 15.83 2.72 -4.58
CA SER B 162 16.97 3.40 -3.94
C SER B 162 16.87 3.29 -2.41
N PHE B 163 15.65 3.13 -1.89
CA PHE B 163 15.30 3.21 -0.44
C PHE B 163 14.10 2.32 -0.14
N PRO B 164 14.25 0.96 -0.19
CA PRO B 164 13.15 0.06 0.15
C PRO B 164 12.57 0.31 1.55
N TRP B 165 13.45 0.63 2.51
CA TRP B 165 13.15 0.85 3.95
C TRP B 165 12.20 2.05 4.18
N PHE B 166 12.21 3.08 3.32
CA PHE B 166 11.47 4.35 3.51
C PHE B 166 9.97 4.09 3.45
N TYR B 167 9.58 2.96 2.86
CA TYR B 167 8.16 2.54 2.63
C TYR B 167 7.82 1.41 3.60
N ASP B 168 8.60 1.25 4.68
CA ASP B 168 8.38 0.21 5.72
C ASP B 168 7.83 0.89 6.99
N LYS B 169 6.53 0.73 7.23
CA LYS B 169 5.80 1.38 8.35
C LYS B 169 6.30 0.86 9.70
N GLU B 170 6.53 -0.46 9.83
CA GLU B 170 6.86 -1.15 11.12
C GLU B 170 8.27 -0.69 11.55
N ARG B 171 9.20 -0.63 10.59
CA ARG B 171 10.60 -0.14 10.75
C ARG B 171 10.60 1.32 11.24
N TRP B 172 9.74 2.17 10.66
CA TRP B 172 9.59 3.58 11.12
C TRP B 172 9.11 3.57 12.58
N ILE B 173 8.00 2.91 12.90
CA ILE B 173 7.39 2.88 14.27
C ILE B 173 8.50 2.70 15.31
N LYS B 174 9.32 1.65 15.16
CA LYS B 174 10.45 1.32 16.09
C LYS B 174 11.38 2.54 16.18
N TYR B 175 11.73 3.13 15.04
CA TYR B 175 12.64 4.31 14.99
C TYR B 175 12.04 5.45 15.82
N LEU B 176 10.75 5.74 15.63
CA LEU B 176 10.05 6.88 16.30
C LEU B 176 9.85 6.58 17.80
N ASP B 177 9.82 5.31 18.22
CA ASP B 177 9.69 4.86 19.63
C ASP B 177 11.05 5.04 20.33
N MET B 178 12.14 4.56 19.71
CA MET B 178 13.53 4.86 20.17
C MET B 178 13.62 6.37 20.41
N MET B 179 13.14 7.13 19.44
CA MET B 179 13.15 8.63 19.43
C MET B 179 12.43 9.16 20.66
N VAL B 180 11.23 8.65 20.94
CA VAL B 180 10.29 9.24 21.94
C VAL B 180 10.78 8.84 23.34
N GLU B 181 11.48 7.70 23.44
CA GLU B 181 11.98 7.11 24.72
C GLU B 181 13.30 7.79 25.12
N ASN B 182 13.85 8.60 24.22
CA ASN B 182 15.05 9.44 24.47
C ASN B 182 14.60 10.92 24.52
N ARG B 183 13.28 11.14 24.50
CA ARG B 183 12.60 12.46 24.61
C ARG B 183 13.02 13.36 23.45
N MET B 184 13.42 12.78 22.32
CA MET B 184 13.78 13.54 21.10
C MET B 184 12.49 13.98 20.38
N ASN B 185 12.47 15.23 19.91
CA ASN B 185 11.24 15.95 19.48
C ASN B 185 11.35 16.41 18.02
N SER B 186 12.36 15.95 17.28
CA SER B 186 12.63 16.39 15.88
C SER B 186 13.31 15.27 15.10
N LEU B 187 12.66 14.80 14.02
CA LEU B 187 13.24 13.95 12.95
C LEU B 187 13.64 14.87 11.79
N TYR B 188 14.77 14.63 11.15
CA TYR B 188 15.27 15.40 9.98
C TYR B 188 15.52 14.46 8.78
N LEU B 189 14.99 14.82 7.61
CA LEU B 189 15.22 14.15 6.30
C LEU B 189 16.20 14.98 5.47
N TRP B 190 17.30 14.34 5.04
CA TRP B 190 18.42 14.97 4.29
C TRP B 190 18.38 14.46 2.86
N ASN B 191 18.15 15.35 1.89
CA ASN B 191 18.16 15.00 0.44
C ASN B 191 18.57 16.23 -0.37
N GLY B 192 19.23 16.02 -1.51
CA GLY B 192 19.57 17.09 -2.45
C GLY B 192 18.34 17.87 -2.88
N HIS B 193 17.43 17.19 -3.59
CA HIS B 193 16.31 17.84 -4.32
C HIS B 193 15.04 17.01 -4.17
N PRO B 194 14.46 17.00 -2.95
CA PRO B 194 13.33 16.11 -2.63
C PRO B 194 12.02 16.48 -3.35
N PHE B 195 11.86 17.75 -3.72
CA PHE B 195 10.58 18.36 -4.19
C PHE B 195 10.03 17.61 -5.40
N ALA B 196 10.90 17.19 -6.32
CA ALA B 196 10.49 16.60 -7.62
C ALA B 196 10.05 15.14 -7.43
N SER B 197 10.01 14.65 -6.19
CA SER B 197 9.39 13.36 -5.80
C SER B 197 8.03 13.59 -5.09
N LEU B 198 7.73 14.83 -4.71
CA LEU B 198 6.74 15.16 -3.65
C LEU B 198 5.71 16.22 -4.08
N VAL B 199 5.97 17.04 -5.11
CA VAL B 199 5.00 18.04 -5.64
C VAL B 199 5.11 18.14 -7.16
N LYS B 200 3.94 18.21 -7.82
CA LYS B 200 3.76 18.47 -9.27
C LYS B 200 3.45 19.95 -9.45
N LEU B 201 4.03 20.60 -10.46
CA LEU B 201 3.78 22.03 -10.79
C LEU B 201 3.09 22.09 -12.15
N LYS B 202 1.95 22.80 -12.23
CA LYS B 202 1.12 22.91 -13.47
C LYS B 202 1.95 23.52 -14.60
N ASP B 203 2.98 24.32 -14.28
CA ASP B 203 3.88 25.00 -15.25
C ASP B 203 5.04 24.07 -15.67
N TYR B 204 5.55 23.25 -14.74
CA TYR B 204 6.78 22.42 -14.87
C TYR B 204 6.48 20.95 -14.60
N PRO B 205 5.50 20.32 -15.30
CA PRO B 205 5.13 18.94 -15.00
C PRO B 205 6.10 17.90 -15.59
N PHE B 206 7.24 18.33 -16.14
CA PHE B 206 8.31 17.43 -16.65
C PHE B 206 9.39 17.28 -15.57
N ALA B 207 9.26 18.02 -14.45
CA ALA B 207 10.23 18.08 -13.34
C ALA B 207 10.26 16.75 -12.55
N LEU B 208 9.11 16.08 -12.45
CA LEU B 208 8.93 14.86 -11.61
C LEU B 208 10.02 13.83 -11.89
N GLU B 209 10.82 13.46 -10.88
CA GLU B 209 11.91 12.43 -10.93
C GLU B 209 11.34 11.04 -10.62
N VAL B 210 10.02 10.89 -10.49
CA VAL B 210 9.34 9.65 -9.97
C VAL B 210 8.05 9.40 -10.75
N ASP B 211 7.73 8.12 -10.96
CA ASP B 211 6.55 7.67 -11.75
C ASP B 211 5.30 7.80 -10.89
N GLU B 212 4.19 7.15 -11.28
CA GLU B 212 2.85 7.37 -10.71
C GLU B 212 2.72 6.57 -9.41
N GLU B 213 2.63 5.23 -9.48
CA GLU B 213 2.60 4.36 -8.27
C GLU B 213 3.64 4.87 -7.24
N THR B 214 4.85 5.28 -7.67
CA THR B 214 5.93 5.75 -6.76
C THR B 214 5.52 7.06 -6.07
N PHE B 215 4.87 8.00 -6.79
CA PHE B 215 4.50 9.35 -6.29
C PHE B 215 3.41 9.23 -5.21
N LYS B 216 2.34 8.47 -5.51
CA LYS B 216 1.26 8.09 -4.56
C LYS B 216 1.91 7.58 -3.26
N LYS B 217 2.82 6.60 -3.35
CA LYS B 217 3.50 5.92 -2.22
C LYS B 217 4.26 6.93 -1.34
N ASN B 218 5.00 7.88 -1.95
CA ASN B 218 5.70 8.99 -1.24
C ASN B 218 4.66 9.86 -0.52
N GLU B 219 3.59 10.21 -1.26
CA GLU B 219 2.45 11.05 -0.80
C GLU B 219 1.87 10.45 0.48
N GLU B 220 1.83 9.10 0.55
CA GLU B 220 1.25 8.31 1.67
C GLU B 220 2.24 8.27 2.84
N MET B 221 3.48 7.86 2.58
CA MET B 221 4.52 7.67 3.63
C MET B 221 4.68 8.97 4.41
N PHE B 222 4.66 10.12 3.73
CA PHE B 222 4.70 11.47 4.35
C PHE B 222 3.40 11.72 5.13
N SER B 223 2.25 11.29 4.58
CA SER B 223 0.92 11.40 5.25
C SER B 223 0.92 10.57 6.55
N PHE B 224 1.72 9.51 6.61
CA PHE B 224 1.84 8.57 7.76
C PHE B 224 2.95 9.03 8.71
N LEU B 225 4.08 9.48 8.15
CA LEU B 225 5.29 9.88 8.91
C LEU B 225 4.95 11.10 9.78
N THR B 226 4.13 12.03 9.26
CA THR B 226 3.72 13.27 9.98
C THR B 226 2.69 12.90 11.06
N THR B 227 1.76 11.98 10.75
CA THR B 227 0.69 11.53 11.70
C THR B 227 1.35 10.74 12.85
N GLU B 228 2.13 9.70 12.55
CA GLU B 228 2.83 8.85 13.56
C GLU B 228 3.84 9.67 14.37
N ALA B 229 4.34 10.79 13.82
CA ALA B 229 5.36 11.65 14.47
C ALA B 229 4.67 12.65 15.39
N GLU B 230 3.47 13.11 15.03
CA GLU B 230 2.79 14.24 15.72
C GLU B 230 2.14 13.79 17.03
N LYS B 231 1.77 12.50 17.16
CA LYS B 231 1.21 11.91 18.43
C LYS B 231 2.35 11.63 19.43
N ARG B 232 3.61 11.85 19.01
CA ARG B 232 4.86 11.59 19.77
C ARG B 232 5.67 12.87 19.98
N GLY B 233 5.11 14.04 19.64
CA GLY B 233 5.78 15.35 19.76
C GLY B 233 7.04 15.44 18.92
N ILE B 234 7.04 14.87 17.71
CA ILE B 234 8.22 14.87 16.81
C ILE B 234 7.95 15.77 15.60
N PHE B 235 8.63 16.92 15.54
CA PHE B 235 8.62 17.91 14.43
C PHE B 235 9.42 17.33 13.26
N VAL B 236 8.74 16.97 12.17
CA VAL B 236 9.35 16.38 10.95
C VAL B 236 9.89 17.52 10.06
N ILE B 237 11.20 17.55 9.83
CA ILE B 237 11.90 18.60 9.04
C ILE B 237 12.57 17.96 7.81
N GLN B 238 12.36 18.53 6.63
CA GLN B 238 13.03 18.14 5.36
C GLN B 238 14.15 19.15 5.08
N MET B 239 15.42 18.75 5.11
CA MET B 239 16.52 19.60 4.58
C MET B 239 16.70 19.30 3.08
N PHE B 240 17.09 20.36 2.35
CA PHE B 240 17.47 20.34 0.93
C PHE B 240 18.76 21.19 0.77
N TYR B 241 19.62 20.78 -0.17
CA TYR B 241 20.82 21.55 -0.61
C TYR B 241 20.36 22.51 -1.72
N ASN B 242 21.21 23.45 -2.12
CA ASN B 242 20.89 24.45 -3.18
C ASN B 242 22.19 24.82 -3.89
N ILE B 243 22.12 25.34 -5.13
CA ILE B 243 20.95 25.34 -6.00
C ILE B 243 20.90 24.02 -6.76
N ILE B 244 19.85 23.22 -6.60
CA ILE B 244 19.64 21.94 -7.36
C ILE B 244 18.22 21.91 -7.96
N VAL B 245 18.13 21.39 -9.19
CA VAL B 245 16.88 21.10 -9.94
C VAL B 245 16.86 19.61 -10.32
N SER B 246 15.70 19.10 -10.70
CA SER B 246 15.48 17.67 -11.07
C SER B 246 16.26 17.36 -12.35
N LYS B 247 16.44 16.07 -12.69
CA LYS B 247 17.09 15.66 -13.96
C LYS B 247 16.19 16.08 -15.12
N PRO B 248 14.89 15.69 -15.15
CA PRO B 248 14.03 15.98 -16.30
C PRO B 248 13.88 17.47 -16.60
N PHE B 249 13.73 18.31 -15.56
CA PHE B 249 13.69 19.80 -15.68
C PHE B 249 14.99 20.28 -16.32
N ALA B 250 16.12 19.73 -15.88
CA ALA B 250 17.48 20.05 -16.38
C ALA B 250 17.61 19.65 -17.86
N ASP B 251 17.15 18.45 -18.21
CA ASP B 251 17.29 17.87 -19.58
C ASP B 251 16.49 18.75 -20.57
N HIS B 252 15.19 18.88 -20.34
CA HIS B 252 14.26 19.71 -21.17
C HIS B 252 14.97 21.01 -21.59
N TYR B 253 15.48 21.75 -20.60
CA TYR B 253 16.01 23.13 -20.73
C TYR B 253 17.48 23.12 -21.17
N GLY B 254 18.14 21.96 -21.16
CA GLY B 254 19.54 21.80 -21.60
C GLY B 254 20.48 22.49 -20.64
N ILE B 255 20.36 22.17 -19.34
CA ILE B 255 21.25 22.67 -18.25
C ILE B 255 21.67 21.45 -17.43
N LYS B 256 22.62 21.60 -16.50
CA LYS B 256 23.00 20.52 -15.53
C LYS B 256 22.04 20.59 -14.33
N THR B 257 21.94 19.49 -13.58
CA THR B 257 21.17 19.41 -12.33
C THR B 257 21.69 20.49 -11.39
N GLN B 258 23.01 20.52 -11.16
CA GLN B 258 23.67 21.50 -10.24
C GLN B 258 25.00 21.95 -10.83
N ASP B 259 25.38 23.21 -10.60
CA ASP B 259 26.70 23.77 -11.00
C ASP B 259 27.03 24.89 -10.02
N ARG B 260 28.07 24.74 -9.23
CA ARG B 260 28.31 25.68 -8.09
C ARG B 260 28.33 27.12 -8.62
N ASN B 261 29.09 27.37 -9.69
CA ASN B 261 29.46 28.73 -10.16
C ASN B 261 28.42 29.26 -11.17
N ARG B 262 27.43 28.47 -11.59
CA ARG B 262 26.31 28.94 -12.45
C ARG B 262 25.57 30.06 -11.72
N PRO B 263 25.15 31.16 -12.37
CA PRO B 263 24.39 32.19 -11.68
C PRO B 263 22.92 31.77 -11.46
N ILE B 264 22.26 32.46 -10.51
CA ILE B 264 20.77 32.52 -10.41
C ILE B 264 20.26 32.99 -11.78
N THR B 265 19.20 32.35 -12.30
CA THR B 265 18.47 32.80 -13.51
C THR B 265 16.98 32.84 -13.17
N PRO B 266 16.21 33.81 -13.72
CA PRO B 266 14.80 33.93 -13.39
C PRO B 266 14.06 32.58 -13.46
N LEU B 267 14.50 31.69 -14.37
CA LEU B 267 13.87 30.37 -14.63
C LEU B 267 13.96 29.48 -13.38
N ILE B 268 15.18 29.23 -12.89
CA ILE B 268 15.46 28.28 -11.76
C ILE B 268 14.84 28.85 -10.48
N SER B 269 14.79 30.18 -10.34
CA SER B 269 14.02 30.93 -9.30
C SER B 269 12.53 30.57 -9.35
N ASP B 270 11.89 30.72 -10.51
CA ASP B 270 10.43 30.44 -10.67
C ASP B 270 10.15 28.97 -10.36
N TYR B 271 11.07 28.06 -10.71
CA TYR B 271 10.91 26.60 -10.48
C TYR B 271 11.08 26.30 -8.99
N THR B 272 12.12 26.83 -8.35
CA THR B 272 12.45 26.57 -6.93
C THR B 272 11.34 27.14 -6.04
N ARG B 273 11.05 28.44 -6.21
CA ARG B 273 10.06 29.21 -5.40
C ARG B 273 8.69 28.49 -5.39
N LYS B 274 8.28 27.98 -6.56
CA LYS B 274 6.96 27.36 -6.82
C LYS B 274 6.97 25.91 -6.32
N SER B 275 8.16 25.31 -6.22
CA SER B 275 8.41 23.97 -5.62
C SER B 275 8.29 24.06 -4.10
N VAL B 276 8.97 25.03 -3.49
CA VAL B 276 8.88 25.38 -2.04
C VAL B 276 7.40 25.67 -1.72
N ALA B 277 6.80 26.65 -2.41
CA ALA B 277 5.40 27.11 -2.23
C ALA B 277 4.46 25.92 -2.21
N ALA B 278 4.68 24.96 -3.12
CA ALA B 278 3.88 23.73 -3.30
C ALA B 278 4.08 22.79 -2.09
N PHE B 279 5.33 22.63 -1.64
CA PHE B 279 5.70 21.76 -0.49
C PHE B 279 5.01 22.28 0.78
N ILE B 280 5.16 23.57 1.10
CA ILE B 280 4.51 24.24 2.27
C ILE B 280 3.02 23.95 2.25
N GLU B 281 2.35 24.25 1.14
CA GLU B 281 0.88 24.05 0.97
C GLU B 281 0.51 22.58 1.24
N LYS B 282 1.27 21.63 0.69
CA LYS B 282 0.86 20.20 0.62
C LYS B 282 1.13 19.52 1.96
N TYR B 283 2.31 19.72 2.55
CA TYR B 283 2.71 19.21 3.89
C TYR B 283 2.89 20.39 4.82
N PRO B 284 1.79 20.96 5.35
CA PRO B 284 1.86 22.11 6.27
C PRO B 284 2.58 21.79 7.58
N ASN B 285 2.59 20.53 8.02
CA ASN B 285 3.15 20.12 9.34
C ASN B 285 4.68 19.91 9.26
N VAL B 286 5.32 20.21 8.12
CA VAL B 286 6.74 19.81 7.83
C VAL B 286 7.64 21.05 7.79
N GLY B 287 8.75 20.97 8.51
CA GLY B 287 9.73 22.07 8.63
C GLY B 287 10.67 22.04 7.46
N LEU B 288 11.37 23.15 7.23
CA LEU B 288 12.40 23.29 6.17
C LEU B 288 13.73 23.63 6.82
N LEU B 289 14.78 22.88 6.45
CA LEU B 289 16.18 23.10 6.83
C LEU B 289 16.96 23.43 5.56
N VAL B 290 17.36 24.69 5.42
CA VAL B 290 17.96 25.25 4.18
C VAL B 290 19.49 25.20 4.30
N CYS B 291 20.17 24.58 3.34
CA CYS B 291 21.62 24.83 3.08
C CYS B 291 21.76 25.70 1.85
N LEU B 292 22.38 26.88 2.01
CA LEU B 292 22.75 27.80 0.89
C LEU B 292 24.08 27.30 0.33
N GLY B 293 24.10 26.00 0.00
CA GLY B 293 25.25 25.23 -0.51
C GLY B 293 24.79 23.82 -0.94
N GLU B 294 25.65 23.12 -1.67
CA GLU B 294 26.99 23.56 -2.00
C GLU B 294 27.09 23.88 -3.50
N ALA B 295 25.98 24.31 -4.12
CA ALA B 295 25.88 24.71 -5.55
C ALA B 295 25.40 26.16 -5.66
N ILE B 296 26.10 27.07 -4.97
CA ILE B 296 26.01 28.56 -5.15
C ILE B 296 27.42 29.12 -5.05
N GLY B 297 27.75 30.07 -5.93
CA GLY B 297 29.12 30.60 -6.11
C GLY B 297 29.55 31.51 -4.98
N THR B 298 28.85 32.64 -4.80
CA THR B 298 29.20 33.71 -3.82
C THR B 298 28.24 33.69 -2.61
N TYR B 299 28.61 34.46 -1.59
CA TYR B 299 27.83 34.78 -0.36
C TYR B 299 26.78 35.85 -0.67
N GLU B 300 27.03 36.73 -1.65
CA GLU B 300 26.01 37.67 -2.20
C GLU B 300 24.84 36.85 -2.76
N GLU B 301 25.14 35.87 -3.62
CA GLU B 301 24.15 34.98 -4.30
C GLU B 301 23.38 34.16 -3.27
N ASP B 302 24.06 33.69 -2.22
CA ASP B 302 23.46 32.90 -1.11
C ASP B 302 22.31 33.72 -0.50
N VAL B 303 22.52 35.03 -0.33
CA VAL B 303 21.52 35.99 0.23
C VAL B 303 20.38 36.18 -0.77
N GLU B 304 20.69 36.42 -2.06
CA GLU B 304 19.67 36.70 -3.12
C GLU B 304 18.68 35.51 -3.20
N TRP B 305 19.19 34.28 -3.10
CA TRP B 305 18.44 33.01 -3.26
C TRP B 305 17.49 32.82 -2.08
N PHE B 306 18.02 32.84 -0.86
CA PHE B 306 17.22 32.71 0.39
C PHE B 306 16.10 33.75 0.40
N THR B 307 16.41 34.99 0.05
CA THR B 307 15.60 36.19 0.37
C THR B 307 14.68 36.57 -0.80
N LYS B 308 14.93 36.06 -2.01
CA LYS B 308 14.12 36.41 -3.21
C LYS B 308 13.47 35.16 -3.83
N THR B 309 13.80 33.97 -3.34
CA THR B 309 13.36 32.68 -3.95
C THR B 309 12.77 31.75 -2.87
N ILE B 310 13.53 31.40 -1.83
CA ILE B 310 13.06 30.48 -0.76
C ILE B 310 11.96 31.20 0.03
N ILE B 311 12.31 32.28 0.72
CA ILE B 311 11.43 32.95 1.73
C ILE B 311 10.15 33.45 1.07
N PRO B 312 10.18 34.22 -0.06
CA PRO B 312 8.97 34.52 -0.83
C PRO B 312 8.08 33.32 -1.20
N GLY B 313 8.67 32.13 -1.36
CA GLY B 313 7.98 30.86 -1.65
C GLY B 313 7.44 30.20 -0.37
N ILE B 314 8.16 30.30 0.73
CA ILE B 314 7.64 29.87 2.06
C ILE B 314 6.37 30.68 2.33
N LYS B 315 6.39 31.98 2.06
CA LYS B 315 5.23 32.89 2.28
C LYS B 315 4.13 32.62 1.24
N ASP B 316 4.50 32.31 -0.01
CA ASP B 316 3.53 31.89 -1.06
C ASP B 316 2.57 30.89 -0.40
N GLY B 317 3.07 29.72 -0.02
CA GLY B 317 2.27 28.62 0.54
C GLY B 317 1.54 29.02 1.83
N LEU B 318 2.15 29.89 2.64
CA LEU B 318 1.61 30.31 3.96
C LEU B 318 0.37 31.18 3.77
N LYS B 319 0.37 32.06 2.77
CA LYS B 319 -0.79 32.91 2.41
C LYS B 319 -1.96 32.03 1.92
N VAL B 320 -1.68 30.91 1.25
CA VAL B 320 -2.72 29.98 0.70
C VAL B 320 -3.44 29.29 1.88
N LEU B 321 -2.71 28.91 2.94
CA LEU B 321 -3.24 28.20 4.13
C LEU B 321 -3.85 29.20 5.11
N GLY B 322 -3.44 30.47 5.03
CA GLY B 322 -3.83 31.55 5.96
C GLY B 322 -3.12 31.44 7.30
N ARG B 323 -1.93 30.82 7.32
CA ARG B 323 -1.09 30.68 8.53
C ARG B 323 -0.53 32.06 8.91
N THR B 324 -0.98 32.55 10.05
CA THR B 324 -0.61 33.86 10.63
C THR B 324 0.59 33.65 11.55
N ASP B 325 0.82 32.42 12.01
CA ASP B 325 1.86 32.01 13.00
C ASP B 325 3.21 31.86 12.29
N GLU B 326 4.03 32.91 12.23
CA GLU B 326 5.33 32.89 11.50
C GLU B 326 6.11 31.65 11.96
N PRO B 327 6.00 30.49 11.28
CA PRO B 327 6.56 29.23 11.77
C PRO B 327 8.07 29.22 11.64
N PRO B 328 8.77 28.30 12.33
CA PRO B 328 10.23 28.28 12.30
C PRO B 328 10.76 27.78 10.93
N VAL B 329 11.74 28.51 10.39
CA VAL B 329 12.51 28.09 9.17
C VAL B 329 14.00 28.06 9.52
N LEU B 330 14.64 26.90 9.32
CA LEU B 330 15.96 26.53 9.88
C LEU B 330 17.01 26.74 8.80
N VAL B 331 18.13 27.37 9.15
CA VAL B 331 19.22 27.73 8.19
C VAL B 331 20.56 27.20 8.70
N ARG B 332 21.21 26.33 7.92
CA ARG B 332 22.61 25.88 8.14
C ARG B 332 23.56 27.05 7.91
N ALA B 333 24.69 27.09 8.59
CA ALA B 333 25.79 28.05 8.35
C ALA B 333 26.78 27.46 7.35
N HIS B 334 26.65 26.16 7.03
CA HIS B 334 27.53 25.48 6.05
C HIS B 334 27.63 26.30 4.75
N ASP B 335 28.87 26.45 4.24
CA ASP B 335 29.23 27.05 2.92
C ASP B 335 28.44 28.35 2.71
N THR B 336 28.27 29.15 3.77
CA THR B 336 27.57 30.47 3.69
C THR B 336 28.16 31.43 4.73
N ASP B 337 27.79 32.71 4.65
CA ASP B 337 28.03 33.76 5.66
C ASP B 337 26.74 33.89 6.50
N CYS B 338 26.54 32.89 7.37
CA CYS B 338 25.52 32.77 8.46
C CYS B 338 24.81 34.09 8.80
N LYS B 339 25.58 35.09 9.23
CA LYS B 339 25.06 36.35 9.83
C LYS B 339 24.76 37.36 8.71
N MET B 340 25.59 37.45 7.66
CA MET B 340 25.29 38.24 6.43
C MET B 340 23.86 37.88 5.99
N VAL B 341 23.60 36.57 5.86
CA VAL B 341 22.31 35.97 5.46
C VAL B 341 21.22 36.43 6.44
N ILE B 342 21.27 35.95 7.70
CA ILE B 342 20.22 36.19 8.74
C ILE B 342 19.88 37.68 8.80
N ASP B 343 20.87 38.57 8.61
CA ASP B 343 20.67 40.05 8.67
C ASP B 343 19.76 40.50 7.53
N ALA B 344 19.95 39.97 6.32
CA ALA B 344 19.12 40.30 5.14
C ALA B 344 17.71 39.71 5.29
N ALA B 345 17.58 38.57 6.00
CA ALA B 345 16.33 37.77 6.11
C ALA B 345 15.37 38.35 7.17
N LEU B 346 15.86 38.72 8.37
CA LEU B 346 15.02 39.12 9.54
C LEU B 346 14.04 40.23 9.20
N PRO B 347 14.41 41.29 8.43
CA PRO B 347 13.41 42.16 7.82
C PRO B 347 12.21 41.42 7.19
N LEU B 348 12.44 40.36 6.40
CA LEU B 348 11.42 39.68 5.55
C LEU B 348 10.74 38.55 6.31
N TYR B 349 11.46 37.89 7.23
CA TYR B 349 11.00 36.69 7.99
C TYR B 349 11.69 36.65 9.35
N LYS B 350 10.92 36.75 10.43
CA LYS B 350 11.42 37.04 11.80
C LYS B 350 11.75 35.74 12.55
N ASN B 351 11.17 34.62 12.13
CA ASN B 351 11.30 33.32 12.85
C ASN B 351 12.27 32.41 12.10
N LEU B 352 13.57 32.54 12.39
CA LEU B 352 14.68 31.76 11.78
C LEU B 352 15.57 31.16 12.87
N TYR B 353 15.66 29.82 12.88
CA TYR B 353 16.60 29.03 13.70
C TYR B 353 17.88 28.91 12.89
N THR B 354 19.04 28.78 13.54
CA THR B 354 20.34 28.50 12.87
C THR B 354 20.87 27.15 13.33
N MET B 355 21.58 26.45 12.44
CA MET B 355 22.29 25.17 12.73
C MET B 355 23.76 25.43 12.40
N HIS B 356 24.69 24.77 13.09
CA HIS B 356 26.12 24.75 12.69
C HIS B 356 26.78 23.49 13.25
N LYS B 357 27.79 22.97 12.53
CA LYS B 357 28.57 21.75 12.89
C LYS B 357 29.31 21.97 14.22
N TYR B 358 29.31 20.96 15.10
CA TYR B 358 29.89 21.00 16.46
C TYR B 358 31.42 20.99 16.38
N ASN B 359 31.97 19.92 15.80
CA ASN B 359 33.43 19.72 15.58
C ASN B 359 33.66 19.40 14.10
N GLY B 360 33.38 20.37 13.21
CA GLY B 360 33.32 20.11 11.76
C GLY B 360 32.48 18.88 11.48
N SER B 361 32.98 17.97 10.63
CA SER B 361 32.25 16.74 10.20
C SER B 361 32.68 15.53 11.06
N SER B 362 33.09 15.78 12.30
CA SER B 362 33.61 14.75 13.25
C SER B 362 33.21 15.08 14.70
N LEU B 363 33.68 14.24 15.63
CA LEU B 363 33.65 14.47 17.10
C LEU B 363 35.09 14.37 17.62
N THR B 364 35.65 15.45 18.16
CA THR B 364 37.11 15.58 18.45
C THR B 364 37.40 16.07 19.87
N THR B 365 36.47 16.79 20.53
CA THR B 365 36.75 17.41 21.84
C THR B 365 35.44 17.73 22.56
N TYR B 366 35.54 17.97 23.88
CA TYR B 366 34.53 18.66 24.71
C TYR B 366 35.15 19.97 25.24
N GLU B 367 36.16 20.49 24.53
CA GLU B 367 36.84 21.79 24.83
C GLU B 367 37.09 22.57 23.54
N PRO B 368 36.04 22.86 22.73
CA PRO B 368 36.21 23.65 21.49
C PRO B 368 36.52 25.13 21.79
N ARG B 369 37.05 25.86 20.80
CA ARG B 369 37.56 27.27 20.96
C ARG B 369 37.73 27.94 19.59
N GLY B 370 38.38 29.11 19.59
CA GLY B 370 38.91 29.79 18.39
C GLY B 370 37.79 30.30 17.49
N PRO B 371 38.00 30.32 16.15
CA PRO B 371 37.06 30.96 15.23
C PRO B 371 35.74 30.23 14.99
N TRP B 372 35.66 28.92 15.30
CA TRP B 372 34.39 28.16 15.11
C TRP B 372 33.51 28.34 16.35
N ALA B 373 34.11 28.40 17.54
CA ALA B 373 33.43 28.82 18.79
C ALA B 373 32.80 30.20 18.59
N LYS B 374 33.61 31.14 18.08
CA LYS B 374 33.20 32.53 17.71
C LYS B 374 32.01 32.46 16.74
N ILE B 375 32.09 31.63 15.70
CA ILE B 375 31.00 31.58 14.68
C ILE B 375 29.72 31.14 15.39
N HIS B 376 29.77 30.15 16.27
CA HIS B 376 28.60 29.64 17.03
C HIS B 376 27.95 30.76 17.85
N LYS B 377 28.78 31.49 18.63
CA LYS B 377 28.34 32.55 19.58
C LYS B 377 27.67 33.71 18.84
N ASP B 378 28.15 34.06 17.65
CA ASP B 378 27.55 35.09 16.77
C ASP B 378 26.09 34.72 16.44
N LEU B 379 25.75 33.41 16.45
CA LEU B 379 24.39 32.88 16.11
C LEU B 379 23.50 32.74 17.36
N SER B 380 24.07 32.57 18.56
CA SER B 380 23.35 32.65 19.84
C SER B 380 23.00 34.12 20.14
N SER B 381 23.95 35.03 19.86
CA SER B 381 23.87 36.50 20.06
C SER B 381 22.61 37.11 19.40
N LEU B 382 21.93 36.38 18.50
CA LEU B 382 20.63 36.78 17.88
C LEU B 382 19.51 36.58 18.89
N GLY B 383 19.65 35.58 19.76
CA GLY B 383 18.71 35.27 20.86
C GLY B 383 17.51 34.49 20.35
N SER B 384 17.74 33.65 19.34
CA SER B 384 16.73 32.72 18.76
C SER B 384 17.00 31.30 19.24
N VAL B 385 16.62 30.30 18.46
CA VAL B 385 17.13 28.90 18.58
C VAL B 385 18.39 28.78 17.71
N HIS B 386 19.41 28.06 18.19
CA HIS B 386 20.65 27.73 17.44
C HIS B 386 21.01 26.25 17.65
N ILE B 387 20.93 25.43 16.61
CA ILE B 387 21.07 23.95 16.67
C ILE B 387 22.54 23.55 16.45
N SER B 388 23.12 22.79 17.38
CA SER B 388 24.43 22.09 17.23
C SER B 388 24.20 20.84 16.39
N ASN B 389 24.88 20.73 15.24
CA ASN B 389 24.86 19.52 14.37
C ASN B 389 26.07 18.66 14.72
N VAL B 390 25.85 17.44 15.23
CA VAL B 390 26.93 16.42 15.39
C VAL B 390 27.01 15.67 14.07
N HIS B 391 27.84 16.18 13.16
CA HIS B 391 27.76 15.97 11.69
C HIS B 391 28.72 14.85 11.29
N ILE B 392 28.19 13.82 10.61
CA ILE B 392 28.90 12.86 9.70
C ILE B 392 29.80 11.89 10.48
N LEU B 393 30.67 12.41 11.35
CA LEU B 393 31.48 11.61 12.32
C LEU B 393 32.41 10.68 11.54
N ALA B 394 33.20 11.28 10.65
CA ALA B 394 34.17 10.61 9.75
C ALA B 394 35.24 9.90 10.59
N ASN B 395 35.54 10.40 11.79
CA ASN B 395 36.63 9.86 12.63
C ASN B 395 36.14 8.66 13.45
N LEU B 396 34.82 8.41 13.51
CA LEU B 396 34.24 7.27 14.30
C LEU B 396 33.91 6.07 13.40
N GLU B 397 33.77 6.26 12.09
CA GLU B 397 33.37 5.19 11.14
C GLU B 397 34.47 4.13 11.05
N PRO B 398 34.16 2.82 11.16
CA PRO B 398 32.79 2.31 11.32
C PRO B 398 32.36 1.68 12.65
N TRP B 399 33.31 1.50 13.58
CA TRP B 399 33.10 0.68 14.81
C TRP B 399 32.15 1.38 15.78
N ARG B 400 31.75 0.66 16.81
CA ARG B 400 30.83 1.11 17.88
C ARG B 400 31.44 2.32 18.62
N TRP B 401 30.59 3.26 19.02
CA TRP B 401 30.97 4.46 19.82
C TRP B 401 29.75 4.94 20.62
N SER B 402 29.94 5.23 21.91
CA SER B 402 28.90 5.81 22.81
C SER B 402 29.49 6.02 24.21
N SER B 403 30.39 7.00 24.33
CA SER B 403 30.97 7.43 25.64
C SER B 403 30.00 8.39 26.30
N PRO B 404 29.24 7.95 27.34
CA PRO B 404 28.32 8.86 28.03
C PRO B 404 29.09 10.08 28.55
N ASP B 405 30.25 9.84 29.17
CA ASP B 405 31.14 10.88 29.77
C ASP B 405 31.53 11.93 28.73
N PHE B 406 31.82 11.52 27.50
CA PHE B 406 32.27 12.42 26.40
C PHE B 406 31.06 13.21 25.89
N ILE B 407 29.96 12.51 25.57
CA ILE B 407 28.69 13.16 25.12
C ILE B 407 28.25 14.16 26.19
N GLN B 408 28.19 13.75 27.47
CA GLN B 408 27.76 14.65 28.57
C GLN B 408 28.60 15.93 28.52
N LYS B 409 29.92 15.80 28.44
CA LYS B 409 30.87 16.95 28.53
C LYS B 409 30.75 17.82 27.27
N SER B 410 30.51 17.19 26.11
CA SER B 410 30.32 17.86 24.80
C SER B 410 29.06 18.74 24.84
N VAL B 411 27.96 18.19 25.36
CA VAL B 411 26.65 18.90 25.48
C VAL B 411 26.82 20.06 26.48
N LYS B 412 27.56 19.87 27.57
CA LYS B 412 27.96 20.99 28.48
C LYS B 412 28.68 22.07 27.66
N ALA B 413 29.62 21.65 26.80
CA ALA B 413 30.44 22.53 25.94
C ALA B 413 29.52 23.28 24.97
N MET B 414 28.57 22.58 24.33
CA MET B 414 27.52 23.20 23.47
C MET B 414 26.89 24.38 24.22
N HIS B 415 26.52 24.19 25.49
CA HIS B 415 25.97 25.26 26.37
C HIS B 415 27.06 26.30 26.63
N SER B 416 28.14 25.91 27.33
CA SER B 416 29.16 26.84 27.91
C SER B 416 30.00 27.54 26.83
N VAL B 417 30.28 26.93 25.67
CA VAL B 417 31.21 27.53 24.66
C VAL B 417 30.42 28.13 23.49
N HIS B 418 29.53 27.35 22.87
CA HIS B 418 28.86 27.70 21.60
C HIS B 418 27.61 28.57 21.85
N GLY B 419 27.09 28.59 23.09
CA GLY B 419 25.79 29.22 23.43
C GLY B 419 24.62 28.58 22.68
N ALA B 420 24.77 27.30 22.29
CA ALA B 420 23.75 26.52 21.55
C ALA B 420 22.64 26.11 22.52
N ASN B 421 21.38 26.23 22.09
CA ASN B 421 20.17 25.86 22.89
C ASN B 421 19.36 24.76 22.18
N ALA B 422 19.96 23.97 21.29
CA ALA B 422 19.30 22.85 20.58
C ALA B 422 20.33 21.89 19.95
N LEU B 423 19.87 20.74 19.47
CA LEU B 423 20.74 19.62 19.05
C LEU B 423 20.18 18.93 17.81
N HIS B 424 21.08 18.46 16.95
CA HIS B 424 20.82 17.66 15.73
C HIS B 424 21.96 16.64 15.66
N ILE B 425 21.66 15.33 15.69
CA ILE B 425 22.73 14.28 15.68
C ILE B 425 22.59 13.41 14.44
N TYR B 426 23.64 13.32 13.64
CA TYR B 426 23.81 12.28 12.59
C TYR B 426 23.86 10.91 13.26
N PRO B 427 23.56 9.83 12.51
CA PRO B 427 23.96 8.48 12.91
C PRO B 427 25.42 8.41 13.38
N GLN B 428 25.70 7.60 14.40
CA GLN B 428 27.07 7.43 14.96
C GLN B 428 28.05 7.09 13.84
N ALA B 429 27.60 6.30 12.85
CA ALA B 429 28.40 5.84 11.68
C ALA B 429 27.50 5.26 10.58
N ASN B 430 27.99 5.34 9.35
CA ASN B 430 27.35 4.79 8.12
C ASN B 430 26.11 5.61 7.74
N TYR B 431 26.12 6.92 7.93
CA TYR B 431 25.05 7.83 7.42
C TYR B 431 24.61 7.37 6.02
N TRP B 432 25.58 7.17 5.12
CA TRP B 432 25.42 6.95 3.65
C TRP B 432 24.85 5.56 3.32
N ASP B 433 24.79 4.61 4.26
CA ASP B 433 24.33 3.22 3.95
C ASP B 433 23.07 2.91 4.78
N TRP B 434 22.33 3.95 5.20
CA TRP B 434 21.11 3.78 6.03
C TRP B 434 20.23 2.74 5.35
N PRO B 435 19.60 1.76 6.06
CA PRO B 435 19.42 1.77 7.53
C PRO B 435 20.33 0.86 8.37
N TYR B 436 21.40 0.33 7.77
CA TYR B 436 22.30 -0.65 8.41
C TYR B 436 23.64 -0.01 8.76
N THR B 437 24.42 -0.80 9.52
CA THR B 437 25.81 -0.50 9.94
C THR B 437 26.73 -1.19 8.94
N ALA B 438 28.02 -0.90 9.04
CA ALA B 438 29.09 -1.52 8.22
C ALA B 438 29.33 -2.97 8.66
N ASP B 439 28.88 -3.35 9.86
CA ASP B 439 29.09 -4.70 10.46
C ASP B 439 28.70 -5.81 9.47
N LYS B 440 29.51 -6.88 9.45
CA LYS B 440 29.37 -8.04 8.55
C LYS B 440 29.17 -9.32 9.36
N LEU B 441 28.02 -9.99 9.14
CA LEU B 441 27.64 -11.26 9.79
C LEU B 441 27.73 -12.42 8.78
N ALA B 442 27.62 -13.67 9.24
CA ALA B 442 27.67 -14.91 8.42
C ALA B 442 26.55 -14.91 7.39
N ASN B 443 26.91 -15.29 6.15
CA ASN B 443 25.98 -15.54 5.01
C ASN B 443 25.27 -14.26 4.60
N GLY B 444 26.01 -13.13 4.51
CA GLY B 444 25.58 -11.84 3.90
C GLY B 444 24.61 -11.01 4.73
N GLU B 445 24.25 -11.41 5.96
CA GLU B 445 23.18 -10.76 6.78
C GLU B 445 23.62 -9.36 7.23
N ARG B 446 22.74 -8.36 7.15
CA ARG B 446 23.07 -6.97 7.55
C ARG B 446 22.71 -6.78 9.02
N GLU B 447 23.25 -5.73 9.66
CA GLU B 447 22.97 -5.37 11.08
C GLU B 447 22.27 -4.01 11.12
N GLU B 448 21.18 -3.94 11.88
CA GLU B 448 20.30 -2.76 11.99
C GLU B 448 21.03 -1.67 12.78
N GLN B 449 21.03 -0.45 12.25
CA GLN B 449 21.66 0.76 12.86
C GLN B 449 20.92 1.06 14.17
N VAL B 450 19.59 0.97 14.13
CA VAL B 450 18.71 1.44 15.24
C VAL B 450 18.88 0.48 16.43
N TYR B 451 19.12 -0.79 16.14
CA TYR B 451 19.63 -1.81 17.10
C TYR B 451 20.96 -1.28 17.68
N ARG B 452 22.03 -1.30 16.89
CA ARG B 452 23.43 -1.16 17.39
C ARG B 452 23.63 0.09 18.24
N ASP B 453 23.17 1.24 17.75
CA ASP B 453 23.63 2.59 18.21
C ASP B 453 22.64 3.14 19.25
N TRP B 454 21.87 2.29 19.93
CA TRP B 454 20.83 2.71 20.91
C TRP B 454 21.45 3.63 21.98
N ALA B 455 22.67 3.32 22.44
CA ALA B 455 23.39 4.06 23.50
C ALA B 455 23.69 5.48 23.02
N TRP B 456 24.03 5.62 21.74
CA TRP B 456 24.37 6.89 21.06
C TRP B 456 23.16 7.82 21.12
N TYR B 457 22.01 7.34 20.68
CA TYR B 457 20.72 8.08 20.68
C TYR B 457 20.26 8.34 22.13
N LYS B 458 20.39 7.34 23.04
CA LYS B 458 19.93 7.49 24.44
C LYS B 458 20.73 8.58 25.14
N ALA B 459 22.05 8.59 24.97
CA ALA B 459 22.98 9.50 25.68
C ALA B 459 22.73 10.94 25.20
N TRP B 460 22.87 11.18 23.89
CA TRP B 460 22.67 12.53 23.32
C TRP B 460 21.33 13.10 23.81
N GLY B 461 20.24 12.36 23.62
CA GLY B 461 18.87 12.76 24.02
C GLY B 461 18.74 13.00 25.51
N ARG B 462 19.34 12.15 26.34
CA ARG B 462 19.35 12.29 27.82
C ARG B 462 20.08 13.57 28.26
N TYR B 463 21.25 13.89 27.68
CA TYR B 463 22.12 15.00 28.13
C TYR B 463 21.67 16.33 27.50
N ALA B 464 21.02 16.24 26.33
CA ALA B 464 20.31 17.36 25.69
C ALA B 464 19.12 17.76 26.56
N TRP B 465 18.50 16.80 27.25
CA TRP B 465 17.36 17.08 28.16
C TRP B 465 17.86 17.92 29.36
N LYS B 466 18.80 17.35 30.12
CA LYS B 466 19.52 18.01 31.24
C LYS B 466 20.99 17.59 31.15
N ALA B 467 21.91 18.55 31.12
CA ALA B 467 23.37 18.33 30.91
C ALA B 467 24.05 17.89 32.22
N ASP B 468 23.71 18.50 33.34
CA ASP B 468 24.60 18.60 34.54
C ASP B 468 24.28 17.48 35.55
N ARG B 469 23.44 16.51 35.15
CA ARG B 469 23.21 15.23 35.86
C ARG B 469 24.50 14.82 36.60
N ASN B 470 24.44 14.78 37.92
CA ASN B 470 25.54 14.34 38.82
C ASN B 470 26.25 13.13 38.18
N ARG B 471 27.58 13.16 38.14
CA ARG B 471 28.41 12.26 37.29
C ARG B 471 28.45 10.86 37.92
N LEU B 472 28.66 10.77 39.23
CA LEU B 472 28.60 9.49 39.98
C LEU B 472 27.23 8.85 39.73
N GLU B 473 26.16 9.65 39.87
CA GLU B 473 24.76 9.19 39.63
C GLU B 473 24.67 8.66 38.18
N GLU B 474 25.09 9.47 37.22
CA GLU B 474 25.10 9.15 35.76
C GLU B 474 25.74 7.79 35.49
N ILE B 475 26.91 7.52 36.08
CA ILE B 475 27.65 6.23 35.94
C ILE B 475 26.75 5.08 36.41
N LYS B 476 26.05 5.25 37.54
CA LYS B 476 25.17 4.22 38.14
C LYS B 476 24.07 3.90 37.12
N TYR B 477 23.44 4.94 36.57
CA TYR B 477 22.34 4.86 35.56
C TYR B 477 22.79 4.02 34.35
N TRP B 478 23.92 4.39 33.72
CA TRP B 478 24.44 3.77 32.47
C TRP B 478 24.88 2.31 32.72
N ASP B 479 25.63 2.06 33.79
CA ASP B 479 25.91 0.70 34.33
C ASP B 479 24.62 -0.13 34.29
N LYS B 480 23.51 0.43 34.75
CA LYS B 480 22.21 -0.28 34.80
C LYS B 480 21.73 -0.54 33.38
N GLN B 481 21.73 0.48 32.53
CA GLN B 481 21.16 0.40 31.16
C GLN B 481 21.97 -0.61 30.34
N PHE B 482 23.29 -0.63 30.51
CA PHE B 482 24.18 -1.60 29.81
C PHE B 482 23.90 -3.01 30.36
N GLY B 483 23.77 -3.12 31.69
CA GLY B 483 23.47 -4.38 32.39
C GLY B 483 22.19 -5.00 31.88
N ASP B 484 21.13 -4.19 31.77
CA ASP B 484 19.79 -4.63 31.32
C ASP B 484 19.90 -5.18 29.90
N PHE B 485 20.43 -4.39 28.98
CA PHE B 485 20.56 -4.71 27.53
C PHE B 485 21.12 -6.12 27.34
N TYR B 486 22.19 -6.50 28.05
CA TYR B 486 22.91 -7.79 27.88
C TYR B 486 22.64 -8.74 29.05
N GLY B 487 21.62 -8.49 29.87
CA GLY B 487 21.21 -9.32 31.03
C GLY B 487 22.37 -9.64 31.98
N ILE B 488 23.07 -8.62 32.48
CA ILE B 488 24.25 -8.76 33.39
C ILE B 488 24.11 -7.85 34.62
N PRO B 489 24.53 -8.30 35.84
CA PRO B 489 24.57 -7.42 37.00
C PRO B 489 25.32 -6.11 36.73
N ALA B 490 24.72 -4.97 37.08
CA ALA B 490 25.23 -3.61 36.81
C ALA B 490 26.69 -3.47 37.24
N GLU B 491 27.09 -4.08 38.36
CA GLU B 491 28.47 -3.96 38.91
C GLU B 491 29.46 -4.49 37.85
N MET B 492 29.13 -5.58 37.14
CA MET B 492 29.98 -6.17 36.06
C MET B 492 29.82 -5.36 34.75
N ALA B 493 28.63 -4.80 34.50
CA ALA B 493 28.32 -3.95 33.32
C ALA B 493 29.08 -2.62 33.42
N ASP B 494 29.57 -2.25 34.60
CA ASP B 494 30.51 -1.13 34.81
C ASP B 494 31.71 -1.28 33.87
N ASN B 495 32.03 -2.51 33.48
CA ASN B 495 33.16 -2.80 32.56
C ASN B 495 32.79 -2.30 31.15
N ILE B 496 31.58 -2.62 30.69
CA ILE B 496 31.03 -2.12 29.39
C ILE B 496 31.09 -0.59 29.39
N ARG B 497 30.74 0.08 30.50
CA ARG B 497 30.80 1.56 30.60
C ARG B 497 32.25 2.03 30.38
N ILE B 498 33.21 1.45 31.09
CA ILE B 498 34.65 1.84 31.02
C ILE B 498 35.13 1.55 29.59
N ALA B 499 34.74 0.41 29.02
CA ALA B 499 35.06 0.03 27.62
C ALA B 499 34.83 1.24 26.71
N TYR B 500 33.61 1.81 26.74
CA TYR B 500 33.09 2.86 25.83
C TYR B 500 33.81 4.21 26.08
N GLU B 501 34.09 4.53 27.35
CA GLU B 501 34.61 5.86 27.76
C GLU B 501 36.12 5.89 27.50
N GLU B 502 36.87 4.88 27.96
CA GLU B 502 38.30 4.74 27.61
C GLU B 502 38.41 4.72 26.08
N SER B 503 37.82 3.74 25.38
CA SER B 503 37.95 3.61 23.89
C SER B 503 37.48 4.92 23.22
N GLY B 504 36.44 5.56 23.76
CA GLY B 504 35.76 6.74 23.19
C GLY B 504 36.72 7.86 22.90
N GLU B 505 37.76 8.03 23.72
CA GLU B 505 38.73 9.16 23.64
C GLU B 505 39.81 8.91 22.55
N ILE B 506 39.85 7.74 21.91
CA ILE B 506 40.90 7.37 20.90
C ILE B 506 40.73 8.21 19.62
N ALA B 507 39.64 7.99 18.86
CA ALA B 507 39.43 8.62 17.53
C ALA B 507 39.38 10.15 17.66
N PRO B 508 38.71 10.74 18.67
CA PRO B 508 38.73 12.19 18.87
C PRO B 508 40.14 12.75 19.11
N LYS B 509 40.92 12.10 19.97
CA LYS B 509 42.26 12.57 20.36
C LYS B 509 43.17 12.45 19.13
N LEU B 510 43.27 11.25 18.58
CA LEU B 510 44.16 10.96 17.44
C LEU B 510 43.83 11.96 16.32
N LEU B 511 42.56 12.25 16.05
CA LEU B 511 42.21 13.15 14.93
C LEU B 511 42.63 14.58 15.26
N ARG B 512 42.32 15.07 16.46
CA ARG B 512 42.49 16.51 16.78
C ARG B 512 43.99 16.83 16.77
N ARG B 513 44.83 15.83 17.04
CA ARG B 513 46.28 16.06 17.28
C ARG B 513 47.09 15.68 16.03
N PHE B 514 46.60 14.81 15.16
CA PHE B 514 47.41 14.24 14.04
C PHE B 514 46.70 14.34 12.69
N GLY B 515 45.38 14.51 12.68
CA GLY B 515 44.52 14.45 11.48
C GLY B 515 44.76 15.59 10.52
N ILE B 516 44.33 15.42 9.27
CA ILE B 516 44.46 16.43 8.18
C ILE B 516 43.25 17.37 8.26
N THR B 517 42.06 16.82 8.39
CA THR B 517 40.79 17.60 8.50
C THR B 517 39.73 16.81 9.28
N GLU B 518 38.68 17.54 9.71
CA GLU B 518 37.48 16.99 10.40
C GLU B 518 36.53 16.39 9.36
N GLY B 519 36.75 16.66 8.08
CA GLY B 519 35.85 16.27 6.97
C GLY B 519 35.84 14.78 6.68
N ASN B 520 34.77 14.30 6.05
CA ASN B 520 34.69 12.91 5.51
C ASN B 520 35.69 12.79 4.35
N ARG B 521 36.42 13.87 4.02
CA ARG B 521 37.67 13.82 3.20
C ARG B 521 38.68 12.85 3.82
N GLN B 522 38.68 12.67 5.15
CA GLN B 522 39.51 11.65 5.83
C GLN B 522 38.66 10.51 6.37
N THR B 523 39.26 9.32 6.45
CA THR B 523 38.75 8.08 7.09
C THR B 523 39.77 7.63 8.14
N LEU B 524 39.70 8.19 9.36
CA LEU B 524 40.82 8.10 10.34
C LEU B 524 41.18 6.62 10.59
N LEU B 525 40.19 5.76 10.72
CA LEU B 525 40.37 4.39 11.28
C LEU B 525 40.81 3.40 10.19
N LEU B 526 41.08 3.90 8.97
CA LEU B 526 41.89 3.17 7.94
C LEU B 526 43.38 3.47 8.16
N GLY B 527 43.71 4.58 8.83
CA GLY B 527 45.09 4.93 9.21
C GLY B 527 45.64 6.08 8.38
N MET B 528 46.96 6.30 8.47
CA MET B 528 47.68 7.41 7.81
C MET B 528 49.07 6.93 7.39
N PHE B 529 49.56 7.37 6.24
CA PHE B 529 50.93 7.12 5.73
C PHE B 529 51.95 7.93 6.54
N MET B 530 53.19 7.48 6.55
CA MET B 530 54.34 8.23 7.11
C MET B 530 54.38 9.64 6.51
N SER B 531 54.22 9.75 5.19
CA SER B 531 54.22 11.04 4.44
C SER B 531 53.23 12.02 5.08
N GLN B 532 52.05 11.52 5.49
CA GLN B 532 50.95 12.35 6.08
C GLN B 532 51.31 12.79 7.51
N PHE B 533 52.26 12.12 8.19
CA PHE B 533 52.78 12.57 9.51
C PHE B 533 53.91 13.59 9.34
N VAL B 534 54.81 13.42 8.37
CA VAL B 534 56.10 14.18 8.28
C VAL B 534 55.91 15.44 7.43
N ASN B 535 54.94 15.47 6.51
CA ASN B 535 54.68 16.62 5.61
C ASN B 535 53.17 16.81 5.51
N PRO B 536 52.49 17.10 6.63
CA PRO B 536 51.03 17.06 6.67
C PRO B 536 50.40 18.19 5.86
N TYR B 537 51.03 19.38 5.81
CA TYR B 537 50.48 20.59 5.12
C TYR B 537 50.39 20.35 3.61
N LYS B 538 51.08 19.34 3.09
CA LYS B 538 51.11 18.93 1.66
C LYS B 538 49.77 18.30 1.26
N TYR B 539 49.04 17.71 2.22
CA TYR B 539 47.71 17.07 2.02
C TYR B 539 46.59 18.09 2.31
N THR B 540 46.94 19.35 2.52
CA THR B 540 46.03 20.53 2.65
C THR B 540 45.26 20.44 3.98
N ILE B 541 45.77 21.14 4.98
CA ILE B 541 45.08 21.50 6.25
C ILE B 541 44.60 22.95 6.13
N HIS B 542 43.29 23.14 5.96
CA HIS B 542 42.60 24.46 5.92
C HIS B 542 42.63 25.07 7.33
N TYR B 543 42.93 26.38 7.44
CA TYR B 543 42.92 27.16 8.70
C TYR B 543 41.56 26.98 9.38
N GLY B 544 41.54 26.92 10.71
CA GLY B 544 40.29 26.84 11.50
C GLY B 544 40.19 25.50 12.20
N PHE B 545 40.55 24.40 11.54
CA PHE B 545 40.38 23.01 12.06
C PHE B 545 41.11 22.85 13.40
N TYR B 546 42.45 22.90 13.40
CA TYR B 546 43.30 22.73 14.61
C TYR B 546 43.04 23.82 15.65
N GLU B 547 42.64 25.02 15.20
CA GLU B 547 42.47 26.22 16.07
C GLU B 547 41.09 26.24 16.74
N SER B 548 40.29 25.16 16.61
CA SER B 548 38.86 25.09 17.04
C SER B 548 38.50 23.74 17.66
N CYS B 549 38.92 22.64 17.04
CA CYS B 549 38.38 21.28 17.30
C CYS B 549 39.05 20.62 18.51
N GLY B 550 39.53 21.41 19.48
CA GLY B 550 40.12 20.89 20.73
C GLY B 550 41.24 21.78 21.27
N PRO B 551 41.77 21.47 22.48
CA PRO B 551 42.75 22.34 23.15
C PRO B 551 43.93 22.66 22.24
N GLY B 552 44.40 23.91 22.26
CA GLY B 552 45.57 24.40 21.48
C GLY B 552 46.79 23.59 21.84
N GLY B 553 47.66 23.34 20.86
CA GLY B 553 48.71 22.32 21.03
C GLY B 553 49.57 22.17 19.80
N GLU B 554 50.50 21.22 19.82
CA GLU B 554 51.57 21.11 18.81
C GLU B 554 51.25 19.95 17.86
N LYS B 555 51.36 20.20 16.54
CA LYS B 555 51.45 19.14 15.51
C LYS B 555 52.75 18.38 15.79
N LEU B 556 52.94 17.18 15.20
CA LEU B 556 54.21 16.42 15.37
C LEU B 556 55.35 17.23 14.77
N ILE B 557 55.17 17.83 13.59
CA ILE B 557 56.19 18.71 12.93
C ILE B 557 56.58 19.81 13.93
N GLU B 558 55.60 20.52 14.48
CA GLU B 558 55.78 21.68 15.39
C GLU B 558 56.59 21.23 16.61
N TYR B 559 56.28 20.06 17.18
CA TYR B 559 56.98 19.52 18.38
C TYR B 559 58.45 19.24 18.04
N VAL B 560 58.73 18.50 16.97
CA VAL B 560 60.10 18.05 16.60
C VAL B 560 60.95 19.30 16.32
N GLU B 561 60.42 20.23 15.50
CA GLU B 561 61.10 21.51 15.09
C GLU B 561 61.52 22.32 16.35
N LYS B 562 60.76 22.22 17.43
CA LYS B 562 61.04 22.96 18.70
C LYS B 562 62.06 22.19 19.54
N GLU B 563 62.11 20.86 19.44
CA GLU B 563 63.11 20.00 20.14
C GLU B 563 64.53 20.34 19.67
N TRP B 564 64.67 20.69 18.40
CA TRP B 564 65.95 20.94 17.68
C TRP B 564 66.31 22.42 17.69
N LYS B 565 65.36 23.30 18.03
CA LYS B 565 65.55 24.77 18.16
C LYS B 565 65.52 25.15 19.64
N LYS B 566 65.45 24.16 20.54
CA LYS B 566 65.33 24.32 22.03
C LYS B 566 64.34 25.46 22.36
N GLN B 567 63.23 25.54 21.60
CA GLN B 567 62.05 26.39 21.94
C GLN B 567 61.22 25.61 22.97
N PRO B 568 60.53 26.28 23.93
CA PRO B 568 59.74 25.56 24.92
C PRO B 568 58.40 25.12 24.33
N HIS B 569 57.75 24.13 24.95
CA HIS B 569 56.46 23.51 24.48
C HIS B 569 55.26 24.18 25.17
N VAL B 570 54.11 24.17 24.49
CA VAL B 570 52.86 24.86 24.96
C VAL B 570 51.68 23.96 24.57
N GLY B 571 50.82 23.66 25.55
CA GLY B 571 49.52 23.00 25.33
C GLY B 571 49.66 21.49 25.20
N GLU B 572 48.76 20.89 24.43
CA GLU B 572 48.66 19.43 24.21
C GLU B 572 49.76 18.99 23.23
N LEU B 573 50.62 18.07 23.65
CA LEU B 573 51.79 17.55 22.87
C LEU B 573 51.43 16.20 22.24
N PRO B 574 51.98 15.90 21.04
CA PRO B 574 51.67 14.65 20.32
C PRO B 574 52.09 13.34 21.02
N LEU B 575 53.20 13.32 21.76
CA LEU B 575 53.73 12.07 22.39
C LEU B 575 52.82 11.64 23.55
N ASP B 576 52.40 12.61 24.38
CA ASP B 576 51.40 12.39 25.45
C ASP B 576 50.19 11.63 24.87
N ILE B 577 49.63 12.11 23.75
CA ILE B 577 48.32 11.66 23.18
C ILE B 577 48.45 10.19 22.73
N ILE B 578 49.60 9.79 22.20
CA ILE B 578 49.82 8.37 21.77
C ILE B 578 50.00 7.49 23.03
N ASN B 579 50.74 7.96 24.04
CA ASN B 579 50.88 7.29 25.37
C ASN B 579 49.50 7.17 26.03
N GLN B 580 48.69 8.24 25.95
CA GLN B 580 47.31 8.33 26.47
C GLN B 580 46.38 7.44 25.64
N VAL B 581 46.70 7.21 24.37
CA VAL B 581 45.81 6.42 23.48
C VAL B 581 46.08 4.92 23.65
N ILE B 582 47.33 4.47 23.81
CA ILE B 582 47.59 3.03 24.10
C ILE B 582 46.97 2.70 25.47
N GLU B 583 47.01 3.62 26.43
CA GLU B 583 46.41 3.42 27.77
C GLU B 583 44.89 3.26 27.60
N HIS B 584 44.26 4.05 26.73
CA HIS B 584 42.81 3.91 26.43
C HIS B 584 42.57 2.52 25.85
N GLY B 585 43.42 2.11 24.91
CA GLY B 585 43.29 0.85 24.14
C GLY B 585 43.42 -0.39 25.01
N ASP B 586 44.53 -0.51 25.75
CA ASP B 586 44.82 -1.60 26.71
C ASP B 586 43.67 -1.78 27.71
N LYS B 587 43.09 -0.67 28.19
CA LYS B 587 42.09 -0.65 29.28
C LYS B 587 40.74 -1.16 28.76
N ALA B 588 40.34 -0.71 27.57
CA ALA B 588 39.05 -1.07 26.95
C ALA B 588 38.98 -2.60 26.81
N VAL B 589 39.97 -3.18 26.13
CA VAL B 589 40.18 -4.64 25.92
C VAL B 589 40.12 -5.36 27.27
N ALA B 590 40.69 -4.77 28.32
CA ALA B 590 40.79 -5.37 29.68
C ALA B 590 39.39 -5.44 30.31
N ALA B 591 38.65 -4.32 30.25
CA ALA B 591 37.30 -4.18 30.81
C ALA B 591 36.31 -5.07 30.06
N ILE B 592 36.37 -5.10 28.73
CA ILE B 592 35.35 -5.79 27.88
C ILE B 592 35.58 -7.31 27.95
N ASP B 593 36.83 -7.76 27.89
CA ASP B 593 37.24 -9.19 27.98
C ASP B 593 36.72 -9.81 29.29
N LYS B 594 36.63 -9.01 30.37
CA LYS B 594 36.18 -9.44 31.72
C LYS B 594 34.69 -9.84 31.74
N VAL B 595 33.88 -9.37 30.78
CA VAL B 595 32.40 -9.50 30.89
C VAL B 595 31.77 -10.16 29.64
N VAL B 596 32.49 -10.22 28.50
CA VAL B 596 32.07 -11.02 27.30
C VAL B 596 31.60 -12.40 27.77
N SER B 597 32.29 -12.98 28.77
CA SER B 597 31.90 -14.25 29.43
C SER B 597 30.37 -14.28 29.64
N SER B 598 29.85 -13.44 30.55
CA SER B 598 28.54 -13.57 31.26
C SER B 598 27.36 -13.72 30.27
N ALA B 599 27.12 -12.69 29.45
CA ALA B 599 26.14 -12.60 28.33
C ALA B 599 24.92 -13.53 28.46
N LYS B 600 23.86 -13.08 29.16
CA LYS B 600 22.60 -13.86 29.33
C LYS B 600 21.65 -13.65 28.13
N LYS B 601 21.89 -12.60 27.33
CA LYS B 601 20.97 -12.12 26.26
C LYS B 601 21.72 -11.09 25.40
N ASN B 602 21.36 -10.98 24.11
CA ASN B 602 22.05 -10.16 23.07
C ASN B 602 23.53 -10.55 22.98
N SER B 603 23.87 -11.77 23.39
CA SER B 603 25.27 -12.28 23.46
C SER B 603 26.08 -11.73 22.29
N ASP B 604 25.71 -12.09 21.06
CA ASP B 604 26.46 -11.86 19.80
C ASP B 604 27.03 -10.45 19.74
N GLU B 605 26.14 -9.46 19.94
CA GLU B 605 26.43 -7.99 19.92
C GLU B 605 27.58 -7.66 20.88
N LEU B 606 27.64 -8.32 22.05
CA LEU B 606 28.70 -8.13 23.08
C LEU B 606 30.02 -8.72 22.55
N ARG B 607 29.98 -9.82 21.78
CA ARG B 607 31.18 -10.40 21.11
C ARG B 607 31.65 -9.47 19.99
N ARG B 608 30.72 -8.78 19.31
CA ARG B 608 31.07 -7.76 18.28
C ARG B 608 31.66 -6.53 18.99
N LEU B 609 31.06 -6.13 20.12
CA LEU B 609 31.58 -5.02 20.96
C LEU B 609 33.03 -5.35 21.34
N GLN B 610 33.29 -6.59 21.76
CA GLN B 610 34.65 -7.08 22.15
C GLN B 610 35.61 -6.88 20.98
N ASN B 611 35.30 -7.49 19.82
CA ASN B 611 36.14 -7.43 18.59
C ASN B 611 36.36 -5.95 18.20
N ASP B 612 35.39 -5.06 18.49
CA ASP B 612 35.54 -3.60 18.25
C ASP B 612 36.58 -3.00 19.21
N MET B 613 36.64 -3.45 20.45
CA MET B 613 37.65 -2.97 21.44
C MET B 613 39.04 -3.50 21.06
N HIS B 614 39.10 -4.73 20.53
CA HIS B 614 40.35 -5.36 20.00
C HIS B 614 40.78 -4.67 18.70
N CYS B 615 39.84 -4.11 17.92
CA CYS B 615 40.13 -3.30 16.72
C CYS B 615 40.69 -1.94 17.14
N TYR B 616 40.18 -1.35 18.21
CA TYR B 616 40.65 -0.04 18.72
C TYR B 616 42.06 -0.21 19.29
N ARG B 617 42.32 -1.24 20.10
CA ARG B 617 43.63 -1.48 20.77
C ARG B 617 44.72 -1.63 19.69
N GLU B 618 44.48 -2.46 18.68
CA GLU B 618 45.46 -2.70 17.59
C GLU B 618 45.62 -1.45 16.72
N TYR B 619 44.57 -0.65 16.50
CA TYR B 619 44.71 0.64 15.77
C TYR B 619 45.60 1.60 16.57
N ALA B 620 45.42 1.67 17.89
CA ALA B 620 46.09 2.63 18.79
C ALA B 620 47.61 2.38 18.82
N TYR B 621 48.01 1.10 18.85
CA TYR B 621 49.44 0.67 18.90
C TYR B 621 50.08 0.87 17.53
N ALA B 622 49.37 0.47 16.47
CA ALA B 622 49.78 0.65 15.06
C ALA B 622 50.04 2.15 14.82
N PHE B 623 49.18 3.02 15.36
CA PHE B 623 49.36 4.48 15.33
C PHE B 623 50.60 4.84 16.16
N TYR B 624 50.61 4.53 17.46
CA TYR B 624 51.73 4.76 18.41
C TYR B 624 53.08 4.55 17.72
N TYR B 625 53.34 3.36 17.19
CA TYR B 625 54.65 3.00 16.59
C TYR B 625 54.93 3.87 15.35
N LYS B 626 53.91 4.11 14.52
CA LYS B 626 53.98 4.96 13.30
C LYS B 626 54.38 6.39 13.66
N VAL B 627 53.77 6.94 14.70
CA VAL B 627 54.05 8.33 15.17
C VAL B 627 55.51 8.39 15.60
N LYS B 628 55.99 7.33 16.29
CA LYS B 628 57.39 7.22 16.80
C LYS B 628 58.37 7.15 15.62
N ALA B 629 58.05 6.34 14.61
CA ALA B 629 58.86 6.20 13.38
C ALA B 629 58.95 7.58 12.69
N ALA B 630 57.82 8.30 12.62
CA ALA B 630 57.74 9.64 12.01
C ALA B 630 58.59 10.62 12.82
N GLN B 631 58.50 10.56 14.15
CA GLN B 631 59.34 11.40 15.04
C GLN B 631 60.80 11.19 14.63
N HIS B 632 61.21 9.94 14.37
CA HIS B 632 62.64 9.58 14.08
C HIS B 632 63.01 10.11 12.70
N VAL B 633 62.08 10.08 11.74
CA VAL B 633 62.30 10.56 10.34
C VAL B 633 62.50 12.09 10.37
N LEU B 634 61.70 12.82 11.13
CA LEU B 634 61.86 14.28 11.27
C LEU B 634 63.15 14.59 12.04
N ASN B 635 63.59 13.76 12.98
CA ASN B 635 64.91 13.93 13.64
C ASN B 635 65.98 13.94 12.53
N TYR B 636 65.92 12.96 11.63
CA TYR B 636 66.79 12.84 10.43
C TYR B 636 66.82 14.17 9.68
N HIS B 637 65.66 14.73 9.38
CA HIS B 637 65.47 15.96 8.57
C HIS B 637 66.29 17.11 9.17
N TRP B 638 66.18 17.37 10.46
CA TRP B 638 66.89 18.50 11.14
C TRP B 638 68.39 18.18 11.32
N GLY B 639 68.75 16.96 11.77
CA GLY B 639 70.10 16.64 12.28
C GLY B 639 70.95 15.87 11.28
N LYS B 640 70.29 15.13 10.37
CA LYS B 640 70.84 14.35 9.22
C LYS B 640 71.67 13.14 9.69
N ASN B 641 71.48 12.70 10.94
CA ASN B 641 72.08 11.48 11.51
C ASN B 641 71.36 10.28 10.89
N MET B 642 72.10 9.32 10.34
CA MET B 642 71.52 8.17 9.58
C MET B 642 70.89 7.16 10.56
N ASP B 643 71.40 7.10 11.79
CA ASP B 643 70.88 6.28 12.92
C ASP B 643 69.35 6.46 13.02
N GLU B 644 68.88 7.71 12.95
CA GLU B 644 67.45 8.09 13.12
C GLU B 644 66.56 7.28 12.16
N LEU B 645 66.92 7.20 10.88
CA LEU B 645 66.20 6.42 9.84
C LEU B 645 66.34 4.92 10.12
N ASP B 646 67.53 4.45 10.52
CA ASP B 646 67.77 3.04 10.94
C ASP B 646 66.92 2.69 12.16
N LYS B 647 66.65 3.66 13.04
CA LYS B 647 65.78 3.53 14.23
C LYS B 647 64.29 3.54 13.83
N ALA B 648 63.93 4.15 12.70
CA ALA B 648 62.54 4.27 12.23
C ALA B 648 62.00 2.93 11.70
N VAL B 649 62.91 2.07 11.21
CA VAL B 649 62.57 0.84 10.43
C VAL B 649 61.91 -0.19 11.35
N PRO B 650 62.49 -0.57 12.51
CA PRO B 650 61.80 -1.45 13.45
C PRO B 650 60.39 -0.99 13.86
N LEU B 651 60.17 0.32 13.96
CA LEU B 651 58.87 0.90 14.42
C LEU B 651 57.82 0.84 13.29
N MET B 652 58.21 1.05 12.03
CA MET B 652 57.29 0.85 10.88
C MET B 652 56.93 -0.65 10.76
N GLU B 653 57.88 -1.55 11.00
CA GLU B 653 57.67 -3.03 11.04
C GLU B 653 56.69 -3.37 12.17
N GLU B 654 56.92 -2.83 13.36
CA GLU B 654 56.07 -3.06 14.55
C GLU B 654 54.68 -2.46 14.27
N SER B 655 54.62 -1.31 13.62
CA SER B 655 53.35 -0.66 13.19
C SER B 655 52.59 -1.64 12.30
N LEU B 656 53.29 -2.32 11.38
CA LEU B 656 52.71 -3.25 10.38
C LEU B 656 52.24 -4.55 11.06
N LYS B 657 53.00 -5.04 12.06
CA LYS B 657 52.58 -6.17 12.93
C LYS B 657 51.15 -5.89 13.40
N HIS B 658 50.98 -4.84 14.19
CA HIS B 658 49.69 -4.44 14.82
C HIS B 658 48.64 -4.10 13.76
N TYR B 659 49.03 -3.61 12.58
CA TYR B 659 48.05 -3.32 11.50
C TYR B 659 47.59 -4.65 10.87
N THR B 660 48.45 -5.69 10.85
CA THR B 660 48.14 -7.03 10.28
C THR B 660 47.23 -7.77 11.27
N LYS B 661 47.50 -7.61 12.56
CA LYS B 661 46.61 -8.07 13.68
C LYS B 661 45.20 -7.51 13.44
N LEU B 662 45.12 -6.23 13.05
CA LEU B 662 43.86 -5.46 12.88
C LEU B 662 43.10 -6.01 11.66
N VAL B 663 43.78 -6.17 10.53
CA VAL B 663 43.14 -6.69 9.28
C VAL B 663 42.49 -8.02 9.64
N ASP B 664 43.23 -8.91 10.31
CA ASP B 664 42.78 -10.26 10.77
C ASP B 664 41.47 -10.14 11.56
N LEU B 665 41.24 -9.02 12.27
CA LEU B 665 40.04 -8.76 13.12
C LEU B 665 38.93 -8.01 12.36
N THR B 666 39.23 -7.33 11.23
CA THR B 666 38.24 -6.52 10.47
C THR B 666 37.64 -7.35 9.32
N LYS B 667 38.47 -8.07 8.57
CA LYS B 667 38.10 -8.71 7.27
C LYS B 667 36.82 -9.56 7.40
N ASP B 668 36.61 -10.21 8.56
CA ASP B 668 35.46 -11.13 8.82
C ASP B 668 34.38 -10.38 9.61
N THR B 669 34.66 -9.16 10.07
CA THR B 669 33.79 -8.41 11.01
C THR B 669 33.23 -7.12 10.38
N TYR B 670 33.75 -6.66 9.23
CA TYR B 670 33.34 -5.37 8.60
C TYR B 670 33.39 -5.45 7.06
N LEU B 671 32.42 -4.82 6.41
CA LEU B 671 32.27 -4.74 4.93
C LEU B 671 33.19 -3.66 4.40
N PHE B 672 33.24 -2.53 5.11
CA PHE B 672 34.07 -1.34 4.78
C PHE B 672 34.24 -0.48 6.03
N ALA B 673 35.23 0.41 6.01
CA ALA B 673 35.39 1.50 7.00
C ALA B 673 34.49 2.67 6.58
N ASN B 674 34.89 3.42 5.54
CA ASN B 674 34.23 4.68 5.09
C ASN B 674 32.93 4.34 4.39
N SER B 675 31.88 5.14 4.61
CA SER B 675 30.55 4.99 3.96
C SER B 675 30.43 5.96 2.77
N MET B 676 31.11 7.11 2.77
CA MET B 676 31.22 7.96 1.54
C MET B 676 32.34 7.35 0.71
N GLN B 677 31.97 6.59 -0.33
CA GLN B 677 32.88 5.71 -1.12
C GLN B 677 33.07 6.32 -2.50
N THR B 678 33.53 7.58 -2.52
CA THR B 678 33.75 8.39 -3.76
C THR B 678 35.07 9.14 -3.66
N ALA B 679 35.46 9.79 -4.76
CA ALA B 679 36.74 10.52 -4.90
C ALA B 679 36.81 11.72 -3.94
N GLN B 680 35.69 12.12 -3.34
CA GLN B 680 35.62 13.14 -2.25
C GLN B 680 36.38 12.67 -0.99
N ARG B 681 36.88 11.43 -0.95
CA ARG B 681 37.73 10.87 0.13
C ARG B 681 39.18 10.80 -0.36
N ARG B 682 40.09 11.56 0.26
CA ARG B 682 41.51 11.73 -0.15
C ARG B 682 42.47 11.07 0.85
N ILE B 683 42.10 10.98 2.13
CA ILE B 683 42.99 10.61 3.26
C ILE B 683 42.43 9.37 3.93
N PRO B 684 43.17 8.25 4.05
CA PRO B 684 44.58 8.17 3.66
C PRO B 684 44.93 8.26 2.16
N ILE B 685 44.03 7.82 1.27
CA ILE B 685 44.19 7.85 -0.22
C ILE B 685 42.80 8.02 -0.84
N GLY B 686 42.74 8.27 -2.15
CA GLY B 686 41.49 8.32 -2.95
C GLY B 686 40.60 7.11 -2.72
N GLY B 687 39.30 7.34 -2.46
CA GLY B 687 38.23 6.32 -2.45
C GLY B 687 37.49 6.24 -3.78
N ASP B 688 38.11 6.72 -4.88
CA ASP B 688 37.54 6.74 -6.25
C ASP B 688 36.91 5.39 -6.58
N ASP B 689 35.64 5.40 -7.00
CA ASP B 689 34.90 4.23 -7.55
C ASP B 689 34.65 3.22 -6.42
N GLY B 690 34.73 3.65 -5.16
CA GLY B 690 34.54 2.79 -3.97
C GLY B 690 35.80 2.07 -3.54
N ASN B 691 36.91 2.21 -4.26
CA ASN B 691 38.14 1.42 -3.94
C ASN B 691 38.72 1.97 -2.63
N ASN B 692 39.57 1.18 -1.96
CA ASN B 692 40.35 1.59 -0.78
C ASN B 692 39.41 1.92 0.40
N LYS B 693 38.40 1.08 0.65
CA LYS B 693 37.44 1.28 1.76
C LYS B 693 37.59 0.17 2.81
N THR B 694 38.69 -0.58 2.78
CA THR B 694 38.92 -1.74 3.70
C THR B 694 40.35 -1.65 4.26
N TRP B 695 40.66 -2.44 5.30
CA TRP B 695 41.96 -2.39 6.00
C TRP B 695 42.95 -3.26 5.23
N SER B 696 42.47 -4.38 4.70
CA SER B 696 43.26 -5.35 3.89
C SER B 696 43.79 -4.63 2.64
N GLU B 697 42.98 -3.76 2.03
CA GLU B 697 43.36 -2.96 0.84
C GLU B 697 44.46 -1.96 1.23
N MET B 698 44.41 -1.44 2.45
CA MET B 698 45.36 -0.42 2.96
C MET B 698 46.69 -1.11 3.32
N LEU B 699 46.64 -2.34 3.86
CA LEU B 699 47.85 -3.11 4.27
C LEU B 699 48.76 -3.34 3.06
N VAL B 700 48.21 -3.33 1.84
CA VAL B 700 49.02 -3.44 0.59
C VAL B 700 49.85 -2.16 0.45
N HIS B 701 49.23 -1.01 0.71
CA HIS B 701 49.82 0.33 0.52
C HIS B 701 50.94 0.57 1.55
N TYR B 702 50.67 0.29 2.84
CA TYR B 702 51.62 0.54 3.95
C TYR B 702 52.80 -0.45 3.89
N LYS B 703 52.61 -1.58 3.20
CA LYS B 703 53.67 -2.59 2.94
C LYS B 703 54.63 -2.04 1.88
N ALA B 704 54.09 -1.54 0.76
CA ALA B 704 54.86 -0.85 -0.30
C ALA B 704 55.64 0.31 0.34
N GLU B 705 54.97 1.11 1.18
CA GLU B 705 55.55 2.29 1.88
C GLU B 705 56.84 1.90 2.59
N LEU B 706 56.82 0.78 3.33
CA LEU B 706 58.00 0.23 4.05
C LEU B 706 59.02 -0.30 3.03
N TYR B 707 58.57 -0.88 1.92
CA TYR B 707 59.46 -1.36 0.83
C TYR B 707 60.23 -0.16 0.27
N ASN B 708 59.51 0.90 -0.09
CA ASN B 708 60.08 2.14 -0.66
C ASN B 708 61.11 2.73 0.32
N PHE B 709 60.71 2.96 1.58
CA PHE B 709 61.54 3.56 2.65
C PHE B 709 62.88 2.82 2.79
N LYS B 710 62.82 1.50 2.89
CA LYS B 710 64.00 0.60 3.06
C LYS B 710 64.92 0.75 1.84
N GLU B 711 64.36 0.75 0.63
CA GLU B 711 65.10 0.94 -0.65
C GLU B 711 65.87 2.26 -0.57
N ASN B 712 65.16 3.34 -0.20
CA ASN B 712 65.71 4.72 -0.20
C ASN B 712 66.82 4.79 0.85
N ILE B 713 66.69 4.08 1.98
CA ILE B 713 67.76 3.93 3.01
C ILE B 713 69.02 3.30 2.39
N GLU B 714 68.89 2.22 1.62
CA GLU B 714 70.03 1.49 0.99
C GLU B 714 70.74 2.41 -0.03
N MET B 715 70.01 3.35 -0.64
CA MET B 715 70.54 4.32 -1.64
C MET B 715 71.24 5.50 -0.93
N LEU B 716 70.81 5.88 0.29
CA LEU B 716 71.46 6.96 1.08
C LEU B 716 72.82 6.47 1.61
N LYS B 717 72.91 5.21 2.05
CA LYS B 717 74.16 4.66 2.66
C LYS B 717 75.20 4.34 1.57
N ASP B 718 74.78 3.93 0.38
CA ASP B 718 75.71 3.49 -0.69
C ASP B 718 76.25 4.71 -1.43
N LYS B 719 75.37 5.65 -1.78
CA LYS B 719 75.63 6.72 -2.78
C LYS B 719 75.49 8.13 -2.18
N LYS B 720 74.83 8.30 -1.04
CA LYS B 720 74.61 9.63 -0.41
C LYS B 720 73.89 10.56 -1.39
N VAL B 721 72.89 10.02 -2.10
CA VAL B 721 71.98 10.78 -2.99
C VAL B 721 70.54 10.57 -2.52
N ARG B 722 69.76 11.64 -2.53
CA ARG B 722 68.30 11.64 -2.31
C ARG B 722 67.64 11.85 -3.68
N LYS B 723 66.31 11.70 -3.73
CA LYS B 723 65.48 12.08 -4.91
C LYS B 723 64.92 13.49 -4.65
N CYS B 724 64.95 14.35 -5.66
CA CYS B 724 64.39 15.73 -5.56
C CYS B 724 63.98 16.23 -6.95
N VAL B 725 63.12 17.24 -6.97
CA VAL B 725 62.33 17.69 -8.16
C VAL B 725 63.29 18.25 -9.20
N GLU B 726 63.10 17.84 -10.47
CA GLU B 726 63.74 18.43 -11.66
C GLU B 726 62.76 19.46 -12.24
N VAL B 727 63.07 20.75 -12.08
CA VAL B 727 62.20 21.87 -12.55
C VAL B 727 62.38 22.07 -14.05
N THR B 728 61.38 21.68 -14.84
CA THR B 728 61.35 21.75 -16.33
C THR B 728 60.05 22.38 -16.81
N PRO B 729 60.06 23.17 -17.91
CA PRO B 729 58.81 23.71 -18.47
C PRO B 729 57.81 22.62 -18.81
N LEU B 730 56.52 22.91 -18.61
CA LEU B 730 55.37 22.11 -19.11
C LEU B 730 55.15 22.42 -20.59
N LYS B 731 55.07 21.38 -21.43
CA LYS B 731 54.84 21.51 -22.90
C LYS B 731 53.35 21.75 -23.12
N GLU B 732 53.00 22.75 -23.93
CA GLU B 732 51.59 23.16 -24.09
C GLU B 732 50.89 22.15 -25.00
N ALA B 733 49.83 21.51 -24.49
CA ALA B 733 48.96 20.57 -25.23
C ALA B 733 48.32 21.30 -26.41
N ASP B 734 48.10 20.64 -27.54
CA ASP B 734 47.42 21.28 -28.71
C ASP B 734 45.91 21.15 -28.49
N VAL B 735 45.32 22.20 -27.91
CA VAL B 735 43.87 22.32 -27.55
C VAL B 735 43.20 23.24 -28.56
N LYS B 736 41.89 23.06 -28.75
CA LYS B 736 41.03 23.95 -29.58
C LYS B 736 40.04 24.66 -28.65
N ILE B 737 40.19 25.98 -28.50
CA ILE B 737 39.29 26.88 -27.71
C ILE B 737 38.03 27.17 -28.52
N LEU B 738 36.88 26.72 -28.00
CA LEU B 738 35.59 26.74 -28.75
C LEU B 738 34.86 28.08 -28.56
N ASN B 739 35.13 28.84 -27.49
CA ASN B 739 34.24 29.95 -27.03
C ASN B 739 34.95 31.31 -27.04
N ASN B 740 35.80 31.57 -28.04
CA ASN B 740 36.23 32.93 -28.47
C ASN B 740 36.89 33.69 -27.30
N LEU B 741 38.16 33.36 -26.99
CA LEU B 741 38.94 33.93 -25.86
C LEU B 741 40.25 34.56 -26.35
N THR B 742 40.60 35.75 -25.82
CA THR B 742 41.94 36.37 -25.98
C THR B 742 42.99 35.44 -25.37
N LYS B 743 44.05 35.10 -26.11
CA LYS B 743 45.20 34.32 -25.59
C LYS B 743 46.34 35.29 -25.26
N VAL B 744 47.33 34.82 -24.50
CA VAL B 744 48.58 35.57 -24.20
C VAL B 744 49.65 34.58 -23.74
N LYS B 745 50.90 34.81 -24.15
CA LYS B 745 52.06 34.05 -23.66
C LYS B 745 52.17 34.36 -22.16
N ILE B 746 52.45 33.34 -21.36
CA ILE B 746 52.69 33.46 -19.89
C ILE B 746 54.20 33.53 -19.67
N GLU B 747 54.71 34.75 -19.47
CA GLU B 747 56.14 35.11 -19.32
C GLU B 747 56.22 36.41 -18.51
N LYS B 748 57.37 36.72 -17.90
CA LYS B 748 57.61 38.01 -17.19
C LYS B 748 57.31 39.17 -18.16
N GLY B 749 56.25 39.92 -17.88
CA GLY B 749 55.84 41.13 -18.62
C GLY B 749 54.35 41.14 -18.93
N ALA B 750 53.72 39.95 -18.94
CA ALA B 750 52.40 39.69 -19.56
C ALA B 750 51.29 40.27 -18.70
N LYS B 751 50.44 41.12 -19.28
CA LYS B 751 49.20 41.67 -18.66
C LYS B 751 48.05 40.65 -18.83
N ILE B 752 47.74 39.85 -17.80
CA ILE B 752 46.70 38.78 -17.88
C ILE B 752 45.34 39.35 -17.40
N PHE B 753 45.32 40.61 -16.94
CA PHE B 753 44.08 41.37 -16.60
C PHE B 753 44.12 42.73 -17.33
N SER B 754 43.22 42.95 -18.29
CA SER B 754 43.24 44.07 -19.28
C SER B 754 42.57 45.35 -18.75
N ASN B 755 42.38 45.47 -17.42
CA ASN B 755 41.75 46.65 -16.77
C ASN B 755 42.77 47.32 -15.81
N ILE B 756 43.64 46.54 -15.17
CA ILE B 756 44.79 47.07 -14.36
C ILE B 756 46.04 47.08 -15.24
N ASP B 757 47.11 47.76 -14.77
CA ASP B 757 48.32 48.14 -15.54
C ASP B 757 49.46 47.12 -15.34
N GLY B 758 49.51 46.47 -14.18
CA GLY B 758 50.62 45.56 -13.80
C GLY B 758 50.59 44.27 -14.60
N GLY B 759 51.77 43.79 -14.99
CA GLY B 759 51.98 42.46 -15.58
C GLY B 759 52.53 41.47 -14.57
N ILE B 760 52.71 40.22 -14.97
CA ILE B 760 53.43 39.15 -14.19
C ILE B 760 54.87 39.62 -13.96
N ASP B 761 55.34 39.54 -12.70
CA ASP B 761 56.72 39.93 -12.27
C ASP B 761 57.34 38.83 -11.41
N ALA B 762 56.72 37.65 -11.35
CA ALA B 762 57.28 36.41 -10.74
C ALA B 762 56.51 35.21 -11.29
N ILE B 763 57.24 34.14 -11.64
CA ILE B 763 56.70 32.98 -12.40
C ILE B 763 57.66 31.79 -12.25
N ALA B 764 57.12 30.59 -12.04
CA ALA B 764 57.85 29.30 -12.02
C ALA B 764 58.18 28.86 -13.45
N LYS B 765 59.35 28.26 -13.67
CA LYS B 765 59.79 27.67 -14.96
C LYS B 765 58.69 26.74 -15.52
N GLU B 766 58.07 25.88 -14.70
CA GLU B 766 56.99 24.94 -15.12
C GLU B 766 56.00 25.63 -16.06
N ILE B 767 55.67 26.90 -15.79
CA ILE B 767 54.52 27.66 -16.38
C ILE B 767 54.97 28.44 -17.63
N THR B 768 56.20 28.97 -17.68
CA THR B 768 56.71 29.78 -18.82
C THR B 768 56.56 28.99 -20.14
N GLY B 769 56.18 29.68 -21.20
CA GLY B 769 55.98 29.09 -22.54
C GLY B 769 54.52 28.87 -22.85
N LEU B 770 53.78 28.25 -21.92
CA LEU B 770 52.31 28.01 -22.01
C LEU B 770 51.60 29.24 -22.58
N THR B 771 50.46 29.00 -23.23
CA THR B 771 49.55 30.06 -23.73
C THR B 771 48.32 30.08 -22.85
N GLY B 772 48.15 31.15 -22.08
CA GLY B 772 47.00 31.36 -21.18
C GLY B 772 46.03 32.35 -21.79
N PHE B 773 45.25 33.04 -20.95
CA PHE B 773 44.13 33.91 -21.38
C PHE B 773 44.23 35.26 -20.65
N VAL B 774 43.78 36.29 -21.35
CA VAL B 774 43.55 37.67 -20.84
C VAL B 774 42.06 37.76 -20.48
N PHE B 775 41.76 38.29 -19.29
CA PHE B 775 40.38 38.62 -18.85
C PHE B 775 40.36 40.00 -18.18
N ASN B 776 39.17 40.61 -18.19
CA ASN B 776 38.80 41.81 -17.38
C ASN B 776 38.46 41.28 -15.98
N GLY B 777 39.25 41.68 -14.98
CA GLY B 777 39.02 41.32 -13.57
C GLY B 777 37.62 41.71 -13.12
N GLU B 778 37.16 42.90 -13.49
CA GLU B 778 35.82 43.40 -13.08
C GLU B 778 34.77 42.46 -13.69
N LYS B 779 34.82 42.20 -15.00
CA LYS B 779 33.82 41.32 -15.69
C LYS B 779 33.79 39.96 -14.99
N GLN B 780 34.91 39.55 -14.36
CA GLN B 780 35.04 38.26 -13.65
C GLN B 780 34.22 38.28 -12.34
N ARG B 781 34.30 39.33 -11.51
CA ARG B 781 33.52 39.39 -10.24
C ARG B 781 32.02 39.31 -10.60
N ASP B 782 31.64 39.79 -11.80
CA ASP B 782 30.22 39.99 -12.22
C ASP B 782 29.67 38.72 -12.85
N ASP B 783 30.32 38.18 -13.88
CA ASP B 783 29.77 37.08 -14.73
C ASP B 783 30.65 35.81 -14.67
N ALA B 784 31.58 35.71 -13.71
CA ALA B 784 32.48 34.54 -13.53
C ALA B 784 33.42 34.36 -14.76
N THR B 785 33.80 33.12 -15.10
CA THR B 785 34.77 32.79 -16.18
C THR B 785 34.45 31.42 -16.78
N THR B 786 34.15 31.39 -18.08
CA THR B 786 33.63 30.19 -18.78
C THR B 786 34.67 29.69 -19.79
N ILE B 787 35.17 28.47 -19.61
CA ILE B 787 36.10 27.83 -20.59
C ILE B 787 35.34 26.71 -21.32
N GLU B 788 35.23 26.86 -22.64
CA GLU B 788 34.74 25.82 -23.59
C GLU B 788 35.87 25.55 -24.59
N PHE B 789 36.07 24.28 -24.91
CA PHE B 789 37.24 23.75 -25.67
C PHE B 789 37.03 22.25 -25.90
N GLU B 790 37.74 21.67 -26.87
CA GLU B 790 37.83 20.19 -27.10
C GLU B 790 39.32 19.83 -27.15
N CYS B 791 39.64 18.57 -26.80
CA CYS B 791 41.02 18.03 -26.84
C CYS B 791 41.02 16.57 -27.32
N SER B 792 42.11 16.20 -27.99
CA SER B 792 42.32 14.95 -28.76
C SER B 792 42.81 13.82 -27.83
N SER B 793 43.04 14.13 -26.56
CA SER B 793 43.61 13.24 -25.51
C SER B 793 43.68 13.99 -24.17
N PRO B 794 43.98 13.32 -23.03
CA PRO B 794 43.81 13.96 -21.72
C PRO B 794 44.78 15.12 -21.53
N VAL B 795 44.28 16.23 -20.97
CA VAL B 795 45.02 17.51 -20.74
C VAL B 795 44.81 17.90 -19.28
N THR B 796 45.36 19.05 -18.91
CA THR B 796 45.33 19.62 -17.55
C THR B 796 45.32 21.14 -17.70
N MET B 797 44.17 21.79 -17.53
CA MET B 797 44.08 23.26 -17.50
C MET B 797 44.64 23.71 -16.14
N LEU B 798 45.48 24.75 -16.14
CA LEU B 798 46.19 25.28 -14.93
C LEU B 798 45.57 26.63 -14.60
N VAL B 799 45.10 26.79 -13.36
CA VAL B 799 44.34 27.98 -12.92
C VAL B 799 45.01 28.55 -11.68
N ALA B 800 45.29 29.85 -11.71
CA ALA B 800 45.88 30.62 -10.60
C ALA B 800 44.75 31.18 -9.73
N TYR B 801 44.73 30.81 -8.45
CA TYR B 801 43.93 31.44 -7.37
C TYR B 801 44.89 32.18 -6.42
N PHE B 802 44.66 33.49 -6.21
CA PHE B 802 45.50 34.37 -5.35
C PHE B 802 45.07 34.25 -3.88
N LYS B 803 46.05 34.40 -2.99
CA LYS B 803 45.92 34.20 -1.53
C LYS B 803 45.76 35.59 -0.88
N ASP B 804 44.50 36.02 -0.70
CA ASP B 804 44.12 37.40 -0.28
C ASP B 804 42.61 37.37 0.04
N ASP B 805 42.25 37.58 1.32
CA ASP B 805 40.87 37.43 1.89
C ASP B 805 39.86 38.27 1.08
N HIS B 806 40.30 39.28 0.32
CA HIS B 806 39.40 40.24 -0.38
C HIS B 806 38.58 39.50 -1.45
N ARG B 807 37.26 39.70 -1.44
CA ARG B 807 36.22 38.88 -2.12
C ARG B 807 36.28 39.02 -3.65
N LYS B 808 36.88 40.12 -4.14
CA LYS B 808 37.08 40.43 -5.59
C LYS B 808 37.93 39.35 -6.26
N PHE B 809 38.74 38.64 -5.47
CA PHE B 809 39.47 37.40 -5.89
C PHE B 809 38.55 36.19 -5.77
N ALA B 810 38.54 35.36 -6.80
CA ALA B 810 37.89 34.02 -6.83
C ALA B 810 38.51 33.12 -5.78
N LYS B 811 37.67 32.33 -5.11
CA LYS B 811 38.06 31.47 -3.97
C LYS B 811 38.35 30.07 -4.51
N ALA B 812 39.62 29.68 -4.47
CA ALA B 812 40.14 28.30 -4.67
C ALA B 812 39.13 27.30 -4.12
N PRO B 813 38.90 26.16 -4.82
CA PRO B 813 37.93 25.17 -4.36
C PRO B 813 38.44 24.48 -3.08
N ARG B 814 37.56 23.75 -2.40
CA ARG B 814 37.72 23.28 -1.00
C ARG B 814 36.64 22.22 -0.77
N LEU B 815 37.03 20.95 -0.59
CA LEU B 815 36.11 19.77 -0.55
C LEU B 815 35.17 19.83 0.68
N GLU B 816 35.64 20.36 1.81
CA GLU B 816 34.85 20.46 3.07
C GLU B 816 33.58 21.29 2.82
N SER B 817 33.61 22.26 1.89
CA SER B 817 32.49 23.20 1.66
C SER B 817 32.02 23.14 0.19
N ASP B 818 32.29 22.04 -0.52
CA ASP B 818 31.89 21.88 -1.95
C ASP B 818 32.28 20.48 -2.44
N ALA B 819 31.34 19.55 -2.41
CA ALA B 819 31.60 18.12 -2.72
C ALA B 819 32.03 17.94 -4.18
N SER B 820 31.72 18.88 -5.09
CA SER B 820 32.14 18.78 -6.52
C SER B 820 33.54 19.38 -6.72
N ALA B 821 34.21 19.81 -5.66
CA ALA B 821 35.49 20.55 -5.74
C ALA B 821 36.64 19.66 -6.22
N ASN B 822 36.48 18.33 -6.36
CA ASN B 822 37.53 17.43 -6.92
C ASN B 822 37.01 16.63 -8.12
N ASP B 823 36.09 17.23 -8.90
CA ASP B 823 35.49 16.58 -10.08
C ASP B 823 36.50 16.59 -11.23
N TYR B 824 37.24 17.69 -11.36
CA TYR B 824 38.26 17.89 -12.42
C TYR B 824 39.63 17.54 -11.81
N GLY B 825 39.66 17.05 -10.57
CA GLY B 825 40.88 16.73 -9.81
C GLY B 825 41.51 17.96 -9.19
N GLN B 826 40.73 19.03 -8.98
CA GLN B 826 41.23 20.41 -8.70
C GLN B 826 41.29 20.70 -7.19
N ALA B 827 41.08 19.72 -6.31
CA ALA B 827 40.95 19.91 -4.84
C ALA B 827 42.26 20.40 -4.23
N GLU B 828 43.41 19.80 -4.59
CA GLU B 828 44.75 20.13 -4.01
C GLU B 828 45.57 20.97 -4.99
N PRO B 829 46.31 21.98 -4.48
CA PRO B 829 47.23 22.77 -5.31
C PRO B 829 48.41 21.94 -5.82
N VAL B 830 48.97 22.28 -6.98
CA VAL B 830 50.14 21.57 -7.59
C VAL B 830 51.37 22.49 -7.55
N LEU B 831 51.23 23.77 -7.83
CA LEU B 831 52.35 24.73 -7.74
C LEU B 831 51.96 25.88 -6.81
N THR B 832 52.41 25.85 -5.56
CA THR B 832 52.16 26.94 -4.57
C THR B 832 53.16 28.07 -4.83
N ASN B 833 52.79 29.31 -4.47
CA ASN B 833 53.62 30.55 -4.55
C ASN B 833 54.26 30.67 -5.95
N ALA B 834 53.57 30.21 -6.99
CA ALA B 834 54.15 29.95 -8.32
C ALA B 834 53.99 31.15 -9.27
N LEU B 835 53.25 32.19 -8.85
CA LEU B 835 52.83 33.31 -9.73
C LEU B 835 52.43 34.55 -8.91
N HIS B 836 53.12 35.68 -9.12
CA HIS B 836 52.77 37.03 -8.59
C HIS B 836 52.53 38.00 -9.77
N VAL B 837 51.50 38.86 -9.65
CA VAL B 837 51.15 39.94 -10.62
C VAL B 837 51.25 41.30 -9.90
N LYS B 838 51.97 42.25 -10.49
CA LYS B 838 52.20 43.63 -9.98
C LYS B 838 50.88 44.35 -9.74
N GLY B 839 50.74 44.97 -8.56
CA GLY B 839 49.50 45.69 -8.15
C GLY B 839 48.36 44.75 -7.77
N VAL B 840 48.60 43.43 -7.73
CA VAL B 840 47.59 42.40 -7.37
C VAL B 840 48.13 41.59 -6.19
N ALA B 841 48.55 40.34 -6.37
CA ALA B 841 48.88 39.46 -5.23
C ALA B 841 49.74 38.29 -5.72
N LEU B 842 50.04 37.36 -4.80
CA LEU B 842 50.74 36.06 -5.03
C LEU B 842 49.66 34.96 -5.11
N ALA B 843 49.95 33.85 -5.81
CA ALA B 843 48.97 32.84 -6.24
C ALA B 843 49.52 31.40 -6.22
N ASP B 844 48.66 30.46 -5.83
CA ASP B 844 48.81 28.99 -6.04
C ASP B 844 48.17 28.63 -7.39
N ILE B 845 48.67 27.55 -8.05
CA ILE B 845 48.11 26.94 -9.29
C ILE B 845 47.37 25.64 -8.94
N TYR B 846 46.09 25.55 -9.31
CA TYR B 846 45.29 24.31 -9.18
C TYR B 846 45.18 23.68 -10.55
N PRO B 847 45.28 22.33 -10.63
CA PRO B 847 45.04 21.60 -11.88
C PRO B 847 43.55 21.27 -12.08
N TYR B 848 43.09 21.34 -13.33
CA TYR B 848 41.77 20.84 -13.81
C TYR B 848 42.02 19.80 -14.92
N LYS B 849 41.70 18.54 -14.63
CA LYS B 849 42.10 17.34 -15.40
C LYS B 849 40.88 16.80 -16.17
N PHE B 850 41.02 16.71 -17.50
CA PHE B 850 39.98 16.33 -18.50
C PHE B 850 40.46 15.15 -19.35
N LYS B 851 39.56 14.19 -19.62
CA LYS B 851 39.78 13.09 -20.61
C LYS B 851 39.67 13.70 -22.00
N ALA B 852 39.89 12.89 -23.04
CA ALA B 852 39.60 13.26 -24.44
C ALA B 852 38.11 13.59 -24.51
N GLY B 853 37.75 14.67 -25.23
CA GLY B 853 36.35 15.07 -25.49
C GLY B 853 36.20 16.59 -25.59
N ARG B 854 34.98 17.07 -25.81
CA ARG B 854 34.60 18.51 -25.73
C ARG B 854 34.08 18.79 -24.33
N HIS B 855 34.38 19.95 -23.78
CA HIS B 855 34.30 20.23 -22.32
C HIS B 855 33.83 21.67 -22.10
N THR B 856 33.03 21.93 -21.06
CA THR B 856 32.65 23.29 -20.63
C THR B 856 32.55 23.36 -19.10
N LEU B 857 33.02 24.46 -18.53
CA LEU B 857 33.37 24.59 -17.08
C LEU B 857 33.30 26.06 -16.70
N ILE B 858 32.76 26.35 -15.51
CA ILE B 858 32.63 27.73 -14.95
C ILE B 858 33.44 27.78 -13.64
N LEU B 859 34.45 28.64 -13.58
CA LEU B 859 35.29 28.85 -12.38
C LEU B 859 34.66 29.94 -11.51
N PRO B 860 35.04 30.07 -10.22
CA PRO B 860 34.40 31.04 -9.32
C PRO B 860 34.41 32.48 -9.85
N LYS B 861 33.39 33.25 -9.46
CA LYS B 861 33.37 34.72 -9.63
C LYS B 861 34.63 35.26 -8.95
N GLY B 862 35.51 35.91 -9.71
CA GLY B 862 36.60 36.71 -9.12
C GLY B 862 37.82 36.77 -10.01
N TYR B 863 38.72 37.72 -9.72
CA TYR B 863 40.08 37.81 -10.32
C TYR B 863 40.70 36.43 -10.18
N CYS B 864 41.10 35.84 -11.31
CA CYS B 864 41.85 34.55 -11.38
C CYS B 864 42.40 34.36 -12.80
N GLY B 865 43.72 34.20 -12.93
CA GLY B 865 44.38 33.91 -14.22
C GLY B 865 44.12 32.48 -14.65
N VAL B 866 44.18 32.22 -15.95
CA VAL B 866 44.13 30.85 -16.55
C VAL B 866 45.35 30.69 -17.47
N LEU B 867 46.27 29.79 -17.07
CA LEU B 867 47.70 29.78 -17.52
C LEU B 867 47.93 28.92 -18.77
N GLY B 868 46.97 28.06 -19.15
CA GLY B 868 47.08 27.25 -20.36
C GLY B 868 46.85 25.79 -20.05
N PHE B 869 47.19 24.90 -20.99
CA PHE B 869 46.92 23.44 -20.93
C PHE B 869 48.21 22.65 -21.13
N THR B 870 48.25 21.38 -20.69
CA THR B 870 49.39 20.48 -20.91
C THR B 870 48.98 19.01 -20.74
N GLU B 871 49.61 18.12 -21.52
CA GLU B 871 49.47 16.64 -21.43
C GLU B 871 50.56 16.09 -20.52
N ASP B 872 51.54 16.94 -20.19
CA ASP B 872 52.76 16.59 -19.43
C ASP B 872 52.39 16.24 -17.99
N LYS B 873 53.11 15.25 -17.44
CA LYS B 873 52.97 14.77 -16.04
C LYS B 873 53.40 15.91 -15.10
N ILE B 874 52.46 16.43 -14.29
CA ILE B 874 52.65 17.70 -13.50
C ILE B 874 53.15 17.31 -12.12
N LYS B 875 54.16 18.03 -11.61
CA LYS B 875 54.96 17.63 -10.42
C LYS B 875 54.85 18.72 -9.34
N GLU B 876 54.41 18.32 -8.13
CA GLU B 876 54.16 19.18 -6.94
C GLU B 876 55.46 19.90 -6.56
N ARG B 877 55.41 21.19 -6.23
CA ARG B 877 56.58 21.90 -5.69
C ARG B 877 56.18 23.29 -5.19
N ASP B 878 56.63 23.62 -3.97
CA ASP B 878 56.50 24.98 -3.39
C ASP B 878 57.71 25.76 -3.87
N VAL B 879 57.50 27.01 -4.28
CA VAL B 879 58.54 27.83 -4.94
C VAL B 879 58.99 28.95 -3.98
N ALA B 880 60.21 29.45 -4.21
CA ALA B 880 60.98 30.40 -3.36
C ALA B 880 61.99 29.61 -2.50
N LEU B 881 62.18 28.30 -2.77
CA LEU B 881 62.99 27.38 -1.92
C LEU B 881 63.59 26.24 -2.75
N ALA B 887 62.26 18.70 1.65
CA ALA B 887 61.39 18.12 2.71
C ALA B 887 61.46 16.60 2.62
N PRO B 888 61.14 15.87 3.72
CA PRO B 888 61.67 14.52 3.92
C PRO B 888 60.79 13.37 3.44
N ASP B 889 59.62 13.65 2.85
CA ASP B 889 58.65 12.57 2.51
C ASP B 889 59.09 11.85 1.23
N TRP B 890 60.14 12.29 0.52
CA TRP B 890 60.63 11.61 -0.72
C TRP B 890 60.98 10.17 -0.40
N LEU B 891 61.38 9.92 0.84
CA LEU B 891 61.80 8.61 1.40
C LEU B 891 60.74 7.52 1.21
N PHE B 892 59.46 7.87 1.15
CA PHE B 892 58.32 6.91 1.11
C PHE B 892 57.83 6.68 -0.33
N TYR B 893 58.65 7.04 -1.34
CA TYR B 893 58.27 7.11 -2.78
C TYR B 893 59.28 6.31 -3.63
#